data_9J34
#
_entry.id   9J34
#
_cell.length_a   1.00
_cell.length_b   1.00
_cell.length_c   1.00
_cell.angle_alpha   90.00
_cell.angle_beta   90.00
_cell.angle_gamma   90.00
#
_symmetry.space_group_name_H-M   'P 1'
#
loop_
_entity.id
_entity.type
_entity.pdbx_description
1 polymer 'Cyclic nucleotide-gated ion channel 1'
2 non-polymer 'CALCIUM ION'
3 water water
#
_entity_poly.entity_id   1
_entity_poly.type   'polypeptide(L)'
_entity_poly.pdbx_seq_one_letter_code
;MNFRQEKFVRFQDWKSDKTSSDVEYSGKNEIQTGIFQRTISSISDKFYRSFESSSARIKLFKRSYKSYSFKEAVSKGIGS
THKILDPQGPFLQRWNKIFVLACIIAVSLDPLFFYVPIIDDAKKCLGIDKKMEITASVLRSFTDVFYVLHIIFQFRTGFI
APSSRVFGRGVLVEDKREIAKRYLSSHFIIDILAVLPLPQMVILIIIPHMRGSSSLNTKNMLKFIVFFQYIPRFIRIYPL
YKEVTRTSGILTETAWAGAAFNLFLYMLASHVFGAFWYLFSIERETVCWKQACERNNPPCISKLLYCDPETAGGNAFLNE
SCPIQTPNTTLFDFGIFLDALQSGVVESQDFPQKFFYCFWWGLQNLSSLGQNLKTSTYIWEICFAVFISIAGLVLFSFLI
GNMQTYLQSTTTRLEEMRVKRRDAEQWMSHRLLPENLRKRIRRYEQYKWQETRGVDEENLLSNLPKDLRRDIKRHLCLAL
LMRVPMFEKMDEQLLDALCDRLQPVLYTEESYIVREGDPVDEMLFIMRGKLLTITTNGGRTGFLNSEYLGAGDFCGEELL
TWALDPHSSSNLPISTRTVRALMEVEAFALKADDLKFVASQFRRLHSKQLRHTFRYYSQQWKTWAACFIQAAWRRYIKKK
LEESLKEEENRLQDALAKEACGSSPSLGATIYASRFAANILRTIRRSGSVRKPRMPERMPPMLLQKPAEPDFNSDD
;
_entity_poly.pdbx_strand_id   D,A,B,C
#
loop_
_chem_comp.id
_chem_comp.type
_chem_comp.name
_chem_comp.formula
CA non-polymer 'CALCIUM ION' 'Ca 2'
#
# COMPACT_ATOMS: atom_id res chain seq x y z
N ILE A 84 40.54 -18.45 -14.62
CA ILE A 84 40.01 -17.10 -14.74
C ILE A 84 38.51 -17.19 -15.03
N LEU A 85 37.72 -16.43 -14.29
CA LEU A 85 36.26 -16.51 -14.38
C LEU A 85 35.64 -15.17 -14.73
N ASP A 86 34.34 -15.19 -15.05
CA ASP A 86 33.55 -14.01 -15.35
C ASP A 86 32.39 -13.88 -14.34
N PRO A 87 31.84 -12.67 -14.10
CA PRO A 87 30.86 -12.49 -12.99
C PRO A 87 29.54 -13.21 -13.15
N GLN A 88 29.16 -13.62 -14.36
CA GLN A 88 28.00 -14.47 -14.56
C GLN A 88 28.35 -15.94 -14.70
N GLY A 89 29.62 -16.30 -14.47
CA GLY A 89 30.01 -17.68 -14.51
C GLY A 89 29.46 -18.42 -13.32
N PRO A 90 29.31 -19.76 -13.44
CA PRO A 90 28.53 -20.49 -12.43
C PRO A 90 29.25 -20.66 -11.11
N PHE A 91 30.57 -20.51 -11.09
CA PHE A 91 31.31 -20.63 -9.83
C PHE A 91 31.12 -19.37 -8.97
N LEU A 92 31.38 -18.18 -9.54
CA LEU A 92 31.24 -16.92 -8.83
C LEU A 92 29.80 -16.61 -8.43
N GLN A 93 28.84 -16.88 -9.31
CA GLN A 93 27.44 -16.48 -9.11
C GLN A 93 26.76 -17.29 -8.01
N ARG A 94 27.33 -18.44 -7.66
CA ARG A 94 26.91 -19.21 -6.49
C ARG A 94 27.82 -18.98 -5.28
N TRP A 95 29.05 -18.49 -5.52
CA TRP A 95 29.96 -18.24 -4.41
C TRP A 95 29.87 -16.80 -3.90
N ASN A 96 29.49 -15.83 -4.74
CA ASN A 96 29.31 -14.44 -4.31
C ASN A 96 27.92 -14.16 -3.76
N LYS A 97 27.15 -15.20 -3.47
CA LYS A 97 25.97 -15.07 -2.63
C LYS A 97 26.27 -15.49 -1.20
N ILE A 98 27.33 -16.28 -1.00
CA ILE A 98 27.83 -16.57 0.32
C ILE A 98 28.64 -15.38 0.86
N PHE A 99 29.20 -14.56 -0.03
CA PHE A 99 29.95 -13.38 0.39
C PHE A 99 29.04 -12.28 0.91
N VAL A 100 27.85 -12.12 0.33
CA VAL A 100 26.93 -11.15 0.87
C VAL A 100 26.28 -11.66 2.14
N LEU A 101 26.25 -12.98 2.35
CA LEU A 101 25.79 -13.56 3.60
C LEU A 101 26.80 -13.37 4.72
N ALA A 102 28.09 -13.58 4.43
CA ALA A 102 29.13 -13.40 5.41
C ALA A 102 29.42 -11.93 5.72
N CYS A 103 28.84 -11.00 4.97
CA CYS A 103 28.92 -9.58 5.29
C CYS A 103 27.74 -9.11 6.14
N ILE A 104 26.76 -9.97 6.37
CA ILE A 104 25.70 -9.67 7.33
C ILE A 104 26.07 -10.35 8.65
N ILE A 105 26.72 -11.51 8.55
CA ILE A 105 27.30 -12.16 9.72
C ILE A 105 28.39 -11.29 10.31
N ALA A 106 29.14 -10.57 9.48
CA ALA A 106 30.23 -9.72 9.96
C ALA A 106 29.71 -8.52 10.74
N VAL A 107 28.63 -7.88 10.26
CA VAL A 107 28.08 -6.74 11.00
C VAL A 107 27.18 -7.18 12.14
N SER A 108 26.84 -8.46 12.22
CA SER A 108 26.12 -9.02 13.36
C SER A 108 27.04 -9.47 14.47
N LEU A 109 28.35 -9.23 14.34
CA LEU A 109 29.31 -9.61 15.37
C LEU A 109 30.22 -8.47 15.79
N ASP A 110 30.21 -7.35 15.09
CA ASP A 110 30.92 -6.14 15.51
C ASP A 110 30.42 -5.53 16.82
N PRO A 111 29.12 -5.51 17.15
CA PRO A 111 28.74 -5.04 18.49
C PRO A 111 29.08 -5.98 19.64
N LEU A 112 29.61 -7.17 19.37
CA LEU A 112 30.04 -8.04 20.45
C LEU A 112 31.25 -7.52 21.20
N PHE A 113 32.04 -6.64 20.58
CA PHE A 113 33.13 -5.99 21.30
C PHE A 113 32.65 -4.93 22.27
N PHE A 114 31.40 -4.48 22.12
CA PHE A 114 30.84 -3.54 23.09
C PHE A 114 30.44 -4.21 24.38
N TYR A 115 30.25 -5.52 24.37
CA TYR A 115 29.96 -6.28 25.58
C TYR A 115 31.21 -6.66 26.36
N VAL A 116 32.39 -6.27 25.89
CA VAL A 116 33.66 -6.59 26.52
C VAL A 116 33.92 -5.76 27.79
N PRO A 117 33.71 -4.42 27.85
CA PRO A 117 33.90 -3.74 29.14
C PRO A 117 32.86 -4.14 30.17
N ILE A 118 33.29 -4.14 31.42
CA ILE A 118 32.49 -4.65 32.51
C ILE A 118 32.66 -3.69 33.68
N ILE A 119 31.67 -3.68 34.56
CA ILE A 119 31.74 -2.88 35.77
C ILE A 119 31.60 -3.82 36.95
N ASP A 120 32.60 -3.82 37.83
CA ASP A 120 32.48 -4.50 39.11
C ASP A 120 32.01 -3.51 40.16
N ASP A 121 30.74 -3.63 40.55
CA ASP A 121 30.00 -2.65 41.33
C ASP A 121 30.39 -2.68 42.81
N ALA A 122 30.97 -3.78 43.29
CA ALA A 122 31.46 -3.82 44.67
C ALA A 122 32.67 -2.90 44.84
N LYS A 123 33.68 -3.07 43.99
CA LYS A 123 34.88 -2.27 44.06
C LYS A 123 34.78 -0.95 43.30
N LYS A 124 33.67 -0.73 42.57
CA LYS A 124 33.40 0.48 41.77
C LYS A 124 34.50 0.73 40.74
N CYS A 125 34.79 -0.31 39.96
CA CYS A 125 35.86 -0.28 38.98
C CYS A 125 35.34 -0.74 37.62
N LEU A 126 35.91 -0.15 36.57
CA LEU A 126 35.65 -0.60 35.21
C LEU A 126 36.61 -1.74 34.88
N GLY A 127 36.08 -2.83 34.35
CA GLY A 127 36.90 -3.99 34.06
C GLY A 127 36.75 -4.52 32.66
N ILE A 128 37.32 -5.69 32.40
CA ILE A 128 37.28 -6.33 31.09
C ILE A 128 36.69 -7.73 31.27
N ASP A 129 35.72 -8.07 30.44
CA ASP A 129 35.23 -9.44 30.33
C ASP A 129 36.19 -10.19 29.40
N LYS A 130 37.04 -11.03 29.98
CA LYS A 130 38.12 -11.65 29.20
C LYS A 130 37.61 -12.74 28.26
N LYS A 131 36.59 -13.50 28.68
CA LYS A 131 36.08 -14.55 27.81
C LYS A 131 35.14 -14.01 26.74
N MET A 132 34.51 -12.85 26.98
CA MET A 132 33.83 -12.15 25.90
C MET A 132 34.83 -11.57 24.91
N GLU A 133 36.01 -11.21 25.40
CA GLU A 133 37.05 -10.63 24.57
C GLU A 133 37.63 -11.66 23.61
N ILE A 134 37.64 -12.93 24.00
CA ILE A 134 38.10 -14.01 23.12
C ILE A 134 36.98 -14.42 22.17
N THR A 135 35.74 -14.47 22.65
CA THR A 135 34.60 -14.88 21.83
C THR A 135 34.35 -13.90 20.69
N ALA A 136 34.49 -12.60 20.94
CA ALA A 136 34.28 -11.63 19.88
C ALA A 136 35.47 -11.61 18.92
N SER A 137 36.66 -11.98 19.38
CA SER A 137 37.84 -11.95 18.52
C SER A 137 37.88 -13.11 17.55
N VAL A 138 37.43 -14.30 17.96
CA VAL A 138 37.45 -15.44 17.06
C VAL A 138 36.20 -15.52 16.19
N LEU A 139 35.09 -14.89 16.61
CA LEU A 139 33.93 -14.80 15.72
C LEU A 139 34.16 -13.75 14.64
N ARG A 140 34.95 -12.72 14.93
CA ARG A 140 35.30 -11.75 13.90
C ARG A 140 36.37 -12.28 12.97
N SER A 141 37.30 -13.08 13.50
CA SER A 141 38.36 -13.63 12.65
C SER A 141 37.79 -14.64 11.65
N PHE A 142 36.90 -15.52 12.10
CA PHE A 142 36.35 -16.58 11.27
C PHE A 142 35.36 -16.07 10.24
N THR A 143 34.93 -14.81 10.33
CA THR A 143 34.25 -14.16 9.23
C THR A 143 35.14 -13.17 8.49
N ASP A 144 36.35 -12.90 8.98
CA ASP A 144 37.30 -12.10 8.23
C ASP A 144 38.39 -12.93 7.55
N VAL A 145 38.58 -14.20 7.92
CA VAL A 145 39.11 -15.08 6.88
C VAL A 145 37.91 -15.78 6.25
N PHE A 146 37.08 -14.98 5.62
CA PHE A 146 36.11 -15.43 4.62
C PHE A 146 35.90 -14.33 3.58
N TYR A 147 36.59 -13.20 3.73
CA TYR A 147 36.49 -12.08 2.81
C TYR A 147 37.83 -11.74 2.16
N VAL A 148 38.93 -12.29 2.67
CA VAL A 148 40.17 -12.32 1.89
C VAL A 148 40.03 -13.26 0.69
N LEU A 149 39.14 -14.25 0.81
CA LEU A 149 38.68 -15.09 -0.29
C LEU A 149 37.89 -14.31 -1.32
N HIS A 150 37.25 -13.21 -0.94
CA HIS A 150 36.64 -12.31 -1.92
C HIS A 150 37.71 -11.45 -2.60
N ILE A 151 38.78 -11.13 -1.88
CA ILE A 151 39.84 -10.31 -2.44
C ILE A 151 40.62 -11.08 -3.50
N ILE A 152 40.88 -12.36 -3.25
CA ILE A 152 41.58 -13.17 -4.24
C ILE A 152 40.65 -13.64 -5.35
N PHE A 153 39.33 -13.55 -5.17
CA PHE A 153 38.38 -13.87 -6.23
C PHE A 153 37.96 -12.63 -7.01
N GLN A 154 38.62 -11.50 -6.76
CA GLN A 154 38.48 -10.34 -7.61
C GLN A 154 39.77 -10.06 -8.37
N PHE A 155 40.84 -10.79 -8.09
CA PHE A 155 42.04 -10.77 -8.91
C PHE A 155 41.92 -11.67 -10.13
N ARG A 156 40.97 -12.59 -10.13
CA ARG A 156 40.70 -13.46 -11.27
C ARG A 156 39.22 -13.41 -11.64
N THR A 157 38.67 -12.21 -11.72
CA THR A 157 37.33 -11.98 -12.22
C THR A 157 37.40 -11.43 -13.65
N GLY A 158 36.24 -11.18 -14.23
CA GLY A 158 36.15 -10.86 -15.65
C GLY A 158 35.65 -9.46 -15.95
N PHE A 159 36.54 -8.63 -16.48
CA PHE A 159 36.15 -7.41 -17.16
C PHE A 159 35.73 -7.74 -18.59
N ILE A 160 34.89 -6.89 -19.18
CA ILE A 160 34.44 -7.16 -20.53
C ILE A 160 34.94 -6.14 -21.55
N ALA A 161 34.53 -4.87 -21.43
CA ALA A 161 34.81 -3.83 -22.42
C ALA A 161 34.37 -2.50 -21.83
N PRO A 162 34.50 -1.45 -22.64
CA PRO A 162 34.02 -0.12 -22.26
C PRO A 162 32.50 -0.05 -22.34
N GLY A 170 30.82 -7.94 -25.39
CA GLY A 170 30.48 -9.24 -25.92
C GLY A 170 31.60 -10.24 -25.65
N VAL A 171 32.80 -9.72 -25.41
CA VAL A 171 33.98 -10.53 -25.16
C VAL A 171 34.57 -10.14 -23.81
N LEU A 172 34.76 -11.12 -22.93
CA LEU A 172 35.33 -10.88 -21.62
C LEU A 172 36.86 -10.77 -21.70
N VAL A 173 37.46 -10.19 -20.67
CA VAL A 173 38.92 -10.13 -20.54
C VAL A 173 39.40 -11.21 -19.57
N GLU A 174 40.19 -12.17 -20.07
CA GLU A 174 40.70 -13.24 -19.21
C GLU A 174 42.14 -12.97 -18.75
N ASP A 175 42.62 -11.74 -18.88
CA ASP A 175 44.02 -11.44 -18.69
C ASP A 175 44.24 -10.64 -17.41
N LYS A 176 45.24 -11.07 -16.64
CA LYS A 176 45.61 -10.38 -15.41
C LYS A 176 46.37 -9.08 -15.72
N ARG A 177 46.71 -8.36 -14.64
CA ARG A 177 47.35 -7.02 -14.63
C ARG A 177 46.45 -5.91 -15.21
N GLU A 178 45.24 -6.24 -15.65
CA GLU A 178 44.20 -5.25 -15.86
C GLU A 178 42.94 -5.63 -15.09
N ILE A 179 42.79 -6.93 -14.77
CA ILE A 179 41.87 -7.30 -13.71
C ILE A 179 42.39 -6.79 -12.39
N ALA A 180 43.68 -7.01 -12.13
CA ALA A 180 44.34 -6.43 -10.97
C ALA A 180 44.98 -5.08 -11.30
N LYS A 181 44.22 -4.20 -11.95
CA LYS A 181 44.45 -2.76 -11.84
C LYS A 181 43.18 -1.94 -11.72
N ARG A 182 42.02 -2.45 -12.17
CA ARG A 182 40.78 -1.69 -11.96
C ARG A 182 40.23 -1.96 -10.57
N TYR A 183 40.40 -3.21 -10.09
CA TYR A 183 40.07 -3.55 -8.71
C TYR A 183 40.88 -2.70 -7.73
N LEU A 184 42.16 -2.48 -8.02
CA LEU A 184 42.99 -1.59 -7.21
C LEU A 184 42.69 -0.11 -7.43
N SER A 185 41.75 0.23 -8.32
CA SER A 185 41.31 1.60 -8.49
C SER A 185 39.84 1.77 -8.14
N SER A 186 39.12 0.69 -7.86
CA SER A 186 37.69 0.75 -7.57
C SER A 186 37.35 0.31 -6.16
N HIS A 187 37.70 -0.93 -5.76
CA HIS A 187 37.25 -1.43 -4.46
C HIS A 187 38.29 -2.18 -3.65
N PHE A 188 39.58 -2.10 -3.97
CA PHE A 188 40.55 -2.97 -3.27
C PHE A 188 40.84 -2.45 -1.87
N ILE A 189 40.97 -1.14 -1.69
CA ILE A 189 41.35 -0.65 -0.37
C ILE A 189 40.16 -0.70 0.59
N ILE A 190 38.94 -0.52 0.10
CA ILE A 190 37.77 -0.63 0.96
C ILE A 190 37.54 -2.07 1.37
N ASP A 191 37.92 -3.01 0.50
CA ASP A 191 37.87 -4.42 0.86
C ASP A 191 39.00 -4.80 1.80
N ILE A 192 40.10 -4.04 1.83
CA ILE A 192 41.19 -4.38 2.75
C ILE A 192 41.12 -3.56 4.03
N LEU A 193 40.52 -2.37 4.01
CA LEU A 193 40.23 -1.66 5.25
C LEU A 193 39.10 -2.29 6.05
N ALA A 194 38.26 -3.10 5.43
CA ALA A 194 37.16 -3.76 6.11
C ALA A 194 37.53 -5.10 6.70
N VAL A 195 38.67 -5.66 6.31
CA VAL A 195 39.03 -7.03 6.66
C VAL A 195 40.22 -7.07 7.61
N LEU A 196 40.83 -5.92 7.91
CA LEU A 196 41.97 -5.86 8.81
C LEU A 196 41.55 -6.28 10.22
N PRO A 197 42.29 -7.15 10.89
CA PRO A 197 41.91 -7.60 12.24
C PRO A 197 42.27 -6.59 13.32
N LEU A 198 41.74 -5.38 13.18
CA LEU A 198 42.01 -4.24 14.06
C LEU A 198 41.53 -4.44 15.50
N PRO A 199 40.33 -4.99 15.80
CA PRO A 199 40.05 -5.25 17.22
C PRO A 199 40.84 -6.42 17.78
N GLN A 200 41.08 -7.47 16.99
CA GLN A 200 41.86 -8.60 17.51
C GLN A 200 43.32 -8.24 17.73
N MET A 201 43.87 -7.32 16.94
CA MET A 201 45.26 -6.95 17.11
C MET A 201 45.47 -5.86 18.16
N VAL A 202 44.46 -5.03 18.41
CA VAL A 202 44.61 -4.07 19.50
C VAL A 202 44.47 -4.80 20.84
N ILE A 203 43.76 -5.92 20.87
CA ILE A 203 43.61 -6.67 22.12
C ILE A 203 44.88 -7.43 22.43
N LEU A 204 45.49 -8.05 21.44
CA LEU A 204 46.65 -8.90 21.66
C LEU A 204 47.98 -8.14 21.70
N ILE A 205 48.12 -7.06 20.94
CA ILE A 205 49.40 -6.37 20.76
C ILE A 205 49.41 -4.99 21.42
N ILE A 206 48.46 -4.13 21.06
CA ILE A 206 48.61 -2.70 21.32
C ILE A 206 48.26 -2.36 22.77
N ILE A 207 47.18 -2.95 23.29
CA ILE A 207 46.76 -2.65 24.66
C ILE A 207 47.73 -3.12 25.73
N PRO A 208 48.34 -4.33 25.67
CA PRO A 208 49.38 -4.64 26.68
C PRO A 208 50.66 -3.83 26.58
N HIS A 209 50.85 -3.00 25.55
CA HIS A 209 52.01 -2.12 25.45
C HIS A 209 51.59 -0.66 25.37
N MET A 210 50.49 -0.29 26.02
CA MET A 210 50.02 1.08 26.02
C MET A 210 50.19 1.67 27.42
N ARG A 211 49.94 2.97 27.52
CA ARG A 211 50.20 3.74 28.73
C ARG A 211 48.87 4.14 29.38
N GLY A 212 48.72 3.80 30.66
CA GLY A 212 47.50 4.06 31.38
C GLY A 212 46.95 2.79 31.99
N SER A 213 45.63 2.70 32.11
CA SER A 213 44.98 1.50 32.62
C SER A 213 44.56 0.59 31.49
N SER A 214 44.72 -0.72 31.69
CA SER A 214 44.38 -1.68 30.65
C SER A 214 42.87 -1.76 30.44
N SER A 215 42.08 -1.46 31.46
CA SER A 215 40.63 -1.52 31.36
C SER A 215 40.07 -0.31 30.64
N LEU A 216 40.60 0.88 30.92
CA LEU A 216 40.16 2.07 30.22
C LEU A 216 40.65 2.09 28.78
N ASN A 217 41.85 1.56 28.52
CA ASN A 217 42.35 1.48 27.16
C ASN A 217 41.56 0.47 26.33
N THR A 218 41.12 -0.63 26.94
CA THR A 218 40.33 -1.62 26.22
C THR A 218 38.96 -1.07 25.86
N LYS A 219 38.35 -0.31 26.77
CA LYS A 219 37.04 0.28 26.50
C LYS A 219 37.14 1.37 25.43
N ASN A 220 38.24 2.14 25.45
CA ASN A 220 38.36 3.27 24.54
C ASN A 220 38.82 2.84 23.15
N MET A 221 39.72 1.86 23.07
CA MET A 221 40.18 1.40 21.77
C MET A 221 39.09 0.61 21.04
N LEU A 222 38.45 -0.33 21.73
CA LEU A 222 37.40 -1.12 21.12
C LEU A 222 36.16 -0.30 20.79
N LYS A 223 35.95 0.83 21.44
CA LYS A 223 34.84 1.69 21.05
C LYS A 223 35.12 2.38 19.73
N PHE A 224 36.35 2.88 19.56
CA PHE A 224 36.69 3.71 18.41
C PHE A 224 37.15 2.90 17.21
N ILE A 225 37.78 1.74 17.42
CA ILE A 225 38.19 0.90 16.30
C ILE A 225 36.97 0.27 15.64
N VAL A 226 35.99 -0.15 16.44
CA VAL A 226 34.71 -0.59 15.89
C VAL A 226 33.94 0.59 15.29
N PHE A 227 34.22 1.82 15.71
CA PHE A 227 33.69 2.99 14.99
C PHE A 227 34.41 3.19 13.66
N PHE A 228 35.74 3.15 13.67
CA PHE A 228 36.50 3.56 12.50
C PHE A 228 36.55 2.46 11.45
N GLN A 229 36.29 1.22 11.84
CA GLN A 229 36.14 0.15 10.86
C GLN A 229 34.68 -0.12 10.53
N TYR A 230 33.76 0.65 11.11
CA TYR A 230 32.35 0.51 10.78
C TYR A 230 32.04 1.07 9.41
N ILE A 231 32.75 2.10 8.98
CA ILE A 231 32.53 2.67 7.65
C ILE A 231 32.99 1.75 6.52
N PRO A 232 34.21 1.20 6.44
CA PRO A 232 34.52 0.35 5.27
C PRO A 232 33.84 -1.01 5.30
N ARG A 233 33.31 -1.45 6.44
CA ARG A 233 32.54 -2.68 6.46
C ARG A 233 31.11 -2.49 6.01
N PHE A 234 30.69 -1.25 5.72
CA PHE A 234 29.39 -1.00 5.10
C PHE A 234 29.47 -0.43 3.69
N ILE A 235 30.57 0.23 3.31
CA ILE A 235 30.69 0.56 1.89
C ILE A 235 31.42 -0.54 1.13
N ARG A 236 31.67 -1.67 1.77
CA ARG A 236 32.04 -2.86 1.02
C ARG A 236 30.83 -3.68 0.60
N ILE A 237 29.65 -3.39 1.16
CA ILE A 237 28.43 -4.10 0.80
C ILE A 237 27.61 -3.32 -0.22
N TYR A 238 27.88 -2.03 -0.40
CA TYR A 238 27.30 -1.23 -1.47
C TYR A 238 27.72 -1.69 -2.87
N PRO A 239 29.00 -1.94 -3.19
CA PRO A 239 29.29 -2.41 -4.55
C PRO A 239 29.00 -3.89 -4.73
N LEU A 240 29.06 -4.68 -3.67
CA LEU A 240 28.77 -6.10 -3.81
C LEU A 240 27.28 -6.34 -3.98
N TYR A 241 26.43 -5.42 -3.52
CA TYR A 241 25.01 -5.48 -3.83
C TYR A 241 24.70 -4.92 -5.22
N LYS A 242 25.47 -3.93 -5.68
CA LYS A 242 25.37 -3.50 -7.07
C LYS A 242 25.84 -4.57 -8.04
N GLU A 243 26.66 -5.51 -7.57
CA GLU A 243 27.08 -6.65 -8.38
C GLU A 243 25.99 -7.71 -8.50
N VAL A 244 25.05 -7.78 -7.54
CA VAL A 244 23.99 -8.78 -7.61
C VAL A 244 22.64 -8.16 -7.97
N THR A 245 22.58 -6.85 -8.20
CA THR A 245 21.48 -6.25 -8.93
C THR A 245 21.72 -6.28 -10.43
N ARG A 246 22.84 -6.84 -10.88
CA ARG A 246 23.17 -7.04 -12.28
C ARG A 246 23.47 -8.52 -12.45
N THR A 247 22.42 -9.33 -12.66
CA THR A 247 22.58 -10.77 -12.81
C THR A 247 21.99 -11.26 -14.12
N THR A 252 18.60 -13.66 -3.20
CA THR A 252 17.54 -14.32 -3.95
C THR A 252 16.28 -13.47 -3.95
N GLU A 253 15.25 -13.93 -4.65
CA GLU A 253 13.94 -13.29 -4.63
C GLU A 253 12.86 -14.34 -4.43
N THR A 254 11.92 -14.03 -3.55
CA THR A 254 10.59 -14.60 -3.54
C THR A 254 9.62 -13.46 -3.27
N ALA A 255 8.34 -13.78 -3.18
CA ALA A 255 7.35 -12.75 -2.86
C ALA A 255 7.50 -12.24 -1.44
N TRP A 256 7.99 -13.07 -0.52
CA TRP A 256 8.10 -12.72 0.89
C TRP A 256 9.52 -12.41 1.34
N ALA A 257 10.50 -12.44 0.42
CA ALA A 257 11.89 -12.27 0.83
C ALA A 257 12.21 -10.85 1.24
N GLY A 258 11.51 -9.86 0.68
CA GLY A 258 11.70 -8.49 1.12
C GLY A 258 11.18 -8.23 2.52
N ALA A 259 10.18 -8.98 2.95
CA ALA A 259 9.66 -8.93 4.31
C ALA A 259 10.47 -9.76 5.28
N ALA A 260 11.01 -10.90 4.85
CA ALA A 260 11.84 -11.71 5.73
C ALA A 260 13.20 -11.08 5.97
N PHE A 261 13.74 -10.40 4.96
CA PHE A 261 14.97 -9.62 5.16
C PHE A 261 14.69 -8.39 6.00
N ASN A 262 13.48 -7.85 5.90
CA ASN A 262 13.06 -6.72 6.74
C ASN A 262 12.96 -7.13 8.19
N LEU A 263 12.42 -8.33 8.45
CA LEU A 263 12.31 -8.83 9.81
C LEU A 263 13.67 -9.16 10.39
N PHE A 264 14.61 -9.58 9.54
CA PHE A 264 15.98 -9.78 9.99
C PHE A 264 16.68 -8.45 10.25
N LEU A 265 16.26 -7.39 9.55
CA LEU A 265 16.86 -6.08 9.79
C LEU A 265 16.41 -5.47 11.10
N TYR A 266 15.23 -5.85 11.61
CA TYR A 266 14.87 -5.56 12.99
C TYR A 266 15.86 -6.20 13.95
N MET A 267 16.13 -7.49 13.77
CA MET A 267 16.95 -8.24 14.71
C MET A 267 18.40 -7.77 14.70
N LEU A 268 18.90 -7.39 13.52
CA LEU A 268 20.26 -6.87 13.44
C LEU A 268 20.36 -5.49 14.06
N ALA A 269 19.39 -4.63 13.79
CA ALA A 269 19.43 -3.28 14.34
C ALA A 269 19.16 -3.27 15.84
N SER A 270 18.30 -4.17 16.32
CA SER A 270 18.05 -4.29 17.76
C SER A 270 19.28 -4.77 18.49
N HIS A 271 20.06 -5.65 17.86
CA HIS A 271 21.30 -6.11 18.47
C HIS A 271 22.37 -5.03 18.44
N VAL A 272 22.41 -4.23 17.38
CA VAL A 272 23.38 -3.14 17.28
C VAL A 272 23.03 -2.04 18.29
N PHE A 273 21.76 -1.63 18.33
CA PHE A 273 21.34 -0.55 19.21
C PHE A 273 21.41 -0.94 20.68
N GLY A 274 21.20 -2.22 21.00
CA GLY A 274 21.25 -2.64 22.38
C GLY A 274 22.64 -2.81 22.94
N ALA A 275 23.60 -3.17 22.09
CA ALA A 275 24.98 -3.21 22.53
C ALA A 275 25.60 -1.82 22.58
N PHE A 276 25.10 -0.90 21.75
CA PHE A 276 25.44 0.50 21.89
C PHE A 276 24.93 1.05 23.22
N TRP A 277 23.69 0.70 23.56
CA TRP A 277 23.10 1.10 24.83
C TRP A 277 23.83 0.49 26.01
N TYR A 278 24.33 -0.73 25.86
CA TYR A 278 25.14 -1.36 26.91
C TYR A 278 26.42 -0.58 27.14
N LEU A 279 27.12 -0.23 26.06
CA LEU A 279 28.41 0.44 26.19
C LEU A 279 28.24 1.88 26.65
N PHE A 280 27.20 2.57 26.18
CA PHE A 280 26.94 3.93 26.62
C PHE A 280 26.46 3.98 28.06
N SER A 281 25.86 2.91 28.57
CA SER A 281 25.48 2.86 29.97
C SER A 281 26.71 2.74 30.87
N ILE A 282 27.71 1.97 30.43
CA ILE A 282 28.94 1.82 31.19
C ILE A 282 29.74 3.12 31.16
N GLU A 283 29.73 3.82 30.02
CA GLU A 283 30.46 5.07 29.90
C GLU A 283 29.82 6.19 30.69
N ARG A 284 28.49 6.17 30.87
CA ARG A 284 27.86 7.20 31.68
C ARG A 284 28.10 6.99 33.16
N GLU A 285 28.27 5.73 33.59
CA GLU A 285 28.61 5.50 34.99
C GLU A 285 30.06 5.84 35.30
N THR A 286 30.96 5.64 34.34
CA THR A 286 32.35 6.03 34.56
C THR A 286 32.55 7.53 34.42
N VAL A 287 31.70 8.21 33.63
CA VAL A 287 31.71 9.67 33.60
C VAL A 287 31.25 10.22 34.93
N CYS A 288 30.26 9.56 35.56
CA CYS A 288 29.86 9.91 36.91
C CYS A 288 30.99 9.69 37.91
N TRP A 289 31.79 8.62 37.72
CA TRP A 289 32.88 8.34 38.65
C TRP A 289 34.03 9.33 38.49
N LYS A 290 34.32 9.74 37.25
CA LYS A 290 35.39 10.70 37.02
C LYS A 290 35.04 12.07 37.57
N GLN A 291 33.80 12.50 37.36
CA GLN A 291 33.36 13.82 37.81
C GLN A 291 33.26 13.87 39.34
N ALA A 292 32.90 12.75 39.96
CA ALA A 292 32.87 12.70 41.42
C ALA A 292 34.26 12.70 42.01
N CYS A 293 35.25 12.26 41.23
CA CYS A 293 36.62 12.21 41.73
C CYS A 293 37.35 13.53 41.50
N GLU A 294 36.90 14.32 40.53
CA GLU A 294 37.53 15.62 40.33
C GLU A 294 37.04 16.67 41.33
N ARG A 295 35.91 16.43 42.03
CA ARG A 295 35.55 17.23 43.20
C ARG A 295 35.52 16.28 44.39
N ASN A 296 36.69 16.06 44.98
CA ASN A 296 36.88 15.05 46.02
C ASN A 296 36.73 15.68 47.40
N ASN A 297 35.47 15.80 47.83
CA ASN A 297 35.24 16.24 49.20
C ASN A 297 35.67 14.92 49.77
N PRO A 298 34.91 13.83 49.51
CA PRO A 298 35.58 12.59 49.93
C PRO A 298 36.71 12.28 48.97
N PRO A 299 37.92 12.04 49.48
CA PRO A 299 39.08 11.91 48.59
C PRO A 299 39.07 10.63 47.78
N CYS A 300 39.41 10.75 46.50
CA CYS A 300 39.32 9.66 45.54
C CYS A 300 40.68 9.38 44.92
N ILE A 301 41.01 8.10 44.78
CA ILE A 301 42.24 7.68 44.12
C ILE A 301 41.89 7.15 42.74
N SER A 302 42.55 7.69 41.71
CA SER A 302 42.12 7.51 40.32
C SER A 302 42.55 6.19 39.69
N LYS A 303 43.46 5.42 40.31
CA LYS A 303 43.71 4.07 39.81
C LYS A 303 42.49 3.19 40.01
N LEU A 304 41.80 3.39 41.12
CA LEU A 304 40.84 2.44 41.65
C LEU A 304 39.50 2.51 40.95
N LEU A 305 39.35 3.43 40.00
CA LEU A 305 38.26 3.40 39.03
C LEU A 305 38.48 2.34 37.96
N TYR A 306 39.68 1.75 37.91
CA TYR A 306 40.08 0.80 36.90
C TYR A 306 40.60 -0.46 37.58
N CYS A 307 40.12 -1.61 37.13
CA CYS A 307 39.98 -2.79 37.97
C CYS A 307 41.03 -3.82 37.62
N ASP A 308 42.05 -3.95 38.48
CA ASP A 308 43.27 -4.72 38.71
C ASP A 308 43.02 -5.80 39.76
N PRO A 309 43.27 -7.08 39.45
CA PRO A 309 43.06 -8.13 40.47
C PRO A 309 44.10 -8.11 41.58
N GLU A 310 45.23 -7.42 41.41
CA GLU A 310 46.16 -7.22 42.52
C GLU A 310 45.56 -6.33 43.59
N THR A 311 44.82 -5.29 43.19
CA THR A 311 44.24 -4.36 44.14
C THR A 311 42.86 -4.84 44.59
N ALA A 312 42.67 -4.97 45.90
CA ALA A 312 41.38 -5.33 46.46
C ALA A 312 40.75 -4.09 47.09
N GLY A 313 39.48 -3.87 46.77
CA GLY A 313 38.77 -2.71 47.27
C GLY A 313 39.02 -1.45 46.47
N GLY A 314 37.99 -0.62 46.33
CA GLY A 314 38.12 0.63 45.60
C GLY A 314 37.52 1.81 46.35
N ASN A 315 37.18 2.86 45.64
CA ASN A 315 36.56 4.04 46.24
C ASN A 315 35.14 3.71 46.65
N ALA A 316 34.91 3.56 47.97
CA ALA A 316 33.63 3.10 48.48
C ALA A 316 32.59 4.20 48.57
N PHE A 317 32.98 5.47 48.46
CA PHE A 317 32.04 6.58 48.55
C PHE A 317 31.24 6.79 47.28
N LEU A 318 31.51 6.04 46.21
CA LEU A 318 30.90 6.31 44.91
C LEU A 318 29.44 5.88 44.83
N ASN A 319 28.98 5.03 45.74
CA ASN A 319 27.56 4.73 45.81
C ASN A 319 26.75 5.90 46.39
N GLU A 320 27.41 6.85 47.05
CA GLU A 320 26.72 8.05 47.52
C GLU A 320 26.61 9.09 46.41
N SER A 321 27.71 9.34 45.70
CA SER A 321 27.73 10.41 44.70
C SER A 321 27.17 9.96 43.36
N CYS A 322 27.09 8.66 43.11
CA CYS A 322 26.52 8.13 41.87
C CYS A 322 25.45 7.11 42.23
N PRO A 323 24.28 7.57 42.66
CA PRO A 323 23.27 6.63 43.15
C PRO A 323 22.51 5.97 42.00
N ILE A 324 22.32 4.65 42.11
CA ILE A 324 21.75 3.85 41.03
C ILE A 324 20.52 3.08 41.49
N GLN A 325 20.64 2.32 42.60
CA GLN A 325 19.53 1.47 43.03
C GLN A 325 18.39 2.30 43.62
N THR A 326 18.71 3.40 44.30
CA THR A 326 17.75 4.48 44.51
C THR A 326 18.33 5.70 43.80
N PRO A 327 17.65 6.21 42.78
CA PRO A 327 18.23 7.29 41.97
C PRO A 327 17.95 8.67 42.54
N ASN A 328 18.92 9.55 42.36
CA ASN A 328 18.80 10.96 42.70
C ASN A 328 19.34 11.75 41.51
N THR A 329 18.44 12.33 40.73
CA THR A 329 18.82 13.02 39.51
C THR A 329 19.47 14.36 39.76
N THR A 330 19.41 14.87 40.99
CA THR A 330 20.19 16.07 41.34
C THR A 330 21.68 15.76 41.35
N LEU A 331 22.06 14.60 41.88
CA LEU A 331 23.44 14.15 41.83
C LEU A 331 23.83 13.76 40.41
N PHE A 332 23.12 12.81 39.82
CA PHE A 332 23.37 12.38 38.45
C PHE A 332 22.11 11.76 37.89
N ASP A 333 21.68 12.23 36.73
CA ASP A 333 20.56 11.64 36.00
C ASP A 333 21.14 10.69 34.97
N PHE A 334 20.86 9.40 35.15
CA PHE A 334 21.33 8.40 34.20
C PHE A 334 20.39 8.22 33.02
N GLY A 335 19.14 8.62 33.15
CA GLY A 335 18.23 8.69 32.02
C GLY A 335 17.84 7.32 31.49
N ILE A 336 18.10 7.11 30.20
CA ILE A 336 17.78 5.83 29.57
C ILE A 336 18.78 4.73 29.89
N PHE A 337 19.88 5.06 30.55
CA PHE A 337 20.89 4.09 30.92
C PHE A 337 20.70 3.54 32.32
N LEU A 338 19.72 4.05 33.07
CA LEU A 338 19.51 3.62 34.44
C LEU A 338 19.02 2.18 34.51
N ASP A 339 18.27 1.72 33.50
CA ASP A 339 17.78 0.35 33.50
C ASP A 339 18.91 -0.66 33.33
N ALA A 340 19.96 -0.29 32.61
CA ALA A 340 21.10 -1.18 32.47
C ALA A 340 21.93 -1.25 33.74
N LEU A 341 22.01 -0.15 34.48
CA LEU A 341 22.83 -0.14 35.69
C LEU A 341 22.08 -0.72 36.88
N GLN A 342 20.74 -0.70 36.83
CA GLN A 342 19.95 -1.26 37.92
C GLN A 342 19.74 -2.75 37.77
N SER A 343 19.66 -3.25 36.54
CA SER A 343 19.49 -4.68 36.31
C SER A 343 20.76 -5.49 36.54
N GLY A 344 21.91 -4.83 36.65
CA GLY A 344 23.16 -5.54 36.81
C GLY A 344 23.65 -6.24 35.57
N VAL A 345 23.15 -5.84 34.39
CA VAL A 345 23.62 -6.44 33.15
C VAL A 345 25.03 -5.96 32.80
N VAL A 346 25.44 -4.81 33.32
CA VAL A 346 26.80 -4.30 33.09
C VAL A 346 27.82 -4.93 34.00
N GLU A 347 27.38 -5.75 34.96
CA GLU A 347 28.29 -6.48 35.85
C GLU A 347 28.36 -7.96 35.54
N SER A 348 27.37 -8.49 34.82
CA SER A 348 27.31 -9.92 34.55
C SER A 348 28.37 -10.31 33.52
N GLN A 349 28.99 -11.46 33.73
CA GLN A 349 29.87 -12.04 32.73
C GLN A 349 29.20 -13.20 32.01
N ASP A 350 27.89 -13.36 32.19
CA ASP A 350 27.10 -14.37 31.51
C ASP A 350 26.60 -13.76 30.21
N PHE A 351 27.15 -14.22 29.07
CA PHE A 351 26.84 -13.61 27.79
C PHE A 351 25.40 -13.77 27.31
N PRO A 352 24.75 -14.96 27.35
CA PRO A 352 23.33 -14.98 26.93
C PRO A 352 22.41 -14.21 27.84
N GLN A 353 22.78 -14.07 29.11
CA GLN A 353 22.10 -13.13 29.99
C GLN A 353 22.29 -11.70 29.51
N LYS A 354 23.52 -11.34 29.16
CA LYS A 354 23.84 -9.98 28.76
C LYS A 354 23.33 -9.67 27.36
N PHE A 355 23.42 -10.63 26.44
CA PHE A 355 22.98 -10.41 25.07
C PHE A 355 21.47 -10.21 24.99
N PHE A 356 20.71 -11.08 25.66
CA PHE A 356 19.26 -11.07 25.48
C PHE A 356 18.60 -9.87 26.14
N TYR A 357 19.14 -9.41 27.27
CA TYR A 357 18.60 -8.22 27.92
C TYR A 357 18.83 -6.98 27.07
N CYS A 358 19.97 -6.89 26.40
CA CYS A 358 20.27 -5.71 25.61
C CYS A 358 19.66 -5.77 24.23
N PHE A 359 19.59 -6.97 23.62
CA PHE A 359 18.88 -7.13 22.35
C PHE A 359 17.41 -6.79 22.51
N TRP A 360 16.82 -7.16 23.65
CA TRP A 360 15.41 -6.87 23.86
C TRP A 360 15.16 -5.39 24.11
N TRP A 361 16.11 -4.70 24.75
CA TRP A 361 16.03 -3.25 24.86
C TRP A 361 16.02 -2.60 23.48
N GLY A 362 16.87 -3.09 22.57
CA GLY A 362 16.89 -2.57 21.22
C GLY A 362 15.62 -2.87 20.45
N LEU A 363 15.07 -4.08 20.65
CA LEU A 363 13.85 -4.45 19.94
C LEU A 363 12.64 -3.72 20.50
N GLN A 364 12.59 -3.54 21.82
CA GLN A 364 11.47 -2.85 22.45
C GLN A 364 11.42 -1.38 22.05
N ASN A 365 12.57 -0.75 21.91
CA ASN A 365 12.61 0.69 21.65
C ASN A 365 12.64 1.03 20.16
N LEU A 366 13.06 0.10 19.31
CA LEU A 366 12.96 0.33 17.87
C LEU A 366 11.52 0.22 17.41
N SER A 367 10.81 -0.81 17.88
CA SER A 367 9.42 -0.99 17.49
C SER A 367 8.49 -0.02 18.22
N SER A 368 8.95 0.59 19.31
CA SER A 368 8.21 1.67 19.93
C SER A 368 8.54 3.02 19.33
N LEU A 369 9.50 3.09 18.41
CA LEU A 369 10.03 4.33 17.82
C LEU A 369 10.56 5.27 18.91
N GLY A 370 11.11 4.72 19.99
CA GLY A 370 11.64 5.53 21.07
C GLY A 370 10.63 6.16 21.99
N GLN A 371 9.41 5.60 22.09
CA GLN A 371 8.33 6.21 22.87
C GLN A 371 8.65 6.32 24.34
N ASN A 372 9.15 5.24 24.93
CA ASN A 372 9.24 5.11 26.36
C ASN A 372 10.62 5.46 26.89
N LEU A 373 11.45 6.06 26.05
CA LEU A 373 12.77 6.50 26.47
C LEU A 373 12.64 7.78 27.27
N LYS A 374 12.85 7.68 28.58
CA LYS A 374 12.84 8.84 29.46
C LYS A 374 14.27 9.34 29.56
N THR A 375 14.67 10.20 28.63
CA THR A 375 16.04 10.70 28.60
C THR A 375 16.28 11.71 29.71
N SER A 376 17.55 11.94 29.98
CA SER A 376 17.97 13.05 30.81
C SER A 376 18.17 14.27 29.92
N THR A 377 18.80 15.30 30.45
CA THR A 377 19.10 16.50 29.69
C THR A 377 20.43 16.39 28.95
N TYR A 378 21.09 15.25 29.00
CA TYR A 378 22.37 15.06 28.31
C TYR A 378 22.13 14.98 26.80
N ILE A 379 22.96 15.70 26.05
CA ILE A 379 22.69 15.94 24.63
C ILE A 379 22.90 14.67 23.81
N TRP A 380 24.00 13.95 24.05
CA TRP A 380 24.29 12.77 23.24
C TRP A 380 23.43 11.58 23.62
N GLU A 381 22.86 11.58 24.82
CA GLU A 381 21.82 10.61 25.15
C GLU A 381 20.55 10.90 24.37
N ILE A 382 20.22 12.18 24.22
CA ILE A 382 19.06 12.59 23.43
C ILE A 382 19.28 12.26 21.96
N CYS A 383 20.49 12.51 21.44
CA CYS A 383 20.82 12.20 20.05
C CYS A 383 20.80 10.70 19.78
N PHE A 384 21.16 9.89 20.77
CA PHE A 384 21.00 8.45 20.67
C PHE A 384 19.52 8.07 20.60
N ALA A 385 18.68 8.72 21.41
CA ALA A 385 17.26 8.42 21.42
C ALA A 385 16.55 8.95 20.17
N VAL A 386 17.01 10.08 19.63
CA VAL A 386 16.51 10.58 18.35
C VAL A 386 16.84 9.60 17.24
N PHE A 387 18.05 9.04 17.27
CA PHE A 387 18.48 8.09 16.25
C PHE A 387 17.73 6.77 16.34
N ILE A 388 17.37 6.33 17.55
CA ILE A 388 16.54 5.14 17.72
C ILE A 388 15.14 5.39 17.18
N SER A 389 14.61 6.60 17.42
CA SER A 389 13.28 6.95 16.96
C SER A 389 13.19 6.99 15.45
N ILE A 390 14.18 7.58 14.79
CA ILE A 390 14.16 7.69 13.32
C ILE A 390 14.38 6.32 12.69
N ALA A 391 15.31 5.53 13.23
CA ALA A 391 15.63 4.22 12.66
C ALA A 391 14.46 3.26 12.78
N GLY A 392 13.74 3.31 13.90
CA GLY A 392 12.53 2.51 14.02
C GLY A 392 11.41 3.02 13.16
N LEU A 393 11.35 4.33 12.94
CA LEU A 393 10.35 4.94 12.07
C LEU A 393 10.58 4.52 10.62
N VAL A 394 11.84 4.43 10.20
CA VAL A 394 12.17 3.96 8.87
C VAL A 394 11.96 2.45 8.76
N LEU A 395 12.35 1.69 9.79
CA LEU A 395 12.19 0.24 9.77
C LEU A 395 10.73 -0.19 9.79
N PHE A 396 9.89 0.43 10.45
CA PHE A 396 8.56 0.10 10.44
C PHE A 396 7.79 0.43 9.26
N SER A 397 8.08 1.48 8.60
CA SER A 397 7.47 1.83 7.41
C SER A 397 7.92 0.92 6.33
N PHE A 398 9.13 0.49 6.25
CA PHE A 398 9.52 -0.52 5.35
C PHE A 398 8.84 -1.84 5.52
N LEU A 399 8.58 -2.35 6.70
CA LEU A 399 7.81 -3.50 6.92
C LEU A 399 6.44 -3.50 6.57
N ILE A 400 5.81 -2.44 6.76
CA ILE A 400 4.49 -2.35 6.35
C ILE A 400 4.43 -2.32 4.87
N GLY A 401 5.37 -1.77 4.19
CA GLY A 401 5.43 -1.85 2.81
C GLY A 401 5.86 -3.09 2.22
N ASN A 402 6.77 -3.78 2.78
CA ASN A 402 7.22 -5.05 2.35
C ASN A 402 6.25 -6.11 2.54
N MET A 403 5.21 -5.87 3.17
CA MET A 403 4.25 -6.83 3.48
C MET A 403 3.10 -6.66 2.66
N GLN A 404 2.78 -5.48 2.38
CA GLN A 404 1.80 -5.24 1.50
C GLN A 404 2.24 -5.45 0.12
N THR A 405 3.49 -5.58 -0.12
CA THR A 405 3.88 -5.94 -1.38
C THR A 405 3.67 -7.41 -1.41
N TYR A 406 4.15 -8.18 -0.52
CA TYR A 406 3.84 -9.55 -0.54
C TYR A 406 2.37 -9.82 -0.73
N LEU A 407 1.54 -9.07 -0.04
CA LEU A 407 0.18 -9.40 -0.13
C LEU A 407 -0.46 -9.14 -1.38
N GLN A 408 -0.09 -8.13 -2.06
CA GLN A 408 -0.61 -7.76 -3.30
C GLN A 408 0.00 -8.54 -4.42
N SER A 409 1.11 -9.14 -4.24
CA SER A 409 1.68 -9.92 -5.24
C SER A 409 0.82 -11.05 -5.46
N THR A 410 0.18 -11.46 -4.43
CA THR A 410 -0.57 -12.64 -4.51
C THR A 410 -2.00 -12.46 -4.99
N THR A 411 -2.44 -11.26 -5.29
CA THR A 411 -3.76 -11.03 -5.70
C THR A 411 -4.05 -10.29 -7.00
N THR A 412 -3.19 -10.29 -7.99
CA THR A 412 -3.36 -9.51 -9.23
C THR A 412 -4.45 -10.02 -10.14
N ARG A 413 -4.75 -11.37 -10.32
CA ARG A 413 -5.71 -11.94 -11.27
C ARG A 413 -7.04 -11.94 -10.57
N LEU A 414 -7.00 -12.04 -9.28
CA LEU A 414 -8.16 -12.15 -8.42
C LEU A 414 -8.78 -10.79 -8.17
N GLU A 415 -7.93 -9.78 -8.01
CA GLU A 415 -8.35 -8.40 -8.21
C GLU A 415 -8.95 -8.16 -9.58
N GLU A 416 -8.34 -8.70 -10.63
CA GLU A 416 -8.83 -8.44 -11.97
C GLU A 416 -10.19 -9.10 -12.21
N MET A 417 -10.46 -10.21 -11.53
CA MET A 417 -11.78 -10.82 -11.60
C MET A 417 -12.82 -10.01 -10.84
N ARG A 418 -12.44 -9.42 -9.70
CA ARG A 418 -13.40 -8.64 -8.91
C ARG A 418 -13.77 -7.34 -9.59
N VAL A 419 -12.83 -6.74 -10.33
CA VAL A 419 -13.13 -5.52 -11.08
C VAL A 419 -14.05 -5.84 -12.24
N LYS A 420 -13.81 -6.98 -12.92
CA LYS A 420 -14.69 -7.41 -14.01
C LYS A 420 -16.07 -7.79 -13.49
N ARG A 421 -16.16 -8.33 -12.28
CA ARG A 421 -17.45 -8.65 -11.69
C ARG A 421 -18.21 -7.38 -11.31
N ARG A 422 -17.51 -6.39 -10.75
CA ARG A 422 -18.09 -5.09 -10.48
C ARG A 422 -18.35 -4.28 -11.74
N ASP A 423 -17.74 -4.65 -12.86
CA ASP A 423 -18.05 -4.05 -14.15
C ASP A 423 -19.26 -4.70 -14.81
N ALA A 424 -19.46 -6.00 -14.59
CA ALA A 424 -20.65 -6.67 -15.12
C ALA A 424 -21.90 -6.20 -14.39
N GLU A 425 -21.86 -6.17 -13.06
CA GLU A 425 -22.81 -5.37 -12.30
C GLU A 425 -22.60 -3.90 -12.62
N GLN A 426 -23.68 -3.12 -12.50
CA GLN A 426 -23.87 -1.72 -12.89
C GLN A 426 -23.64 -1.44 -14.39
N TRP A 427 -23.33 -2.47 -15.18
CA TRP A 427 -23.63 -2.42 -16.60
C TRP A 427 -24.99 -3.06 -16.86
N MET A 428 -25.19 -4.28 -16.36
CA MET A 428 -26.52 -4.73 -16.01
C MET A 428 -26.98 -3.92 -14.81
N SER A 429 -28.22 -3.41 -14.87
CA SER A 429 -28.91 -2.39 -14.06
C SER A 429 -28.53 -0.98 -14.47
N HIS A 430 -27.67 -0.80 -15.46
CA HIS A 430 -27.68 0.41 -16.27
C HIS A 430 -28.37 0.20 -17.60
N ARG A 431 -28.19 -0.96 -18.20
CA ARG A 431 -28.96 -1.37 -19.37
C ARG A 431 -30.31 -1.95 -18.99
N LEU A 432 -30.54 -2.18 -17.68
CA LEU A 432 -31.76 -2.75 -17.12
C LEU A 432 -32.08 -4.10 -17.76
N LEU A 433 -31.11 -5.00 -17.68
CA LEU A 433 -31.25 -6.32 -18.26
C LEU A 433 -32.22 -7.16 -17.43
N PRO A 434 -32.98 -8.05 -18.06
CA PRO A 434 -33.85 -8.95 -17.29
C PRO A 434 -33.03 -9.96 -16.52
N GLU A 435 -33.66 -10.53 -15.48
CA GLU A 435 -32.93 -11.39 -14.55
C GLU A 435 -32.56 -12.74 -15.15
N ASN A 436 -33.23 -13.16 -16.24
CA ASN A 436 -32.77 -14.36 -16.93
C ASN A 436 -31.50 -14.10 -17.73
N LEU A 437 -31.30 -12.87 -18.17
CA LEU A 437 -30.09 -12.52 -18.89
C LEU A 437 -28.93 -12.26 -17.94
N ARG A 438 -29.20 -11.64 -16.79
CA ARG A 438 -28.15 -11.27 -15.86
C ARG A 438 -27.51 -12.47 -15.20
N LYS A 439 -28.29 -13.48 -14.86
CA LYS A 439 -27.75 -14.60 -14.09
C LYS A 439 -27.07 -15.60 -15.03
N ARG A 440 -27.40 -15.54 -16.32
CA ARG A 440 -26.61 -16.24 -17.33
C ARG A 440 -25.25 -15.58 -17.56
N ILE A 441 -25.18 -14.25 -17.41
CA ILE A 441 -23.91 -13.55 -17.50
C ILE A 441 -23.02 -13.89 -16.31
N ARG A 442 -23.61 -13.88 -15.11
CA ARG A 442 -22.87 -14.22 -13.90
C ARG A 442 -22.44 -15.68 -13.89
N ARG A 443 -23.20 -16.55 -14.56
CA ARG A 443 -22.85 -17.95 -14.62
C ARG A 443 -21.64 -18.18 -15.53
N TYR A 444 -21.60 -17.50 -16.68
CA TYR A 444 -20.48 -17.68 -17.60
C TYR A 444 -19.19 -17.07 -17.04
N GLU A 445 -19.30 -15.89 -16.42
CA GLU A 445 -18.11 -15.23 -15.92
C GLU A 445 -17.54 -15.94 -14.69
N GLN A 446 -18.36 -16.67 -13.96
CA GLN A 446 -17.87 -17.48 -12.85
C GLN A 446 -17.34 -18.82 -13.36
N TYR A 447 -17.92 -19.35 -14.43
CA TYR A 447 -17.42 -20.58 -15.03
C TYR A 447 -16.09 -20.34 -15.74
N LYS A 448 -15.96 -19.20 -16.43
CA LYS A 448 -14.67 -18.85 -17.04
C LYS A 448 -13.61 -18.59 -15.98
N TRP A 449 -14.00 -18.08 -14.82
CA TRP A 449 -13.05 -17.81 -13.75
C TRP A 449 -12.54 -19.10 -13.11
N GLN A 450 -13.40 -20.07 -12.87
CA GLN A 450 -12.95 -21.27 -12.15
C GLN A 450 -12.21 -22.23 -13.07
N GLU A 451 -12.34 -22.05 -14.39
CA GLU A 451 -11.55 -22.84 -15.33
C GLU A 451 -10.21 -22.19 -15.64
N THR A 452 -10.22 -20.92 -16.03
CA THR A 452 -9.02 -20.28 -16.55
C THR A 452 -8.23 -19.51 -15.50
N ARG A 453 -8.91 -19.02 -14.45
CA ARG A 453 -8.35 -18.12 -13.43
C ARG A 453 -7.71 -16.88 -14.05
N GLY A 454 -8.37 -16.31 -15.05
CA GLY A 454 -7.92 -15.10 -15.68
C GLY A 454 -6.81 -15.28 -16.71
N VAL A 455 -6.33 -16.50 -16.91
CA VAL A 455 -5.23 -16.75 -17.83
C VAL A 455 -5.78 -16.80 -19.25
N ASP A 456 -5.23 -15.97 -20.13
CA ASP A 456 -5.52 -16.05 -21.56
C ASP A 456 -4.61 -17.11 -22.14
N GLU A 457 -5.19 -18.22 -22.61
CA GLU A 457 -4.39 -19.36 -23.04
C GLU A 457 -3.70 -19.07 -24.37
N GLU A 458 -4.38 -18.37 -25.28
CA GLU A 458 -3.79 -18.08 -26.58
C GLU A 458 -2.65 -17.08 -26.47
N ASN A 459 -2.76 -16.12 -25.55
CA ASN A 459 -1.66 -15.19 -25.32
C ASN A 459 -0.50 -15.87 -24.61
N LEU A 460 -0.79 -16.86 -23.77
CA LEU A 460 0.27 -17.60 -23.10
C LEU A 460 1.01 -18.50 -24.07
N LEU A 461 0.29 -19.12 -25.01
CA LEU A 461 0.91 -20.02 -25.96
C LEU A 461 1.65 -19.28 -27.08
N SER A 462 1.20 -18.08 -27.44
CA SER A 462 1.83 -17.34 -28.53
C SER A 462 3.17 -16.75 -28.11
N ASN A 463 3.40 -16.57 -26.82
CA ASN A 463 4.67 -16.06 -26.32
C ASN A 463 5.67 -17.18 -26.04
N LEU A 464 5.39 -18.38 -26.49
CA LEU A 464 6.27 -19.54 -26.42
C LEU A 464 6.89 -19.79 -27.80
N PRO A 465 8.03 -20.49 -27.87
CA PRO A 465 8.63 -20.78 -29.18
C PRO A 465 7.79 -21.74 -29.99
N LYS A 466 8.03 -21.73 -31.31
CA LYS A 466 7.11 -22.36 -32.24
C LYS A 466 7.16 -23.89 -32.18
N ASP A 467 8.23 -24.48 -31.65
CA ASP A 467 8.25 -25.94 -31.50
C ASP A 467 7.73 -26.36 -30.15
N LEU A 468 7.86 -25.49 -29.15
CA LEU A 468 7.32 -25.79 -27.83
C LEU A 468 5.81 -25.59 -27.82
N ARG A 469 5.33 -24.56 -28.52
CA ARG A 469 3.90 -24.37 -28.72
C ARG A 469 3.29 -25.47 -29.58
N ARG A 470 4.09 -26.06 -30.47
CA ARG A 470 3.61 -27.17 -31.29
C ARG A 470 3.46 -28.44 -30.47
N ASP A 471 4.40 -28.68 -29.54
CA ASP A 471 4.35 -29.89 -28.73
C ASP A 471 3.23 -29.84 -27.70
N ILE A 472 2.83 -28.65 -27.26
CA ILE A 472 1.71 -28.53 -26.34
C ILE A 472 0.39 -28.81 -27.06
N LYS A 473 0.21 -28.17 -28.22
CA LYS A 473 -1.03 -28.29 -28.95
C LYS A 473 -1.19 -29.65 -29.61
N ARG A 474 -0.10 -30.38 -29.84
CA ARG A 474 -0.21 -31.77 -30.27
C ARG A 474 -0.56 -32.69 -29.11
N HIS A 475 -0.31 -32.28 -27.88
CA HIS A 475 -0.76 -33.06 -26.74
C HIS A 475 -2.23 -32.82 -26.46
N LEU A 476 -2.68 -31.57 -26.58
CA LEU A 476 -4.06 -31.23 -26.22
C LEU A 476 -5.04 -31.56 -27.35
N CYS A 477 -4.69 -31.25 -28.59
CA CYS A 477 -5.66 -31.16 -29.67
C CYS A 477 -5.57 -32.27 -30.70
N LEU A 478 -4.46 -33.00 -30.77
CA LEU A 478 -4.26 -33.92 -31.89
C LEU A 478 -5.10 -35.19 -31.73
N ALA A 479 -5.23 -35.70 -30.50
CA ALA A 479 -6.04 -36.88 -30.27
C ALA A 479 -7.53 -36.60 -30.48
N LEU A 480 -7.94 -35.35 -30.27
CA LEU A 480 -9.31 -34.95 -30.57
C LEU A 480 -9.56 -34.86 -32.07
N LEU A 481 -8.54 -34.51 -32.84
CA LEU A 481 -8.69 -34.42 -34.29
C LEU A 481 -8.65 -35.79 -34.98
N MET A 482 -8.15 -36.82 -34.30
CA MET A 482 -8.10 -38.16 -34.87
C MET A 482 -9.41 -38.91 -34.76
N ARG A 483 -10.43 -38.31 -34.17
CA ARG A 483 -11.74 -38.91 -34.11
C ARG A 483 -12.66 -38.43 -35.22
N VAL A 484 -12.28 -37.38 -35.93
CA VAL A 484 -12.93 -37.04 -37.19
C VAL A 484 -12.47 -38.01 -38.27
N PRO A 485 -13.38 -38.69 -38.96
CA PRO A 485 -12.96 -39.78 -39.86
C PRO A 485 -12.28 -39.31 -41.14
N MET A 486 -12.16 -38.01 -41.38
CA MET A 486 -11.36 -37.57 -42.52
C MET A 486 -9.93 -37.21 -42.14
N PHE A 487 -9.72 -36.65 -40.94
CA PHE A 487 -8.46 -36.01 -40.59
C PHE A 487 -7.27 -36.96 -40.43
N GLU A 488 -7.46 -38.29 -40.52
CA GLU A 488 -6.29 -39.16 -40.52
C GLU A 488 -5.61 -39.16 -41.88
N LYS A 489 -6.30 -38.70 -42.93
CA LYS A 489 -5.76 -38.64 -44.28
C LYS A 489 -4.68 -37.59 -44.47
N MET A 490 -4.49 -36.71 -43.49
CA MET A 490 -3.51 -35.66 -43.60
C MET A 490 -2.21 -36.09 -42.93
N ASP A 491 -1.15 -35.36 -43.23
CA ASP A 491 0.18 -35.66 -42.71
C ASP A 491 0.40 -34.87 -41.42
N GLU A 492 1.63 -34.92 -40.90
CA GLU A 492 2.03 -34.09 -39.78
C GLU A 492 2.54 -32.72 -40.23
N GLN A 493 2.04 -32.19 -41.35
CA GLN A 493 2.23 -30.81 -41.76
C GLN A 493 0.95 -30.02 -41.89
N LEU A 494 -0.19 -30.69 -41.99
CA LEU A 494 -1.46 -30.01 -42.17
C LEU A 494 -2.33 -30.10 -40.91
N LEU A 495 -2.20 -31.20 -40.18
CA LEU A 495 -2.81 -31.33 -38.87
C LEU A 495 -2.10 -30.43 -37.87
N ASP A 496 -0.81 -30.16 -38.11
CA ASP A 496 -0.11 -29.18 -37.29
C ASP A 496 -0.56 -27.77 -37.59
N ALA A 497 -1.11 -27.54 -38.78
CA ALA A 497 -1.79 -26.27 -39.04
C ALA A 497 -3.16 -26.23 -38.37
N LEU A 498 -3.76 -27.39 -38.12
CA LEU A 498 -5.07 -27.44 -37.49
C LEU A 498 -4.97 -27.34 -35.97
N CYS A 499 -3.95 -27.95 -35.38
CA CYS A 499 -3.73 -27.81 -33.94
C CYS A 499 -3.33 -26.39 -33.58
N ASP A 500 -2.68 -25.68 -34.50
CA ASP A 500 -2.33 -24.28 -34.28
C ASP A 500 -3.56 -23.37 -34.28
N ARG A 501 -4.64 -23.78 -34.95
CA ARG A 501 -5.81 -22.92 -35.10
C ARG A 501 -6.97 -23.32 -34.21
N LEU A 502 -6.81 -24.34 -33.36
CA LEU A 502 -7.86 -24.72 -32.44
C LEU A 502 -7.83 -23.81 -31.22
N GLN A 503 -8.97 -23.18 -30.93
CA GLN A 503 -9.08 -22.25 -29.82
C GLN A 503 -10.01 -22.82 -28.75
N PRO A 504 -9.65 -22.73 -27.48
CA PRO A 504 -10.49 -23.29 -26.43
C PRO A 504 -11.70 -22.41 -26.15
N VAL A 505 -12.86 -23.05 -26.05
CA VAL A 505 -14.11 -22.36 -25.76
C VAL A 505 -14.75 -23.00 -24.54
N LEU A 506 -15.62 -22.24 -23.88
CA LEU A 506 -16.33 -22.69 -22.69
C LEU A 506 -17.82 -22.49 -22.90
N TYR A 507 -18.61 -23.43 -22.40
CA TYR A 507 -20.06 -23.35 -22.48
C TYR A 507 -20.67 -23.79 -21.16
N THR A 508 -21.54 -22.98 -20.61
CA THR A 508 -22.27 -23.33 -19.41
C THR A 508 -23.43 -24.26 -19.75
N GLU A 509 -24.18 -24.66 -18.73
CA GLU A 509 -25.40 -25.42 -18.95
C GLU A 509 -26.52 -24.49 -19.43
N GLU A 510 -27.50 -25.10 -20.12
CA GLU A 510 -28.55 -24.51 -20.97
C GLU A 510 -28.02 -23.82 -22.21
N SER A 511 -26.71 -23.79 -22.45
CA SER A 511 -26.15 -22.92 -23.48
C SER A 511 -26.30 -23.54 -24.85
N TYR A 512 -26.80 -22.75 -25.79
CA TYR A 512 -27.00 -23.18 -27.17
C TYR A 512 -25.71 -23.00 -27.95
N ILE A 513 -25.22 -24.08 -28.54
CA ILE A 513 -24.07 -23.98 -29.43
C ILE A 513 -24.47 -23.40 -30.76
N VAL A 514 -25.48 -24.01 -31.38
CA VAL A 514 -26.05 -23.55 -32.64
C VAL A 514 -27.52 -23.95 -32.62
N ARG A 515 -28.31 -23.22 -33.39
CA ARG A 515 -29.71 -23.54 -33.59
C ARG A 515 -29.94 -23.87 -35.05
N GLU A 516 -31.03 -24.56 -35.33
CA GLU A 516 -31.35 -24.92 -36.71
C GLU A 516 -31.77 -23.68 -37.48
N GLY A 517 -31.07 -23.40 -38.57
CA GLY A 517 -31.28 -22.19 -39.33
C GLY A 517 -30.13 -21.21 -39.31
N ASP A 518 -29.27 -21.26 -38.28
CA ASP A 518 -28.15 -20.35 -38.16
C ASP A 518 -27.00 -20.81 -39.06
N PRO A 519 -26.18 -19.88 -39.56
CA PRO A 519 -24.96 -20.31 -40.25
C PRO A 519 -23.94 -20.84 -39.26
N VAL A 520 -23.20 -21.86 -39.69
CA VAL A 520 -22.25 -22.55 -38.83
C VAL A 520 -20.88 -21.88 -38.96
N ASP A 521 -20.45 -21.21 -37.90
CA ASP A 521 -19.15 -20.56 -37.86
C ASP A 521 -18.02 -21.49 -37.41
N GLU A 522 -18.30 -22.37 -36.46
CA GLU A 522 -17.27 -23.12 -35.76
C GLU A 522 -17.42 -24.60 -36.02
N MET A 523 -16.34 -25.34 -35.74
CA MET A 523 -16.37 -26.79 -35.62
C MET A 523 -15.79 -27.14 -34.27
N LEU A 524 -16.63 -27.70 -33.39
CA LEU A 524 -16.19 -27.98 -32.03
C LEU A 524 -15.54 -29.36 -31.94
N PHE A 525 -14.71 -29.51 -30.92
CA PHE A 525 -14.10 -30.79 -30.58
C PHE A 525 -14.20 -30.89 -29.07
N ILE A 526 -15.15 -31.69 -28.60
CA ILE A 526 -15.59 -31.65 -27.21
C ILE A 526 -14.55 -32.30 -26.31
N MET A 527 -14.12 -31.57 -25.28
CA MET A 527 -13.25 -32.12 -24.25
C MET A 527 -14.02 -32.63 -23.04
N ARG A 528 -15.09 -31.94 -22.67
CA ARG A 528 -15.82 -32.20 -21.44
C ARG A 528 -17.28 -31.91 -21.66
N GLY A 529 -18.13 -32.56 -20.88
CA GLY A 529 -19.54 -32.24 -20.86
C GLY A 529 -20.32 -33.02 -21.89
N LYS A 530 -21.64 -33.03 -21.69
CA LYS A 530 -22.58 -33.73 -22.56
C LYS A 530 -23.41 -32.70 -23.31
N LEU A 531 -23.74 -33.02 -24.56
CA LEU A 531 -24.45 -32.08 -25.43
C LEU A 531 -25.59 -32.80 -26.14
N LEU A 532 -26.80 -32.31 -25.94
CA LEU A 532 -27.99 -32.84 -26.60
C LEU A 532 -28.21 -32.07 -27.90
N THR A 533 -28.18 -32.78 -29.02
CA THR A 533 -28.46 -32.19 -30.32
C THR A 533 -29.76 -32.76 -30.88
N ILE A 534 -30.60 -31.88 -31.42
CA ILE A 534 -31.89 -32.26 -31.98
C ILE A 534 -31.97 -31.73 -33.40
N THR A 535 -32.98 -32.20 -34.13
CA THR A 535 -33.26 -31.70 -35.47
C THR A 535 -34.74 -31.89 -35.78
N THR A 536 -35.27 -30.95 -36.57
CA THR A 536 -36.60 -31.07 -37.14
C THR A 536 -36.59 -31.12 -38.66
N ASN A 537 -35.42 -31.00 -39.30
CA ASN A 537 -35.18 -31.31 -40.71
C ASN A 537 -35.96 -30.39 -41.64
N LEU A 544 -37.95 -36.67 -36.34
CA LEU A 544 -36.98 -36.10 -35.43
C LEU A 544 -36.28 -37.21 -34.67
N ASN A 545 -35.04 -36.92 -34.25
CA ASN A 545 -34.24 -37.84 -33.46
C ASN A 545 -33.21 -37.02 -32.69
N SER A 546 -32.96 -37.41 -31.44
CA SER A 546 -32.09 -36.67 -30.54
C SER A 546 -30.82 -37.48 -30.30
N GLU A 547 -29.70 -36.99 -30.82
CA GLU A 547 -28.41 -37.60 -30.58
C GLU A 547 -27.74 -36.94 -29.37
N TYR A 548 -26.57 -37.46 -28.99
CA TYR A 548 -25.83 -36.97 -27.85
C TYR A 548 -24.36 -36.88 -28.19
N LEU A 549 -23.72 -35.79 -27.79
CA LEU A 549 -22.29 -35.57 -28.02
C LEU A 549 -21.58 -35.56 -26.67
N GLY A 550 -20.64 -36.48 -26.49
CA GLY A 550 -19.83 -36.56 -25.31
C GLY A 550 -18.41 -36.12 -25.55
N ALA A 551 -17.53 -36.47 -24.61
CA ALA A 551 -16.12 -36.16 -24.73
C ALA A 551 -15.48 -36.99 -25.85
N GLY A 552 -14.82 -36.31 -26.78
CA GLY A 552 -14.27 -36.94 -27.95
C GLY A 552 -15.11 -36.73 -29.20
N ASP A 553 -16.41 -36.53 -29.05
CA ASP A 553 -17.24 -36.26 -30.20
C ASP A 553 -17.02 -34.83 -30.69
N PHE A 554 -17.54 -34.55 -31.87
CA PHE A 554 -17.27 -33.28 -32.53
C PHE A 554 -18.55 -32.78 -33.17
N CYS A 555 -18.74 -31.46 -33.08
CA CYS A 555 -19.89 -30.78 -33.66
C CYS A 555 -19.43 -29.89 -34.80
N GLY A 556 -20.34 -29.61 -35.73
CA GLY A 556 -20.04 -28.75 -36.84
C GLY A 556 -19.45 -29.42 -38.06
N GLU A 557 -19.72 -30.70 -38.28
CA GLU A 557 -19.17 -31.41 -39.44
C GLU A 557 -19.90 -31.09 -40.74
N GLU A 558 -20.84 -30.15 -40.73
CA GLU A 558 -21.39 -29.61 -41.96
C GLU A 558 -20.38 -28.71 -42.65
N LEU A 559 -19.43 -28.18 -41.89
CA LEU A 559 -18.55 -27.10 -42.32
C LEU A 559 -17.30 -27.61 -43.02
N LEU A 560 -16.92 -28.88 -42.81
CA LEU A 560 -15.74 -29.39 -43.49
C LEU A 560 -15.99 -29.55 -44.98
N THR A 561 -17.16 -30.07 -45.35
CA THR A 561 -17.49 -30.26 -46.76
C THR A 561 -17.69 -28.93 -47.48
N TRP A 562 -18.08 -27.89 -46.74
CA TRP A 562 -18.11 -26.54 -47.31
C TRP A 562 -16.71 -26.03 -47.56
N ALA A 563 -15.83 -26.17 -46.57
CA ALA A 563 -14.43 -25.77 -46.71
C ALA A 563 -13.57 -26.95 -47.15
N LEU A 564 -14.01 -27.61 -48.21
CA LEU A 564 -13.14 -28.45 -49.04
C LEU A 564 -13.43 -28.20 -50.51
N ASP A 565 -14.70 -27.85 -50.82
CA ASP A 565 -15.06 -27.57 -52.20
C ASP A 565 -14.41 -26.25 -52.64
N PRO A 566 -13.56 -26.28 -53.67
CA PRO A 566 -12.64 -25.16 -53.93
C PRO A 566 -13.30 -23.84 -54.33
N SER A 568 -16.80 -23.10 -53.85
CA SER A 568 -18.13 -23.04 -53.26
C SER A 568 -18.51 -21.62 -52.89
N SER A 569 -19.70 -21.48 -52.31
CA SER A 569 -20.14 -20.18 -51.84
C SER A 569 -19.34 -19.75 -50.60
N SER A 570 -19.21 -18.44 -50.43
CA SER A 570 -18.58 -17.92 -49.23
C SER A 570 -19.55 -17.81 -48.06
N ASN A 571 -20.84 -17.93 -48.32
CA ASN A 571 -21.82 -17.98 -47.24
C ASN A 571 -21.75 -19.33 -46.55
N LEU A 572 -21.83 -19.32 -45.22
CA LEU A 572 -21.64 -20.53 -44.43
C LEU A 572 -22.83 -21.47 -44.58
N PRO A 573 -22.62 -22.78 -44.44
CA PRO A 573 -23.74 -23.72 -44.51
C PRO A 573 -24.69 -23.57 -43.34
N ILE A 574 -25.96 -23.79 -43.63
CA ILE A 574 -27.04 -23.60 -42.66
C ILE A 574 -27.09 -24.83 -41.78
N SER A 575 -27.18 -24.61 -40.46
CA SER A 575 -27.18 -25.71 -39.51
C SER A 575 -28.46 -26.53 -39.62
N THR A 576 -28.30 -27.84 -39.73
CA THR A 576 -29.41 -28.77 -39.73
C THR A 576 -29.75 -29.26 -38.34
N ARG A 577 -28.92 -28.95 -37.35
CA ARG A 577 -29.12 -29.40 -35.98
C ARG A 577 -29.15 -28.20 -35.03
N THR A 578 -29.79 -28.41 -33.88
CA THR A 578 -29.76 -27.45 -32.78
C THR A 578 -29.06 -28.14 -31.62
N VAL A 579 -27.85 -27.68 -31.31
CA VAL A 579 -27.01 -28.29 -30.30
C VAL A 579 -27.06 -27.44 -29.04
N ARG A 580 -27.29 -28.08 -27.89
CA ARG A 580 -27.42 -27.40 -26.62
C ARG A 580 -26.66 -28.17 -25.56
N ALA A 581 -25.96 -27.44 -24.69
CA ALA A 581 -25.17 -28.06 -23.65
C ALA A 581 -26.05 -28.53 -22.50
N LEU A 582 -25.68 -29.66 -21.89
CA LEU A 582 -26.37 -30.22 -20.74
C LEU A 582 -25.60 -30.07 -19.44
N MET A 583 -24.29 -29.86 -19.54
CA MET A 583 -23.41 -29.69 -18.39
C MET A 583 -22.35 -28.68 -18.87
N GLU A 584 -21.46 -28.26 -17.97
CA GLU A 584 -20.32 -27.42 -18.34
C GLU A 584 -19.49 -28.09 -19.42
N VAL A 585 -19.33 -27.41 -20.56
CA VAL A 585 -18.67 -27.97 -21.74
C VAL A 585 -17.36 -27.24 -21.96
N GLU A 586 -16.26 -27.99 -22.02
CA GLU A 586 -15.02 -27.52 -22.58
C GLU A 586 -14.86 -28.09 -23.98
N ALA A 587 -14.42 -27.27 -24.93
CA ALA A 587 -14.26 -27.71 -26.29
C ALA A 587 -13.15 -26.90 -26.95
N PHE A 588 -12.76 -27.34 -28.15
CA PHE A 588 -11.84 -26.60 -29.00
C PHE A 588 -12.58 -26.19 -30.26
N ALA A 589 -12.50 -24.92 -30.61
CA ALA A 589 -13.25 -24.38 -31.73
C ALA A 589 -12.36 -24.23 -32.95
N LEU A 590 -12.89 -24.61 -34.11
CA LEU A 590 -12.22 -24.44 -35.39
C LEU A 590 -13.06 -23.50 -36.24
N LYS A 591 -12.53 -22.29 -36.47
CA LYS A 591 -13.28 -21.27 -37.20
C LYS A 591 -13.35 -21.63 -38.68
N ALA A 592 -14.25 -20.94 -39.38
CA ALA A 592 -14.55 -21.27 -40.76
C ALA A 592 -13.41 -20.90 -41.70
N ASP A 593 -12.85 -19.70 -41.55
CA ASP A 593 -11.75 -19.28 -42.40
C ASP A 593 -10.44 -19.97 -42.04
N ASP A 594 -10.29 -20.40 -40.78
CA ASP A 594 -9.12 -21.20 -40.42
C ASP A 594 -9.22 -22.61 -40.98
N LEU A 595 -10.43 -23.12 -41.15
CA LEU A 595 -10.61 -24.37 -41.90
C LEU A 595 -10.48 -24.13 -43.40
N LYS A 596 -10.79 -22.92 -43.86
CA LYS A 596 -10.68 -22.61 -45.28
C LYS A 596 -9.23 -22.47 -45.72
N PHE A 597 -8.34 -22.07 -44.80
CA PHE A 597 -6.91 -22.10 -45.09
C PHE A 597 -6.41 -23.53 -45.25
N VAL A 598 -6.86 -24.42 -44.37
CA VAL A 598 -6.37 -25.80 -44.37
C VAL A 598 -6.87 -26.55 -45.62
N ALA A 599 -7.99 -26.11 -46.19
CA ALA A 599 -8.50 -26.67 -47.43
C ALA A 599 -7.62 -26.41 -48.64
N SER A 600 -6.88 -25.30 -48.66
CA SER A 600 -6.07 -24.99 -49.83
C SER A 600 -4.84 -25.88 -49.92
N GLN A 601 -4.34 -26.37 -48.79
CA GLN A 601 -3.26 -27.35 -48.80
C GLN A 601 -3.78 -28.78 -48.71
N PHE A 602 -4.81 -29.11 -49.49
CA PHE A 602 -5.34 -30.46 -49.54
C PHE A 602 -6.14 -30.61 -50.83
N ARG A 603 -5.76 -31.58 -51.65
CA ARG A 603 -6.17 -31.62 -53.05
C ARG A 603 -6.70 -32.99 -53.47
N ILE B 84 -16.95 -43.40 -3.77
CA ILE B 84 -15.62 -42.86 -4.01
C ILE B 84 -15.76 -41.49 -4.67
N LEU B 85 -15.03 -40.51 -4.15
CA LEU B 85 -15.16 -39.13 -4.59
C LEU B 85 -13.83 -38.57 -5.10
N ASP B 86 -13.90 -37.38 -5.72
CA ASP B 86 -12.75 -36.65 -6.21
C ASP B 86 -12.67 -35.28 -5.53
N PRO B 87 -11.48 -34.64 -5.43
CA PRO B 87 -11.34 -33.41 -4.60
C PRO B 87 -12.12 -32.19 -5.09
N GLN B 88 -12.52 -32.15 -6.36
CA GLN B 88 -13.40 -31.11 -6.84
C GLN B 88 -14.85 -31.53 -6.89
N GLY B 89 -15.18 -32.71 -6.36
CA GLY B 89 -16.54 -33.16 -6.30
C GLY B 89 -17.32 -32.35 -5.28
N PRO B 90 -18.65 -32.28 -5.43
CA PRO B 90 -19.43 -31.31 -4.65
C PRO B 90 -19.59 -31.68 -3.20
N PHE B 91 -19.39 -32.95 -2.84
CA PHE B 91 -19.49 -33.35 -1.44
C PHE B 91 -18.26 -32.90 -0.66
N LEU B 92 -17.05 -33.25 -1.15
CA LEU B 92 -15.80 -32.90 -0.49
C LEU B 92 -15.55 -31.40 -0.46
N GLN B 93 -15.84 -30.68 -1.55
CA GLN B 93 -15.48 -29.27 -1.70
C GLN B 93 -16.33 -28.37 -0.81
N ARG B 94 -17.47 -28.88 -0.33
CA ARG B 94 -18.27 -28.21 0.68
C ARG B 94 -18.02 -28.77 2.09
N TRP B 95 -17.48 -30.00 2.17
CA TRP B 95 -17.21 -30.59 3.47
C TRP B 95 -15.78 -30.33 3.95
N ASN B 96 -14.82 -30.14 3.04
CA ASN B 96 -13.45 -29.81 3.41
C ASN B 96 -13.21 -28.32 3.60
N LYS B 97 -14.29 -27.53 3.67
CA LYS B 97 -14.21 -26.17 4.21
C LYS B 97 -14.63 -26.13 5.66
N ILE B 98 -15.39 -27.13 6.11
CA ILE B 98 -15.67 -27.30 7.53
C ILE B 98 -14.46 -27.90 8.25
N PHE B 99 -13.62 -28.64 7.53
CA PHE B 99 -12.40 -29.21 8.13
C PHE B 99 -11.35 -28.16 8.40
N VAL B 100 -11.23 -27.15 7.54
CA VAL B 100 -10.28 -26.09 7.83
C VAL B 100 -10.84 -25.16 8.91
N LEU B 101 -12.16 -25.12 9.09
CA LEU B 101 -12.77 -24.38 10.20
C LEU B 101 -12.55 -25.08 11.53
N ALA B 102 -12.72 -26.40 11.57
CA ALA B 102 -12.51 -27.16 12.79
C ALA B 102 -11.04 -27.32 13.16
N CYS B 103 -10.11 -26.90 12.28
CA CYS B 103 -8.71 -26.85 12.62
C CYS B 103 -8.28 -25.49 13.14
N ILE B 104 -9.18 -24.50 13.12
CA ILE B 104 -8.92 -23.23 13.79
C ILE B 104 -9.62 -23.28 15.15
N ILE B 105 -10.75 -23.98 15.21
CA ILE B 105 -11.39 -24.26 16.49
C ILE B 105 -10.48 -25.14 17.35
N ALA B 106 -9.73 -26.05 16.72
CA ALA B 106 -8.85 -26.96 17.46
C ALA B 106 -7.67 -26.22 18.09
N VAL B 107 -7.07 -25.27 17.36
CA VAL B 107 -5.96 -24.51 17.94
C VAL B 107 -6.44 -23.37 18.82
N SER B 108 -7.74 -23.06 18.81
CA SER B 108 -8.33 -22.10 19.72
C SER B 108 -8.75 -22.73 21.04
N LEU B 109 -8.47 -24.02 21.24
CA LEU B 109 -8.82 -24.70 22.47
C LEU B 109 -7.66 -25.44 23.11
N ASP B 110 -6.54 -25.57 22.43
CA ASP B 110 -5.31 -26.11 23.01
C ASP B 110 -4.73 -25.27 24.17
N PRO B 111 -4.76 -23.92 24.16
CA PRO B 111 -4.31 -23.21 25.37
C PRO B 111 -5.25 -23.28 26.55
N LEU B 112 -6.42 -23.91 26.43
CA LEU B 112 -7.31 -24.08 27.58
C LEU B 112 -6.74 -25.04 28.61
N PHE B 113 -5.82 -25.93 28.21
CA PHE B 113 -5.14 -26.79 29.17
C PHE B 113 -4.11 -26.04 30.00
N PHE B 114 -3.70 -24.85 29.55
CA PHE B 114 -2.79 -24.03 30.33
C PHE B 114 -3.48 -23.34 31.49
N TYR B 115 -4.81 -23.22 31.44
CA TYR B 115 -5.59 -22.66 32.53
C TYR B 115 -5.94 -23.68 33.59
N VAL B 116 -5.49 -24.92 33.43
CA VAL B 116 -5.79 -26.02 34.37
C VAL B 116 -4.96 -25.91 35.66
N PRO B 117 -3.63 -25.65 35.66
CA PRO B 117 -2.96 -25.49 36.96
C PRO B 117 -3.40 -24.24 37.69
N ILE B 118 -3.40 -24.34 39.02
CA ILE B 118 -3.96 -23.30 39.88
C ILE B 118 -3.01 -23.15 41.05
N ILE B 119 -3.03 -21.97 41.66
CA ILE B 119 -2.25 -21.70 42.85
C ILE B 119 -3.20 -21.30 43.96
N ASP B 120 -3.17 -22.06 45.06
CA ASP B 120 -3.88 -21.65 46.26
C ASP B 120 -2.90 -20.89 47.17
N ASP B 121 -3.08 -19.57 47.21
CA ASP B 121 -2.13 -18.62 47.80
C ASP B 121 -2.17 -18.63 49.33
N ALA B 122 -3.25 -19.11 49.93
CA ALA B 122 -3.29 -19.24 51.39
C ALA B 122 -2.33 -20.33 51.86
N LYS B 123 -2.46 -21.52 51.29
CA LYS B 123 -1.61 -22.65 51.65
C LYS B 123 -0.29 -22.69 50.90
N LYS B 124 -0.11 -21.79 49.92
CA LYS B 124 1.10 -21.69 49.08
C LYS B 124 1.40 -23.00 48.36
N CYS B 125 0.38 -23.51 47.67
CA CYS B 125 0.46 -24.79 46.98
C CYS B 125 0.00 -24.65 45.54
N LEU B 126 0.61 -25.43 44.67
CA LEU B 126 0.17 -25.55 43.28
C LEU B 126 -0.93 -26.60 43.21
N GLY B 127 -2.04 -26.26 42.56
CA GLY B 127 -3.16 -27.16 42.49
C GLY B 127 -3.67 -27.39 41.08
N ILE B 128 -4.82 -28.04 40.98
CA ILE B 128 -5.46 -28.36 39.70
C ILE B 128 -6.87 -27.80 39.72
N ASP B 129 -7.24 -27.07 38.66
CA ASP B 129 -8.62 -26.69 38.44
C ASP B 129 -9.32 -27.87 37.78
N LYS B 130 -10.15 -28.58 38.55
CA LYS B 130 -10.72 -29.84 38.07
C LYS B 130 -11.81 -29.62 37.03
N LYS B 131 -12.61 -28.56 37.17
CA LYS B 131 -13.67 -28.31 36.21
C LYS B 131 -13.14 -27.66 34.93
N MET B 132 -12.03 -26.95 35.01
CA MET B 132 -11.33 -26.54 33.80
C MET B 132 -10.70 -27.72 33.10
N GLU B 133 -10.32 -28.74 33.86
CA GLU B 133 -9.69 -29.93 33.32
C GLU B 133 -10.68 -30.77 32.53
N ILE B 134 -11.96 -30.72 32.91
CA ILE B 134 -13.01 -31.42 32.17
C ILE B 134 -13.45 -30.60 30.96
N THR B 135 -13.54 -29.27 31.12
CA THR B 135 -13.98 -28.40 30.05
C THR B 135 -13.00 -28.40 28.87
N ALA B 136 -11.71 -28.42 29.16
CA ALA B 136 -10.73 -28.47 28.09
C ALA B 136 -10.65 -29.85 27.44
N SER B 137 -10.99 -30.90 28.19
CA SER B 137 -10.91 -32.25 27.65
C SER B 137 -12.07 -32.58 26.72
N VAL B 138 -13.27 -32.08 27.00
CA VAL B 138 -14.39 -32.37 26.13
C VAL B 138 -14.52 -31.38 24.98
N LEU B 139 -13.92 -30.18 25.11
CA LEU B 139 -13.86 -29.28 23.96
C LEU B 139 -12.79 -29.72 22.98
N ARG B 140 -11.74 -30.38 23.45
CA ARG B 140 -10.75 -30.94 22.55
C ARG B 140 -11.23 -32.24 21.92
N SER B 141 -12.00 -33.03 22.65
CA SER B 141 -12.52 -34.28 22.11
C SER B 141 -13.52 -34.02 21.00
N PHE B 142 -14.45 -33.08 21.21
CA PHE B 142 -15.51 -32.80 20.26
C PHE B 142 -15.02 -32.07 19.00
N THR B 143 -13.78 -31.59 19.00
CA THR B 143 -13.14 -31.19 17.76
C THR B 143 -12.11 -32.20 17.28
N ASP B 144 -11.81 -33.24 18.05
CA ASP B 144 -10.96 -34.32 17.55
C ASP B 144 -11.75 -35.56 17.17
N VAL B 145 -13.02 -35.71 17.58
CA VAL B 145 -13.87 -36.50 16.70
C VAL B 145 -14.60 -35.53 15.79
N PHE B 146 -13.83 -34.86 14.96
CA PHE B 146 -14.29 -34.19 13.76
C PHE B 146 -13.20 -34.21 12.71
N TYR B 147 -12.04 -34.79 13.02
CA TYR B 147 -10.91 -34.88 12.10
C TYR B 147 -10.51 -36.33 11.82
N VAL B 148 -11.04 -37.30 12.58
CA VAL B 148 -11.02 -38.69 12.14
C VAL B 148 -11.94 -38.87 10.94
N LEU B 149 -12.97 -38.04 10.83
CA LEU B 149 -13.81 -37.90 9.66
C LEU B 149 -13.06 -37.34 8.46
N HIS B 150 -11.98 -36.59 8.67
CA HIS B 150 -11.08 -36.23 7.57
C HIS B 150 -10.19 -37.40 7.18
N ILE B 151 -9.84 -38.25 8.15
CA ILE B 151 -8.96 -39.38 7.87
C ILE B 151 -9.70 -40.43 7.03
N ILE B 152 -10.98 -40.67 7.35
CA ILE B 152 -11.76 -41.61 6.55
C ILE B 152 -12.25 -41.01 5.25
N PHE B 153 -12.19 -39.69 5.10
CA PHE B 153 -12.54 -39.04 3.83
C PHE B 153 -11.30 -38.78 2.97
N GLN B 154 -10.16 -39.32 3.39
CA GLN B 154 -8.99 -39.36 2.53
C GLN B 154 -8.66 -40.78 2.11
N PHE B 155 -9.36 -41.78 2.65
CA PHE B 155 -9.28 -43.14 2.15
C PHE B 155 -10.17 -43.37 0.94
N ARG B 156 -11.13 -42.47 0.70
CA ARG B 156 -11.99 -42.53 -0.47
C ARG B 156 -11.99 -41.20 -1.20
N THR B 157 -10.81 -40.64 -1.41
CA THR B 157 -10.62 -39.46 -2.23
C THR B 157 -10.05 -39.87 -3.59
N GLY B 158 -9.83 -38.89 -4.45
CA GLY B 158 -9.51 -39.12 -5.84
C GLY B 158 -8.12 -38.68 -6.26
N PHE B 159 -7.26 -39.65 -6.55
CA PHE B 159 -6.03 -39.40 -7.30
C PHE B 159 -6.37 -39.35 -8.78
N ILE B 160 -5.53 -38.67 -9.56
CA ILE B 160 -5.81 -38.57 -10.99
C ILE B 160 -4.75 -39.27 -11.85
N ALA B 161 -3.51 -38.80 -11.83
CA ALA B 161 -2.45 -39.28 -12.72
C ALA B 161 -1.13 -38.66 -12.26
N PRO B 162 -0.08 -38.95 -13.00
CA PRO B 162 1.22 -38.35 -12.76
C PRO B 162 1.24 -36.90 -13.21
N GLY B 170 -6.65 -36.32 -16.61
CA GLY B 170 -7.97 -36.17 -17.20
C GLY B 170 -8.93 -37.22 -16.66
N VAL B 171 -8.37 -38.30 -16.13
CA VAL B 171 -9.15 -39.41 -15.59
C VAL B 171 -8.75 -39.63 -14.14
N LEU B 172 -9.73 -39.62 -13.25
CA LEU B 172 -9.49 -39.84 -11.83
C LEU B 172 -9.33 -41.33 -11.53
N VAL B 173 -8.73 -41.63 -10.37
CA VAL B 173 -8.63 -43.01 -9.88
C VAL B 173 -9.70 -43.27 -8.82
N GLU B 174 -10.63 -44.20 -9.11
CA GLU B 174 -11.69 -44.52 -8.16
C GLU B 174 -11.37 -45.78 -7.35
N ASP B 175 -10.12 -46.23 -7.35
CA ASP B 175 -9.78 -47.53 -6.82
C ASP B 175 -8.99 -47.40 -5.52
N LYS B 176 -9.38 -48.19 -4.52
CA LYS B 176 -8.70 -48.21 -3.23
C LYS B 176 -7.37 -48.98 -3.34
N ARG B 177 -6.66 -49.01 -2.22
CA ARG B 177 -5.30 -49.59 -2.05
C ARG B 177 -4.21 -48.81 -2.82
N GLU B 178 -4.58 -47.76 -3.55
CA GLU B 178 -3.61 -46.76 -4.02
C GLU B 178 -4.06 -45.38 -3.59
N ILE B 179 -5.35 -45.21 -3.32
CA ILE B 179 -5.77 -44.06 -2.53
C ILE B 179 -5.26 -44.21 -1.11
N ALA B 180 -5.43 -45.41 -0.54
CA ALA B 180 -4.84 -45.72 0.75
C ALA B 180 -3.48 -46.38 0.60
N LYS B 181 -2.61 -45.77 -0.22
CA LYS B 181 -1.17 -45.92 -0.05
C LYS B 181 -0.40 -44.62 -0.26
N ARG B 182 -0.93 -43.63 -0.98
CA ARG B 182 -0.22 -42.37 -1.09
C ARG B 182 -0.54 -41.49 0.11
N TYR B 183 -1.77 -41.57 0.62
CA TYR B 183 -2.14 -40.93 1.87
C TYR B 183 -1.27 -41.43 3.02
N LEU B 184 -1.01 -42.74 3.07
CA LEU B 184 -0.10 -43.30 4.06
C LEU B 184 1.38 -43.02 3.77
N SER B 185 1.70 -42.32 2.68
CA SER B 185 3.05 -41.88 2.40
C SER B 185 3.16 -40.37 2.38
N SER B 186 2.05 -39.64 2.46
CA SER B 186 2.07 -38.18 2.39
C SER B 186 1.59 -37.51 3.67
N HIS B 187 0.37 -37.80 4.14
CA HIS B 187 -0.16 -37.07 5.28
C HIS B 187 -0.89 -37.89 6.33
N PHE B 188 -0.77 -39.22 6.34
CA PHE B 188 -1.60 -40.00 7.26
C PHE B 188 -1.10 -39.92 8.70
N ILE B 189 0.22 -39.96 8.90
CA ILE B 189 0.72 -39.96 10.27
C ILE B 189 0.61 -38.59 10.91
N ILE B 190 0.75 -37.52 10.13
CA ILE B 190 0.60 -36.17 10.66
C ILE B 190 -0.86 -35.91 11.00
N ASP B 191 -1.77 -36.52 10.25
CA ASP B 191 -3.19 -36.43 10.57
C ASP B 191 -3.54 -37.30 11.78
N ILE B 192 -2.75 -38.33 12.09
CA ILE B 192 -3.07 -39.16 13.24
C ILE B 192 -2.25 -38.76 14.48
N LEU B 193 -1.08 -38.13 14.30
CA LEU B 193 -0.39 -37.51 15.43
C LEU B 193 -1.08 -36.25 15.93
N ALA B 194 -1.91 -35.61 15.10
CA ALA B 194 -2.62 -34.40 15.49
C ALA B 194 -3.95 -34.67 16.15
N VAL B 195 -4.47 -35.89 16.05
CA VAL B 195 -5.82 -36.19 16.49
C VAL B 195 -5.83 -37.10 17.70
N LEU B 196 -4.67 -37.59 18.14
CA LEU B 196 -4.58 -38.46 19.30
C LEU B 196 -5.02 -37.72 20.56
N PRO B 197 -5.88 -38.30 21.40
CA PRO B 197 -6.35 -37.60 22.60
C PRO B 197 -5.34 -37.65 23.74
N LEU B 198 -4.15 -37.13 23.48
CA LEU B 198 -3.02 -37.13 24.40
C LEU B 198 -3.23 -36.31 25.68
N PRO B 199 -3.83 -35.10 25.66
CA PRO B 199 -4.13 -34.47 26.96
C PRO B 199 -5.27 -35.13 27.70
N GLN B 200 -6.30 -35.62 27.00
CA GLN B 200 -7.41 -36.27 27.68
C GLN B 200 -7.01 -37.63 28.27
N MET B 201 -6.06 -38.31 27.65
CA MET B 201 -5.64 -39.60 28.16
C MET B 201 -4.56 -39.51 29.22
N VAL B 202 -3.76 -38.43 29.22
CA VAL B 202 -2.81 -38.27 30.32
C VAL B 202 -3.56 -37.83 31.58
N ILE B 203 -4.70 -37.16 31.44
CA ILE B 203 -5.47 -36.74 32.60
C ILE B 203 -6.19 -37.92 33.23
N LEU B 204 -6.79 -38.78 32.40
CA LEU B 204 -7.60 -39.88 32.91
C LEU B 204 -6.79 -41.13 33.28
N ILE B 205 -5.69 -41.42 32.58
CA ILE B 205 -4.96 -42.67 32.74
C ILE B 205 -3.60 -42.47 33.38
N ILE B 206 -2.76 -41.62 32.80
CA ILE B 206 -1.33 -41.65 33.09
C ILE B 206 -1.01 -40.92 34.40
N ILE B 207 -1.65 -39.77 34.63
CA ILE B 207 -1.37 -39.01 35.86
C ILE B 207 -1.82 -39.70 37.14
N PRO B 208 -3.00 -40.34 37.23
CA PRO B 208 -3.30 -41.10 38.46
C PRO B 208 -2.44 -42.34 38.69
N HIS B 209 -1.61 -42.75 37.75
CA HIS B 209 -0.68 -43.87 37.94
C HIS B 209 0.77 -43.44 37.75
N MET B 210 1.09 -42.20 38.11
CA MET B 210 2.45 -41.69 38.00
C MET B 210 3.03 -41.48 39.40
N ARG B 211 4.33 -41.17 39.44
CA ARG B 211 5.09 -41.08 40.67
C ARG B 211 5.43 -39.63 40.97
N GLY B 212 5.07 -39.18 42.17
CA GLY B 212 5.27 -37.80 42.56
C GLY B 212 3.98 -37.16 43.01
N SER B 213 3.84 -35.86 42.79
CA SER B 213 2.62 -35.15 43.13
C SER B 213 1.71 -35.06 41.92
N SER B 214 0.41 -35.21 42.16
CA SER B 214 -0.55 -35.17 41.06
C SER B 214 -0.68 -33.77 40.48
N SER B 215 -0.43 -32.74 41.27
CA SER B 215 -0.53 -31.36 40.80
C SER B 215 0.67 -30.95 39.97
N LEU B 216 1.87 -31.35 40.38
CA LEU B 216 3.06 -31.06 39.59
C LEU B 216 3.10 -31.90 38.32
N ASN B 217 2.61 -33.14 38.37
CA ASN B 217 2.57 -33.97 37.18
C ASN B 217 1.55 -33.45 36.18
N THR B 218 0.43 -32.92 36.66
CA THR B 218 -0.58 -32.37 35.76
C THR B 218 -0.07 -31.11 35.07
N LYS B 219 0.65 -30.26 35.80
CA LYS B 219 1.19 -29.05 35.20
C LYS B 219 2.30 -29.37 34.20
N ASN B 220 3.10 -30.40 34.50
CA ASN B 220 4.25 -30.69 33.64
C ASN B 220 3.85 -31.51 32.41
N MET B 221 2.89 -32.43 32.56
CA MET B 221 2.47 -33.23 31.41
C MET B 221 1.65 -32.38 30.44
N LEU B 222 0.69 -31.62 30.95
CA LEU B 222 -0.14 -30.78 30.08
C LEU B 222 0.65 -29.64 29.46
N LYS B 223 1.76 -29.23 30.04
CA LYS B 223 2.59 -28.22 29.38
C LYS B 223 3.30 -28.81 28.18
N PHE B 224 3.85 -30.02 28.32
CA PHE B 224 4.69 -30.60 27.29
C PHE B 224 3.91 -31.38 26.24
N ILE B 225 2.78 -31.98 26.60
CA ILE B 225 1.97 -32.68 25.62
C ILE B 225 1.30 -31.69 24.67
N VAL B 226 0.84 -30.55 25.20
CA VAL B 226 0.36 -29.48 24.34
C VAL B 226 1.52 -28.85 23.57
N PHE B 227 2.77 -28.97 24.05
CA PHE B 227 3.91 -28.58 23.23
C PHE B 227 4.16 -29.60 22.12
N PHE B 228 4.16 -30.89 22.47
CA PHE B 228 4.62 -31.90 21.53
C PHE B 228 3.53 -32.26 20.52
N GLN B 229 2.26 -31.96 20.83
CA GLN B 229 1.21 -32.09 19.84
C GLN B 229 0.89 -30.77 19.16
N TYR B 230 1.62 -29.70 19.49
CA TYR B 230 1.44 -28.43 18.81
C TYR B 230 2.00 -28.45 17.40
N ILE B 231 3.06 -29.21 17.17
CA ILE B 231 3.63 -29.31 15.83
C ILE B 231 2.74 -30.07 14.85
N PRO B 232 2.24 -31.30 15.08
CA PRO B 232 1.42 -31.91 14.03
C PRO B 232 0.03 -31.30 13.88
N ARG B 233 -0.45 -30.52 14.84
CA ARG B 233 -1.70 -29.81 14.68
C ARG B 233 -1.55 -28.52 13.87
N PHE B 234 -0.33 -28.16 13.49
CA PHE B 234 -0.11 -27.05 12.58
C PHE B 234 0.48 -27.45 11.23
N ILE B 235 1.18 -28.58 11.13
CA ILE B 235 1.53 -29.05 9.79
C ILE B 235 0.47 -29.98 9.23
N ARG B 236 -0.67 -30.12 9.91
CA ARG B 236 -1.83 -30.70 9.27
C ARG B 236 -2.69 -29.66 8.57
N ILE B 237 -2.45 -28.37 8.81
CA ILE B 237 -3.19 -27.31 8.15
C ILE B 237 -2.44 -26.74 6.97
N TYR B 238 -1.13 -26.99 6.87
CA TYR B 238 -0.34 -26.67 5.69
C TYR B 238 -0.77 -27.45 4.43
N PRO B 239 -0.97 -28.78 4.44
CA PRO B 239 -1.42 -29.41 3.19
C PRO B 239 -2.90 -29.24 2.94
N LEU B 240 -3.70 -29.06 3.99
CA LEU B 240 -5.13 -28.86 3.78
C LEU B 240 -5.42 -27.47 3.24
N TYR B 241 -4.53 -26.50 3.48
CA TYR B 241 -4.64 -25.21 2.81
C TYR B 241 -4.08 -25.23 1.40
N LYS B 242 -3.06 -26.05 1.14
CA LYS B 242 -2.61 -26.30 -0.22
C LYS B 242 -3.66 -27.03 -1.04
N GLU B 243 -4.58 -27.74 -0.39
CA GLU B 243 -5.69 -28.38 -1.07
C GLU B 243 -6.78 -27.40 -1.46
N VAL B 244 -6.90 -26.26 -0.77
CA VAL B 244 -7.93 -25.28 -1.11
C VAL B 244 -7.35 -24.05 -1.78
N THR B 245 -6.05 -24.00 -2.02
CA THR B 245 -5.47 -23.09 -3.01
C THR B 245 -5.47 -23.71 -4.41
N ARG B 246 -6.00 -24.92 -4.55
CA ARG B 246 -6.17 -25.60 -5.83
C ARG B 246 -7.64 -25.98 -5.93
N THR B 247 -8.47 -25.05 -6.39
CA THR B 247 -9.91 -25.29 -6.49
C THR B 247 -10.41 -25.07 -7.91
N THR B 252 -13.05 -19.14 1.81
CA THR B 252 -13.73 -18.33 0.81
C THR B 252 -12.92 -17.07 0.50
N GLU B 253 -13.42 -16.27 -0.45
CA GLU B 253 -12.82 -14.98 -0.75
C GLU B 253 -13.90 -13.92 -0.82
N THR B 254 -13.63 -12.78 -0.22
CA THR B 254 -14.26 -11.50 -0.54
C THR B 254 -13.15 -10.46 -0.52
N ALA B 255 -13.51 -9.21 -0.75
CA ALA B 255 -12.52 -8.14 -0.69
C ALA B 255 -12.03 -7.91 0.73
N TRP B 256 -12.85 -8.18 1.73
CA TRP B 256 -12.50 -7.92 3.13
C TRP B 256 -12.15 -9.17 3.92
N ALA B 257 -12.14 -10.35 3.29
CA ALA B 257 -11.93 -11.59 4.03
C ALA B 257 -10.50 -11.75 4.50
N GLY B 258 -9.53 -11.18 3.79
CA GLY B 258 -8.16 -11.19 4.27
C GLY B 258 -7.93 -10.34 5.49
N ALA B 259 -8.73 -9.28 5.65
CA ALA B 259 -8.70 -8.44 6.84
C ALA B 259 -9.51 -9.01 7.98
N ALA B 260 -10.63 -9.68 7.70
CA ALA B 260 -11.42 -10.29 8.76
C ALA B 260 -10.74 -11.53 9.33
N PHE B 261 -10.03 -12.29 8.49
CA PHE B 261 -9.22 -13.38 8.99
C PHE B 261 -8.00 -12.86 9.74
N ASN B 262 -7.51 -11.69 9.34
CA ASN B 262 -6.41 -11.05 10.05
C ASN B 262 -6.84 -10.60 11.43
N LEU B 263 -8.06 -10.05 11.55
CA LEU B 263 -8.57 -9.62 12.83
C LEU B 263 -8.86 -10.81 13.73
N PHE B 264 -9.24 -11.94 13.15
CA PHE B 264 -9.40 -13.16 13.92
C PHE B 264 -8.05 -13.73 14.34
N LEU B 265 -6.99 -13.45 13.58
CA LEU B 265 -5.67 -13.93 13.95
C LEU B 265 -5.09 -13.14 15.12
N TYR B 266 -5.52 -11.89 15.31
CA TYR B 266 -5.25 -11.20 16.56
C TYR B 266 -5.87 -11.92 17.74
N MET B 267 -7.15 -12.28 17.62
CA MET B 267 -7.87 -12.87 18.75
C MET B 267 -7.36 -14.25 19.09
N LEU B 268 -6.94 -15.02 18.08
CA LEU B 268 -6.38 -16.34 18.34
C LEU B 268 -5.01 -16.24 18.97
N ALA B 269 -4.17 -15.33 18.46
CA ALA B 269 -2.82 -15.18 19.01
C ALA B 269 -2.85 -14.54 20.40
N SER B 270 -3.78 -13.62 20.65
CA SER B 270 -3.93 -13.02 21.97
C SER B 270 -4.38 -14.06 22.99
N HIS B 271 -5.22 -14.99 22.57
CA HIS B 271 -5.65 -16.05 23.47
C HIS B 271 -4.52 -17.05 23.72
N VAL B 272 -3.71 -17.33 22.69
CA VAL B 272 -2.59 -18.25 22.86
C VAL B 272 -1.52 -17.62 23.74
N PHE B 273 -1.16 -16.37 23.46
CA PHE B 273 -0.10 -15.70 24.22
C PHE B 273 -0.50 -15.42 25.66
N GLY B 274 -1.78 -15.17 25.90
CA GLY B 274 -2.22 -14.90 27.26
C GLY B 274 -2.34 -16.12 28.14
N ALA B 275 -2.66 -17.27 27.56
CA ALA B 275 -2.67 -18.50 28.34
C ALA B 275 -1.25 -19.04 28.54
N PHE B 276 -0.35 -18.72 27.61
CA PHE B 276 1.07 -18.97 27.85
C PHE B 276 1.59 -18.12 28.99
N TRP B 277 1.19 -16.85 29.03
CA TRP B 277 1.56 -15.95 30.10
C TRP B 277 0.96 -16.37 31.43
N TYR B 278 -0.25 -16.93 31.40
CA TYR B 278 -0.86 -17.48 32.61
C TYR B 278 -0.03 -18.63 33.16
N LEU B 279 0.36 -19.57 32.29
CA LEU B 279 1.06 -20.76 32.74
C LEU B 279 2.49 -20.44 33.15
N PHE B 280 3.15 -19.52 32.43
CA PHE B 280 4.49 -19.11 32.79
C PHE B 280 4.52 -18.28 34.07
N SER B 281 3.42 -17.62 34.41
CA SER B 281 3.34 -16.90 35.68
C SER B 281 3.25 -17.87 36.85
N ILE B 282 2.53 -18.97 36.68
CA ILE B 282 2.41 -19.98 37.71
C ILE B 282 3.74 -20.70 37.89
N GLU B 283 4.44 -20.95 36.79
CA GLU B 283 5.72 -21.65 36.86
C GLU B 283 6.81 -20.79 37.47
N ARG B 284 6.74 -19.47 37.30
CA ARG B 284 7.74 -18.61 37.93
C ARG B 284 7.51 -18.49 39.43
N GLU B 285 6.27 -18.59 39.89
CA GLU B 285 6.03 -18.57 41.33
C GLU B 285 6.42 -19.88 41.98
N THR B 286 6.26 -21.01 41.28
CA THR B 286 6.69 -22.27 41.85
C THR B 286 8.20 -22.45 41.76
N VAL B 287 8.85 -21.80 40.79
CA VAL B 287 10.31 -21.77 40.76
C VAL B 287 10.84 -20.96 41.94
N CYS B 288 10.13 -19.88 42.29
CA CYS B 288 10.45 -19.14 43.51
C CYS B 288 10.26 -19.99 44.75
N TRP B 289 9.10 -20.83 44.73
CA TRP B 289 8.84 -21.64 45.91
C TRP B 289 9.86 -22.76 46.05
N LYS B 290 10.30 -23.35 44.94
CA LYS B 290 11.28 -24.42 45.00
C LYS B 290 12.64 -23.89 45.43
N GLN B 291 13.04 -22.73 44.91
CA GLN B 291 14.34 -22.16 45.24
C GLN B 291 14.38 -21.66 46.68
N ALA B 292 13.23 -21.19 47.19
CA ALA B 292 13.17 -20.77 48.59
C ALA B 292 13.20 -21.97 49.53
N CYS B 293 12.81 -23.14 49.03
CA CYS B 293 12.78 -24.34 49.87
C CYS B 293 14.13 -25.06 49.84
N GLU B 294 14.92 -24.85 48.79
CA GLU B 294 16.25 -25.46 48.76
C GLU B 294 17.26 -24.70 49.60
N ARG B 295 16.97 -23.44 49.98
CA ARG B 295 17.76 -22.76 51.02
C ARG B 295 16.79 -22.44 52.17
N ASN B 296 16.76 -23.50 53.04
CA ASN B 296 15.73 -23.47 54.09
C ASN B 296 16.34 -22.95 55.39
N ASN B 297 16.62 -21.65 55.39
CA ASN B 297 17.06 -21.03 56.62
C ASN B 297 15.73 -21.09 57.32
N PRO B 298 14.62 -20.84 56.58
CA PRO B 298 13.36 -21.12 57.27
C PRO B 298 13.05 -22.50 56.80
N PRO B 299 12.82 -23.46 57.72
CA PRO B 299 12.61 -24.81 57.16
C PRO B 299 11.33 -24.99 56.32
N CYS B 300 11.43 -25.62 55.16
CA CYS B 300 10.34 -25.83 54.23
C CYS B 300 10.15 -27.31 53.97
N ILE B 301 8.89 -27.73 53.92
CA ILE B 301 8.53 -29.11 53.61
C ILE B 301 7.99 -29.14 52.19
N SER B 302 8.56 -30.02 51.35
CA SER B 302 8.37 -29.97 49.90
C SER B 302 7.08 -30.60 49.41
N LYS B 303 6.36 -31.36 50.24
CA LYS B 303 5.02 -31.81 49.85
C LYS B 303 4.09 -30.62 49.73
N LEU B 304 4.23 -29.66 50.63
CA LEU B 304 3.23 -28.65 50.91
C LEU B 304 3.24 -27.52 49.89
N LEU B 305 4.11 -27.43 48.89
CA LEU B 305 4.00 -26.65 47.67
C LEU B 305 2.96 -27.25 46.72
N TYR B 306 2.36 -28.41 47.03
CA TYR B 306 1.44 -29.05 46.14
C TYR B 306 0.27 -29.32 46.91
N CYS B 307 -0.86 -28.98 46.41
CA CYS B 307 -2.04 -29.06 47.17
C CYS B 307 -2.59 -30.43 47.24
N ASP B 308 -3.05 -30.83 48.40
CA ASP B 308 -3.66 -32.11 48.62
C ASP B 308 -4.71 -31.80 49.67
N PRO B 309 -6.25 -31.85 49.29
CA PRO B 309 -7.33 -31.39 50.18
C PRO B 309 -7.32 -32.05 51.56
N GLU B 310 -6.59 -33.16 51.73
CA GLU B 310 -6.41 -33.72 53.06
C GLU B 310 -5.55 -32.81 53.93
N THR B 311 -4.52 -32.18 53.35
CA THR B 311 -3.63 -31.33 54.10
C THR B 311 -4.15 -29.90 54.12
N ALA B 312 -4.08 -29.82 55.38
CA ALA B 312 -4.49 -28.44 55.61
C ALA B 312 -3.27 -27.63 56.05
N GLY B 313 -3.09 -26.47 55.43
CA GLY B 313 -1.96 -25.62 55.75
C GLY B 313 -0.68 -26.02 55.02
N GLY B 314 0.12 -25.03 54.64
CA GLY B 314 1.39 -25.29 53.97
C GLY B 314 2.52 -24.49 54.56
N ASN B 315 3.57 -24.28 53.77
CA ASN B 315 4.73 -23.50 54.21
C ASN B 315 4.34 -22.03 54.25
N ALA B 316 4.16 -21.48 55.45
CA ALA B 316 3.65 -20.14 55.63
C ALA B 316 4.72 -19.06 55.46
N PHE B 317 6.00 -19.43 55.46
CA PHE B 317 7.07 -18.45 55.32
C PHE B 317 7.28 -17.99 53.87
N LEU B 318 6.55 -18.56 52.91
CA LEU B 318 6.81 -18.28 51.50
C LEU B 318 6.34 -16.90 51.06
N ASN B 319 5.46 -16.25 51.83
CA ASN B 319 5.11 -14.87 51.53
C ASN B 319 6.24 -13.90 51.89
N GLU B 320 7.20 -14.34 52.69
CA GLU B 320 8.38 -13.52 52.99
C GLU B 320 9.42 -13.64 51.89
N SER B 321 9.72 -14.87 51.47
CA SER B 321 10.79 -15.11 50.52
C SER B 321 10.36 -14.91 49.08
N CYS B 322 9.05 -14.96 48.80
CA CYS B 322 8.51 -14.73 47.46
C CYS B 322 7.44 -13.65 47.54
N PRO B 323 7.86 -12.39 47.66
CA PRO B 323 6.88 -11.31 47.89
C PRO B 323 6.21 -10.90 46.59
N ILE B 324 4.88 -10.73 46.64
CA ILE B 324 4.08 -10.49 45.45
C ILE B 324 3.26 -9.20 45.59
N GLN B 325 2.50 -9.07 46.68
CA GLN B 325 1.61 -7.92 46.82
C GLN B 325 2.39 -6.64 47.11
N THR B 326 3.49 -6.75 47.85
CA THR B 326 4.53 -5.72 47.81
C THR B 326 5.78 -6.40 47.26
N PRO B 327 6.27 -5.99 46.11
CA PRO B 327 7.39 -6.72 45.49
C PRO B 327 8.75 -6.25 45.96
N ASN B 328 9.66 -7.21 46.04
CA ASN B 328 11.07 -6.96 46.34
C ASN B 328 11.88 -7.74 45.33
N THR B 329 12.44 -7.04 44.34
CA THR B 329 13.15 -7.70 43.25
C THR B 329 14.53 -8.22 43.66
N THR B 330 15.02 -7.83 44.85
CA THR B 330 16.23 -8.45 45.37
C THR B 330 15.97 -9.90 45.75
N LEU B 331 14.82 -10.17 46.37
CA LEU B 331 14.42 -11.54 46.66
C LEU B 331 14.06 -12.30 45.40
N PHE B 332 13.09 -11.78 44.65
CA PHE B 332 12.69 -12.39 43.38
C PHE B 332 12.04 -11.32 42.51
N ASP B 333 12.51 -11.19 41.28
CA ASP B 333 11.89 -10.31 40.29
C ASP B 333 10.96 -11.15 39.43
N PHE B 334 9.65 -10.89 39.53
CA PHE B 334 8.68 -11.63 38.73
C PHE B 334 8.48 -11.01 37.36
N GLY B 335 8.84 -9.75 37.17
CA GLY B 335 8.89 -9.15 35.85
C GLY B 335 7.52 -8.96 35.24
N ILE B 336 7.33 -9.55 34.05
CA ILE B 336 6.05 -9.44 33.36
C ILE B 336 4.98 -10.37 33.91
N PHE B 337 5.34 -11.25 34.83
CA PHE B 337 4.40 -12.18 35.44
C PHE B 337 3.83 -11.66 36.74
N LEU B 338 4.30 -10.51 37.23
CA LEU B 338 3.84 -9.97 38.50
C LEU B 338 2.38 -9.53 38.45
N ASP B 339 1.91 -9.07 37.28
CA ASP B 339 0.53 -8.65 37.15
C ASP B 339 -0.44 -9.82 37.28
N ALA B 340 -0.03 -11.01 36.84
CA ALA B 340 -0.88 -12.18 36.99
C ALA B 340 -0.93 -12.66 38.42
N LEU B 341 0.17 -12.53 39.16
CA LEU B 341 0.19 -13.00 40.53
C LEU B 341 -0.43 -12.00 41.49
N GLN B 342 -0.46 -10.72 41.13
CA GLN B 342 -1.05 -9.71 41.98
C GLN B 342 -2.56 -9.59 41.78
N SER B 343 -3.05 -9.84 40.57
CA SER B 343 -4.46 -9.78 40.30
C SER B 343 -5.23 -10.98 40.82
N GLY B 344 -4.54 -12.05 41.23
CA GLY B 344 -5.21 -13.24 41.70
C GLY B 344 -5.87 -14.05 40.61
N VAL B 345 -5.49 -13.85 39.35
CA VAL B 345 -6.06 -14.64 38.26
C VAL B 345 -5.52 -16.07 38.29
N VAL B 346 -4.36 -16.30 38.89
CA VAL B 346 -3.81 -17.63 39.00
C VAL B 346 -4.41 -18.43 40.15
N GLU B 347 -5.26 -17.79 40.97
CA GLU B 347 -5.96 -18.47 42.05
C GLU B 347 -7.43 -18.67 41.76
N SER B 348 -7.99 -17.92 40.81
CA SER B 348 -9.42 -17.98 40.54
C SER B 348 -9.76 -19.27 39.81
N GLN B 349 -10.90 -19.86 40.16
CA GLN B 349 -11.44 -20.99 39.41
C GLN B 349 -12.61 -20.56 38.55
N ASP B 350 -12.81 -19.25 38.39
CA ASP B 350 -13.84 -18.70 37.53
C ASP B 350 -13.24 -18.52 36.14
N PHE B 351 -13.67 -19.35 35.19
CA PHE B 351 -13.05 -19.35 33.87
C PHE B 351 -13.26 -18.08 33.04
N PRO B 352 -14.47 -17.48 32.92
CA PRO B 352 -14.54 -16.22 32.15
C PRO B 352 -13.79 -15.07 32.80
N GLN B 353 -13.66 -15.09 34.13
CA GLN B 353 -12.75 -14.18 34.81
C GLN B 353 -11.31 -14.44 34.38
N LYS B 354 -10.92 -15.71 34.37
CA LYS B 354 -9.53 -16.07 34.06
C LYS B 354 -9.22 -15.92 32.59
N PHE B 355 -10.17 -16.27 31.71
CA PHE B 355 -9.95 -16.18 30.27
C PHE B 355 -9.80 -14.73 29.82
N PHE B 356 -10.70 -13.85 30.27
CA PHE B 356 -10.75 -12.50 29.75
C PHE B 356 -9.58 -11.66 30.22
N TYR B 357 -9.11 -11.88 31.45
CA TYR B 357 -7.95 -11.15 31.94
C TYR B 357 -6.68 -11.53 31.18
N CYS B 358 -6.56 -12.81 30.81
CA CYS B 358 -5.35 -13.26 30.14
C CYS B 358 -5.42 -13.01 28.64
N PHE B 359 -6.60 -13.15 28.03
CA PHE B 359 -6.79 -12.78 26.63
C PHE B 359 -6.50 -11.30 26.41
N TRP B 360 -6.90 -10.45 27.36
CA TRP B 360 -6.66 -9.03 27.22
C TRP B 360 -5.20 -8.68 27.39
N TRP B 361 -4.48 -9.41 28.26
CA TRP B 361 -3.03 -9.26 28.35
C TRP B 361 -2.38 -9.56 27.00
N GLY B 362 -2.83 -10.62 26.34
CA GLY B 362 -2.28 -10.97 25.04
C GLY B 362 -2.63 -9.94 23.97
N LEU B 363 -3.85 -9.40 24.02
CA LEU B 363 -4.25 -8.41 23.03
C LEU B 363 -3.57 -7.07 23.27
N GLN B 364 -3.41 -6.69 24.54
CA GLN B 364 -2.76 -5.44 24.87
C GLN B 364 -1.29 -5.42 24.48
N ASN B 365 -0.62 -6.55 24.63
CA ASN B 365 0.81 -6.60 24.39
C ASN B 365 1.17 -6.99 22.96
N LEU B 366 0.27 -7.66 22.24
CA LEU B 366 0.52 -7.90 20.82
C LEU B 366 0.37 -6.63 20.01
N SER B 367 -0.69 -5.86 20.28
CA SER B 367 -0.91 -4.63 19.56
C SER B 367 0.00 -3.51 20.04
N SER B 368 0.61 -3.65 21.20
CA SER B 368 1.67 -2.74 21.63
C SER B 368 3.03 -3.17 21.13
N LEU B 369 3.15 -4.32 20.47
CA LEU B 369 4.42 -4.93 20.05
C LEU B 369 5.36 -5.14 21.23
N GLY B 370 4.82 -5.44 22.41
CA GLY B 370 5.62 -5.64 23.59
C GLY B 370 6.21 -4.40 24.23
N GLN B 371 5.62 -3.22 24.02
CA GLN B 371 6.18 -1.96 24.50
C GLN B 371 6.29 -1.90 26.01
N ASN B 372 5.22 -2.27 26.70
CA ASN B 372 5.07 -2.00 28.11
C ASN B 372 5.46 -3.19 28.97
N LEU B 373 6.10 -4.19 28.37
CA LEU B 373 6.58 -5.35 29.10
C LEU B 373 7.85 -4.97 29.86
N LYS B 374 7.73 -4.85 31.17
CA LYS B 374 8.89 -4.58 32.01
C LYS B 374 9.43 -5.93 32.48
N THR B 375 10.32 -6.50 31.68
CA THR B 375 10.85 -7.82 31.99
C THR B 375 11.87 -7.74 33.13
N SER B 376 12.14 -8.89 33.72
CA SER B 376 13.25 -9.05 34.63
C SER B 376 14.50 -9.42 33.82
N THR B 377 15.54 -9.87 34.50
CA THR B 377 16.75 -10.31 33.82
C THR B 377 16.71 -11.79 33.44
N TYR B 378 15.58 -12.45 33.66
CA TYR B 378 15.44 -13.86 33.31
C TYR B 378 15.37 -14.01 31.79
N ILE B 379 16.13 -14.98 31.27
CA ILE B 379 16.37 -15.06 29.83
C ILE B 379 15.12 -15.52 29.08
N TRP B 380 14.43 -16.55 29.59
CA TRP B 380 13.27 -17.07 28.88
C TRP B 380 12.06 -16.18 29.03
N GLU B 381 12.02 -15.34 30.05
CA GLU B 381 11.01 -14.28 30.11
C GLU B 381 11.27 -13.23 29.03
N ILE B 382 12.54 -12.91 28.81
CA ILE B 382 12.92 -11.97 27.75
C ILE B 382 12.61 -12.57 26.37
N CYS B 383 12.91 -13.86 26.19
CA CYS B 383 12.62 -14.54 24.93
C CYS B 383 11.13 -14.63 24.65
N PHE B 384 10.32 -14.77 25.70
CA PHE B 384 8.87 -14.69 25.55
C PHE B 384 8.44 -13.29 25.12
N ALA B 385 9.06 -12.25 25.68
CA ALA B 385 8.71 -10.88 25.35
C ALA B 385 9.21 -10.50 23.96
N VAL B 386 10.37 -11.03 23.55
CA VAL B 386 10.87 -10.84 22.20
C VAL B 386 9.92 -11.48 21.19
N PHE B 387 9.40 -12.67 21.53
CA PHE B 387 8.47 -13.37 20.65
C PHE B 387 7.13 -12.67 20.55
N ILE B 388 6.67 -12.03 21.63
CA ILE B 388 5.45 -11.23 21.57
C ILE B 388 5.66 -10.00 20.71
N SER B 389 6.84 -9.39 20.81
CA SER B 389 7.15 -8.19 20.03
C SER B 389 7.20 -8.49 18.54
N ILE B 390 7.84 -9.60 18.15
CA ILE B 390 7.96 -9.94 16.74
C ILE B 390 6.60 -10.36 16.17
N ALA B 391 5.84 -11.16 16.92
CA ALA B 391 4.55 -11.65 16.44
C ALA B 391 3.55 -10.52 16.26
N GLY B 392 3.56 -9.54 17.17
CA GLY B 392 2.72 -8.37 16.99
C GLY B 392 3.20 -7.48 15.87
N LEU B 393 4.51 -7.44 15.65
CA LEU B 393 5.09 -6.67 14.56
C LEU B 393 4.70 -7.26 13.21
N VAL B 394 4.65 -8.59 13.13
CA VAL B 394 4.20 -9.27 11.92
C VAL B 394 2.70 -9.13 11.75
N LEU B 395 1.94 -9.28 12.85
CA LEU B 395 0.49 -9.19 12.79
C LEU B 395 0.01 -7.79 12.43
N PHE B 396 0.62 -6.77 12.75
CA PHE B 396 0.22 -5.54 12.35
C PHE B 396 0.51 -5.11 11.01
N SER B 397 1.56 -5.55 10.43
CA SER B 397 1.90 -5.27 9.12
C SER B 397 1.00 -6.00 8.19
N PHE B 398 0.58 -7.18 8.43
CA PHE B 398 -0.41 -7.82 7.67
C PHE B 398 -1.75 -7.14 7.67
N LEU B 399 -2.26 -6.59 8.73
CA LEU B 399 -3.42 -5.81 8.75
C LEU B 399 -3.45 -4.58 8.07
N ILE B 400 -2.40 -3.90 8.09
CA ILE B 400 -2.33 -2.73 7.34
C ILE B 400 -2.31 -3.06 5.89
N GLY B 401 -1.74 -4.13 5.48
CA GLY B 401 -1.83 -4.57 4.16
C GLY B 401 -3.07 -5.14 3.71
N ASN B 402 -3.73 -5.90 4.49
CA ASN B 402 -4.98 -6.46 4.19
C ASN B 402 -6.07 -5.50 4.13
N MET B 403 -5.86 -4.33 4.52
CA MET B 403 -6.85 -3.34 4.56
C MET B 403 -6.70 -2.45 3.48
N GLN B 404 -5.53 -2.22 3.10
CA GLN B 404 -5.31 -1.50 1.99
C GLN B 404 -5.48 -2.27 0.76
N THR B 405 -5.64 -3.53 0.83
CA THR B 405 -5.95 -4.22 -0.30
C THR B 405 -7.42 -4.07 -0.37
N TYR B 406 -8.17 -4.29 0.64
CA TYR B 406 -9.55 -4.03 0.55
C TYR B 406 -9.86 -2.67 -0.01
N LEU B 407 -9.16 -1.62 0.32
CA LEU B 407 -9.47 -0.32 -0.10
C LEU B 407 -9.16 0.00 -1.46
N GLN B 408 -8.12 -0.55 -2.00
CA GLN B 408 -7.71 -0.35 -3.31
C GLN B 408 -8.46 -1.21 -4.28
N SER B 409 -9.14 -2.19 -3.85
CA SER B 409 -9.87 -3.05 -4.66
C SER B 409 -11.07 -2.39 -5.04
N THR B 410 -11.49 -1.53 -4.21
CA THR B 410 -12.71 -0.93 -4.48
C THR B 410 -12.55 0.40 -5.17
N THR B 411 -11.41 0.74 -5.74
CA THR B 411 -11.19 2.06 -6.30
C THR B 411 -10.46 2.05 -7.64
N THR B 412 -10.48 1.01 -8.43
CA THR B 412 -9.71 0.88 -9.69
C THR B 412 -10.25 1.75 -10.81
N ARG B 413 -11.53 1.70 -11.09
CA ARG B 413 -12.14 2.43 -12.20
C ARG B 413 -12.19 3.89 -11.78
N LEU B 414 -12.23 4.16 -10.50
CA LEU B 414 -12.39 5.49 -9.96
C LEU B 414 -11.06 6.21 -9.86
N GLU B 415 -10.02 5.46 -9.49
CA GLU B 415 -8.65 5.87 -9.78
C GLU B 415 -8.43 6.12 -11.26
N GLU B 416 -8.93 5.25 -12.13
CA GLU B 416 -8.67 5.39 -13.56
C GLU B 416 -9.37 6.61 -14.13
N MET B 417 -10.50 7.01 -13.53
CA MET B 417 -11.15 8.25 -13.93
C MET B 417 -10.38 9.48 -13.47
N ARG B 418 -9.80 9.42 -12.27
CA ARG B 418 -9.07 10.56 -11.73
C ARG B 418 -7.77 10.80 -12.48
N VAL B 419 -7.13 9.73 -12.96
CA VAL B 419 -5.91 9.88 -13.75
C VAL B 419 -6.26 10.47 -15.12
N LYS B 420 -7.37 10.02 -15.71
CA LYS B 420 -7.82 10.58 -16.98
C LYS B 420 -8.26 12.03 -16.84
N ARG B 421 -8.81 12.41 -15.69
CA ARG B 421 -9.18 13.79 -15.45
C ARG B 421 -7.95 14.66 -15.27
N ARG B 422 -6.94 14.17 -14.54
CA ARG B 422 -5.66 14.85 -14.42
C ARG B 422 -4.85 14.80 -15.71
N ASP B 423 -5.18 13.92 -16.65
CA ASP B 423 -4.58 13.92 -17.97
C ASP B 423 -5.26 14.90 -18.90
N ALA B 424 -6.57 15.11 -18.74
CA ALA B 424 -7.26 16.10 -19.56
C ALA B 424 -6.86 17.51 -19.16
N GLU B 425 -6.83 17.80 -17.86
CA GLU B 425 -6.08 18.94 -17.37
C GLU B 425 -4.59 18.71 -17.61
N GLN B 426 -3.86 19.81 -17.78
CA GLN B 426 -2.46 19.95 -18.20
C GLN B 426 -2.16 19.37 -19.58
N TRP B 427 -3.17 18.83 -20.28
CA TRP B 427 -3.11 18.76 -21.73
C TRP B 427 -3.80 19.99 -22.33
N MET B 428 -5.03 20.26 -21.89
CA MET B 428 -5.53 21.62 -21.89
C MET B 428 -4.75 22.40 -20.84
N SER B 429 -4.28 23.59 -21.21
CA SER B 429 -3.29 24.51 -20.59
C SER B 429 -1.86 24.09 -20.90
N HIS B 430 -1.64 23.01 -21.63
CA HIS B 430 -0.42 22.88 -22.42
C HIS B 430 -0.64 23.19 -23.89
N ARG B 431 -1.80 22.84 -24.42
CA ARG B 431 -2.21 23.26 -25.75
C ARG B 431 -2.85 24.64 -25.72
N LEU B 432 -3.09 25.18 -24.52
CA LEU B 432 -3.72 26.49 -24.28
C LEU B 432 -5.08 26.59 -24.97
N LEU B 433 -5.94 25.64 -24.66
CA LEU B 433 -7.26 25.58 -25.26
C LEU B 433 -8.14 26.69 -24.69
N PRO B 434 -9.05 27.24 -25.50
CA PRO B 434 -9.99 28.24 -24.98
C PRO B 434 -10.98 27.61 -24.02
N GLU B 435 -11.57 28.46 -23.18
CA GLU B 435 -12.42 27.95 -22.10
C GLU B 435 -13.75 27.40 -22.59
N ASN B 436 -14.18 27.75 -23.81
CA ASN B 436 -15.36 27.10 -24.37
C ASN B 436 -15.04 25.68 -24.82
N LEU B 437 -13.80 25.42 -25.19
CA LEU B 437 -13.40 24.07 -25.59
C LEU B 437 -13.12 23.20 -24.38
N ARG B 438 -12.52 23.79 -23.33
CA ARG B 438 -12.12 23.00 -22.17
C ARG B 438 -13.31 22.50 -21.36
N LYS B 439 -14.35 23.32 -21.24
CA LYS B 439 -15.44 22.94 -20.37
C LYS B 439 -16.42 22.02 -21.10
N ARG B 440 -16.35 22.00 -22.44
CA ARG B 440 -17.02 20.96 -23.22
C ARG B 440 -16.30 19.62 -23.09
N ILE B 441 -14.98 19.63 -22.92
CA ILE B 441 -14.23 18.40 -22.70
C ILE B 441 -14.56 17.84 -21.32
N ARG B 442 -14.58 18.70 -20.30
CA ARG B 442 -14.91 18.28 -18.95
C ARG B 442 -16.35 17.82 -18.84
N ARG B 443 -17.24 18.35 -19.68
CA ARG B 443 -18.63 17.95 -19.66
C ARG B 443 -18.81 16.54 -20.23
N TYR B 444 -18.12 16.23 -21.32
CA TYR B 444 -18.24 14.92 -21.94
C TYR B 444 -17.60 13.84 -21.07
N GLU B 445 -16.43 14.13 -20.50
CA GLU B 445 -15.73 13.13 -19.71
C GLU B 445 -16.42 12.86 -18.38
N GLN B 446 -17.20 13.82 -17.88
CA GLN B 446 -18.00 13.59 -16.69
C GLN B 446 -19.32 12.90 -17.04
N TYR B 447 -19.85 13.17 -18.24
CA TYR B 447 -21.06 12.50 -18.70
C TYR B 447 -20.77 11.04 -19.04
N LYS B 448 -19.62 10.78 -19.67
CA LYS B 448 -19.21 9.40 -19.94
C LYS B 448 -18.94 8.64 -18.65
N TRP B 449 -18.45 9.34 -17.62
CA TRP B 449 -18.16 8.68 -16.36
C TRP B 449 -19.43 8.30 -15.61
N GLN B 450 -20.45 9.16 -15.60
CA GLN B 450 -21.62 8.87 -14.78
C GLN B 450 -22.56 7.89 -15.49
N GLU B 451 -22.37 7.69 -16.79
CA GLU B 451 -23.11 6.67 -17.51
C GLU B 451 -22.42 5.31 -17.47
N THR B 452 -21.15 5.26 -17.86
CA THR B 452 -20.47 3.99 -18.05
C THR B 452 -19.68 3.53 -16.85
N ARG B 453 -19.22 4.46 -16.00
CA ARG B 453 -18.31 4.21 -14.86
C ARG B 453 -17.05 3.48 -15.30
N GLY B 454 -16.49 3.89 -16.43
CA GLY B 454 -15.26 3.33 -16.93
C GLY B 454 -15.39 2.01 -17.65
N VAL B 455 -16.58 1.44 -17.73
CA VAL B 455 -16.78 0.13 -18.34
C VAL B 455 -16.84 0.31 -19.85
N ASP B 456 -15.98 -0.40 -20.56
CA ASP B 456 -16.07 -0.48 -22.01
C ASP B 456 -17.08 -1.56 -22.36
N GLU B 457 -18.20 -1.15 -22.95
CA GLU B 457 -19.31 -2.07 -23.19
C GLU B 457 -18.98 -3.06 -24.29
N GLU B 458 -18.30 -2.61 -25.34
CA GLU B 458 -17.97 -3.50 -26.45
C GLU B 458 -16.92 -4.53 -26.06
N ASN B 459 -15.98 -4.16 -25.19
CA ASN B 459 -15.02 -5.14 -24.69
C ASN B 459 -15.67 -6.11 -23.71
N LEU B 460 -16.67 -5.65 -22.97
CA LEU B 460 -17.40 -6.53 -22.06
C LEU B 460 -18.26 -7.52 -22.83
N LEU B 461 -18.88 -7.09 -23.92
CA LEU B 461 -19.76 -7.95 -24.68
C LEU B 461 -18.98 -8.92 -25.57
N SER B 462 -17.80 -8.53 -26.03
CA SER B 462 -17.02 -9.39 -26.92
C SER B 462 -16.38 -10.56 -26.18
N ASN B 463 -16.21 -10.46 -24.88
CA ASN B 463 -15.67 -11.54 -24.07
C ASN B 463 -16.75 -12.48 -23.56
N LEU B 464 -17.96 -12.37 -24.07
CA LEU B 464 -19.09 -13.24 -23.78
C LEU B 464 -19.30 -14.19 -24.95
N PRO B 465 -19.95 -15.34 -24.74
CA PRO B 465 -20.21 -16.26 -25.85
C PRO B 465 -21.19 -15.68 -26.87
N LYS B 466 -21.16 -16.25 -28.07
CA LYS B 466 -21.82 -15.61 -29.20
C LYS B 466 -23.34 -15.70 -29.13
N ASP B 467 -23.90 -16.62 -28.37
CA ASP B 467 -25.36 -16.65 -28.22
C ASP B 467 -25.81 -15.83 -27.03
N LEU B 468 -24.96 -15.67 -26.03
CA LEU B 468 -25.28 -14.83 -24.89
C LEU B 468 -25.14 -13.35 -25.26
N ARG B 469 -24.12 -13.04 -26.05
CA ARG B 469 -23.97 -11.69 -26.61
C ARG B 469 -25.08 -11.36 -27.59
N ARG B 470 -25.63 -12.38 -28.26
CA ARG B 470 -26.75 -12.15 -29.18
C ARG B 470 -28.04 -11.86 -28.42
N ASP B 471 -28.25 -12.54 -27.29
CA ASP B 471 -29.47 -12.33 -26.51
C ASP B 471 -29.47 -11.00 -25.80
N ILE B 472 -28.30 -10.46 -25.48
CA ILE B 472 -28.23 -9.13 -24.86
C ILE B 472 -28.54 -8.05 -25.89
N LYS B 473 -27.90 -8.14 -27.06
CA LYS B 473 -28.06 -7.11 -28.08
C LYS B 473 -29.41 -7.18 -28.77
N ARG B 474 -30.11 -8.32 -28.71
CA ARG B 474 -31.49 -8.37 -29.15
C ARG B 474 -32.44 -7.78 -28.12
N HIS B 475 -32.02 -7.69 -26.87
CA HIS B 475 -32.84 -7.00 -25.88
C HIS B 475 -32.66 -5.49 -25.97
N LEU B 476 -31.42 -5.04 -26.20
CA LEU B 476 -31.12 -3.62 -26.21
C LEU B 476 -31.48 -2.97 -27.54
N CYS B 477 -31.14 -3.60 -28.65
CA CYS B 477 -31.07 -2.92 -29.93
C CYS B 477 -32.17 -3.31 -30.91
N LEU B 478 -32.86 -4.43 -30.70
CA LEU B 478 -33.77 -4.93 -31.74
C LEU B 478 -35.06 -4.13 -31.80
N ALA B 479 -35.59 -3.72 -30.64
CA ALA B 479 -36.81 -2.91 -30.63
C ALA B 479 -36.56 -1.52 -31.20
N LEU B 480 -35.33 -1.03 -31.09
CA LEU B 480 -34.97 0.24 -31.73
C LEU B 480 -34.88 0.11 -33.24
N LEU B 481 -34.48 -1.06 -33.74
CA LEU B 481 -34.39 -1.27 -35.18
C LEU B 481 -35.74 -1.53 -35.84
N MET B 482 -36.77 -1.89 -35.06
CA MET B 482 -38.10 -2.13 -35.60
C MET B 482 -38.90 -0.86 -35.82
N ARG B 483 -38.33 0.30 -35.50
CA ARG B 483 -38.98 1.56 -35.77
C ARG B 483 -38.51 2.19 -37.08
N VAL B 484 -37.44 1.68 -37.67
CA VAL B 484 -37.11 2.02 -39.06
C VAL B 484 -38.06 1.26 -39.97
N PRO B 485 -38.77 1.95 -40.88
CA PRO B 485 -39.82 1.27 -41.66
C PRO B 485 -39.33 0.31 -42.73
N MET B 486 -38.02 0.17 -42.93
CA MET B 486 -37.53 -0.86 -43.82
C MET B 486 -37.12 -2.14 -43.09
N PHE B 487 -36.58 -2.03 -41.88
CA PHE B 487 -35.90 -3.14 -41.21
C PHE B 487 -36.80 -4.28 -40.77
N GLU B 488 -38.13 -4.16 -40.90
CA GLU B 488 -38.97 -5.33 -40.62
C GLU B 488 -38.93 -6.33 -41.76
N LYS B 489 -38.48 -5.90 -42.95
CA LYS B 489 -38.40 -6.77 -44.13
C LYS B 489 -37.30 -7.81 -44.03
N MET B 490 -36.43 -7.72 -43.04
CA MET B 490 -35.33 -8.66 -42.89
C MET B 490 -35.73 -9.76 -41.93
N ASP B 491 -34.96 -10.84 -41.94
CA ASP B 491 -35.22 -12.00 -41.10
C ASP B 491 -34.45 -11.87 -39.80
N GLU B 492 -34.46 -12.92 -38.99
CA GLU B 492 -33.61 -13.00 -37.80
C GLU B 492 -32.23 -13.56 -38.11
N GLN B 493 -31.72 -13.34 -39.33
CA GLN B 493 -30.32 -13.59 -39.66
C GLN B 493 -29.57 -12.34 -40.11
N LEU B 494 -30.27 -11.29 -40.50
CA LEU B 494 -29.64 -10.07 -40.99
C LEU B 494 -29.78 -8.93 -39.98
N LEU B 495 -30.89 -8.91 -39.25
CA LEU B 495 -31.04 -8.00 -38.13
C LEU B 495 -30.13 -8.40 -36.98
N ASP B 496 -29.82 -9.70 -36.89
CA ASP B 496 -28.82 -10.14 -35.92
C ASP B 496 -27.42 -9.73 -36.33
N ALA B 497 -27.19 -9.48 -37.61
CA ALA B 497 -25.95 -8.84 -38.03
C ALA B 497 -25.96 -7.35 -37.72
N LEU B 498 -27.15 -6.74 -37.64
CA LEU B 498 -27.25 -5.33 -37.35
C LEU B 498 -27.16 -5.04 -35.86
N CYS B 499 -27.75 -5.90 -35.03
CA CYS B 499 -27.61 -5.75 -33.58
C CYS B 499 -26.18 -5.98 -33.12
N ASP B 500 -25.44 -6.83 -33.85
CA ASP B 500 -24.03 -7.06 -33.55
C ASP B 500 -23.17 -5.84 -33.86
N ARG B 501 -23.60 -4.98 -34.78
CA ARG B 501 -22.78 -3.85 -35.21
C ARG B 501 -23.24 -2.52 -34.65
N LEU B 502 -24.25 -2.50 -33.79
CA LEU B 502 -24.68 -1.26 -33.15
C LEU B 502 -23.79 -0.95 -31.97
N GLN B 503 -23.19 0.23 -31.97
CA GLN B 503 -22.29 0.66 -30.92
C GLN B 503 -22.90 1.81 -30.12
N PRO B 504 -22.80 1.78 -28.80
CA PRO B 504 -23.40 2.84 -27.98
C PRO B 504 -22.57 4.12 -28.03
N VAL B 505 -23.25 5.24 -28.23
CA VAL B 505 -22.61 6.55 -28.25
C VAL B 505 -23.29 7.45 -27.23
N LEU B 506 -22.56 8.48 -26.81
CA LEU B 506 -23.04 9.44 -25.84
C LEU B 506 -22.90 10.84 -26.42
N TYR B 507 -23.87 11.70 -26.13
CA TYR B 507 -23.85 13.09 -26.58
C TYR B 507 -24.32 13.98 -25.45
N THR B 508 -23.53 15.00 -25.13
CA THR B 508 -23.94 16.00 -24.15
C THR B 508 -24.91 16.99 -24.77
N GLU B 509 -25.32 17.96 -23.98
CA GLU B 509 -26.13 19.06 -24.50
C GLU B 509 -25.24 20.05 -25.25
N GLU B 510 -25.87 20.81 -26.15
CA GLU B 510 -25.31 21.63 -27.24
C GLU B 510 -24.58 20.84 -28.32
N SER B 511 -24.51 19.51 -28.21
CA SER B 511 -23.61 18.74 -29.07
C SER B 511 -24.23 18.52 -30.44
N TYR B 512 -23.43 18.80 -31.47
CA TYR B 512 -23.87 18.62 -32.84
C TYR B 512 -23.62 17.19 -33.28
N ILE B 513 -24.68 16.53 -33.73
CA ILE B 513 -24.54 15.20 -34.31
C ILE B 513 -23.95 15.28 -35.70
N VAL B 514 -24.59 16.08 -36.55
CA VAL B 514 -24.14 16.32 -37.91
C VAL B 514 -24.58 17.73 -38.26
N ARG B 515 -23.88 18.34 -39.21
CA ARG B 515 -24.25 19.64 -39.75
C ARG B 515 -24.55 19.47 -41.22
N GLU B 516 -25.29 20.44 -41.77
CA GLU B 516 -25.65 20.39 -43.18
C GLU B 516 -24.41 20.66 -44.03
N GLY B 517 -24.09 19.71 -44.91
CA GLY B 517 -22.89 19.76 -45.70
C GLY B 517 -21.86 18.70 -45.38
N ASP B 518 -21.90 18.12 -44.16
CA ASP B 518 -20.95 17.09 -43.77
C ASP B 518 -21.36 15.75 -44.36
N PRO B 519 -20.41 14.86 -44.64
CA PRO B 519 -20.78 13.48 -45.00
C PRO B 519 -21.29 12.73 -43.79
N VAL B 520 -22.27 11.87 -44.02
CA VAL B 520 -22.94 11.14 -42.95
C VAL B 520 -22.22 9.81 -42.73
N ASP B 521 -21.55 9.69 -41.59
CA ASP B 521 -20.85 8.45 -41.23
C ASP B 521 -21.75 7.45 -40.52
N GLU B 522 -22.65 7.92 -39.66
CA GLU B 522 -23.37 7.07 -38.73
C GLU B 522 -24.86 7.09 -39.02
N MET B 523 -25.55 6.10 -38.47
CA MET B 523 -27.00 6.10 -38.38
C MET B 523 -27.36 5.87 -36.92
N LEU B 524 -27.95 6.87 -36.28
CA LEU B 524 -28.23 6.78 -34.86
C LEU B 524 -29.58 6.14 -34.61
N PHE B 525 -29.73 5.58 -33.41
CA PHE B 525 -30.99 5.02 -32.93
C PHE B 525 -31.11 5.50 -31.49
N ILE B 526 -31.94 6.50 -31.28
CA ILE B 526 -31.93 7.28 -30.04
C ILE B 526 -32.56 6.48 -28.91
N MET B 527 -31.82 6.33 -27.81
CA MET B 527 -32.35 5.73 -26.59
C MET B 527 -32.90 6.77 -25.62
N ARG B 528 -32.25 7.92 -25.53
CA ARG B 528 -32.56 8.92 -24.51
C ARG B 528 -32.31 10.29 -25.10
N GLY B 529 -32.99 11.28 -24.55
CA GLY B 529 -32.73 12.67 -24.89
C GLY B 529 -33.52 13.14 -26.09
N LYS B 530 -33.58 14.46 -26.22
CA LYS B 530 -34.30 15.13 -27.30
C LYS B 530 -33.30 15.78 -28.24
N LEU B 531 -33.61 15.78 -29.53
CA LEU B 531 -32.69 16.28 -30.55
C LEU B 531 -33.44 17.18 -31.52
N LEU B 532 -32.99 18.42 -31.63
CA LEU B 532 -33.55 19.38 -32.57
C LEU B 532 -32.77 19.30 -33.88
N THR B 533 -33.47 18.96 -34.96
CA THR B 533 -32.88 18.93 -36.29
C THR B 533 -33.49 20.02 -37.15
N ILE B 534 -32.64 20.74 -37.88
CA ILE B 534 -33.05 21.83 -38.75
C ILE B 534 -32.50 21.57 -40.15
N THR B 535 -33.00 22.35 -41.11
CA THR B 535 -32.50 22.30 -42.46
C THR B 535 -32.74 23.64 -43.15
N THR B 536 -31.81 23.99 -44.04
CA THR B 536 -31.97 25.14 -44.93
C THR B 536 -31.99 24.74 -46.40
N ASN B 537 -31.84 23.45 -46.72
CA ASN B 537 -32.12 22.86 -48.02
C ASN B 537 -31.21 23.42 -49.12
N LEU B 544 -37.62 26.44 -44.50
CA LEU B 544 -37.02 25.75 -43.37
C LEU B 544 -38.11 25.22 -42.47
N ASN B 545 -37.79 24.14 -41.75
CA ASN B 545 -38.69 23.53 -40.78
C ASN B 545 -37.85 22.76 -39.78
N SER B 546 -38.23 22.83 -38.51
CA SER B 546 -37.47 22.22 -37.43
C SER B 546 -38.24 21.03 -36.88
N GLU B 547 -37.70 19.83 -37.09
CA GLU B 547 -38.27 18.62 -36.53
C GLU B 547 -37.61 18.30 -35.19
N TYR B 548 -38.10 17.25 -34.54
CA TYR B 548 -37.59 16.84 -33.24
C TYR B 548 -37.45 15.32 -33.21
N LEU B 549 -36.33 14.85 -32.66
CA LEU B 549 -36.07 13.42 -32.52
C LEU B 549 -36.05 13.07 -31.04
N GLY B 550 -36.95 12.17 -30.63
CA GLY B 550 -37.00 11.68 -29.28
C GLY B 550 -36.51 10.25 -29.15
N ALA B 551 -36.85 9.63 -28.02
CA ALA B 551 -36.48 8.24 -27.80
C ALA B 551 -37.28 7.34 -28.71
N GLY B 552 -36.57 6.48 -29.44
CA GLY B 552 -37.16 5.63 -30.44
C GLY B 552 -36.97 6.12 -31.86
N ASP B 553 -36.82 7.44 -32.04
CA ASP B 553 -36.57 7.96 -33.37
C ASP B 553 -35.12 7.68 -33.78
N PHE B 554 -34.84 7.89 -35.06
CA PHE B 554 -33.56 7.52 -35.61
C PHE B 554 -33.08 8.61 -36.56
N CYS B 555 -31.78 8.87 -36.52
CA CYS B 555 -31.14 9.85 -37.37
C CYS B 555 -30.22 9.16 -38.35
N GLY B 556 -29.96 9.81 -39.47
CA GLY B 556 -29.07 9.28 -40.48
C GLY B 556 -29.71 8.37 -41.51
N GLU B 557 -31.00 8.53 -41.80
CA GLU B 557 -31.68 7.69 -42.78
C GLU B 557 -31.37 8.08 -44.23
N GLU B 558 -30.47 9.02 -44.45
CA GLU B 558 -29.93 9.27 -45.77
C GLU B 558 -29.00 8.16 -46.19
N LEU B 559 -28.43 7.45 -45.21
CA LEU B 559 -27.32 6.53 -45.41
C LEU B 559 -27.77 5.12 -45.77
N LEU B 560 -29.04 4.76 -45.48
CA LEU B 560 -29.49 3.43 -45.85
C LEU B 560 -29.65 3.29 -47.35
N THR B 561 -30.21 4.31 -48.00
CA THR B 561 -30.39 4.27 -49.45
C THR B 561 -29.06 4.33 -50.19
N TRP B 562 -28.03 4.93 -49.56
CA TRP B 562 -26.70 4.87 -50.12
C TRP B 562 -26.12 3.47 -50.02
N ALA B 563 -26.26 2.85 -48.84
CA ALA B 563 -25.80 1.49 -48.63
C ALA B 563 -26.94 0.50 -48.83
N LEU B 564 -27.62 0.63 -49.98
CA LEU B 564 -28.40 -0.45 -50.56
C LEU B 564 -28.15 -0.53 -52.05
N ASP B 565 -27.84 0.63 -52.67
CA ASP B 565 -27.56 0.65 -54.10
C ASP B 565 -26.22 -0.04 -54.35
N PRO B 566 -26.20 -1.12 -55.15
CA PRO B 566 -25.06 -2.04 -55.16
C PRO B 566 -23.75 -1.45 -55.71
N SER B 568 -23.13 2.08 -56.11
CA SER B 568 -23.13 3.52 -55.89
C SER B 568 -21.72 4.03 -55.63
N SER B 569 -21.63 5.33 -55.35
CA SER B 569 -20.35 5.93 -55.02
C SER B 569 -19.91 5.48 -53.61
N SER B 570 -18.60 5.43 -53.40
CA SER B 570 -18.06 5.15 -52.08
C SER B 570 -18.01 6.38 -51.20
N ASN B 571 -18.17 7.57 -51.77
CA ASN B 571 -18.26 8.78 -50.98
C ASN B 571 -19.62 8.83 -50.29
N LEU B 572 -19.63 9.25 -49.02
CA LEU B 572 -20.83 9.21 -48.22
C LEU B 572 -21.82 10.31 -48.66
N PRO B 573 -23.12 10.08 -48.47
CA PRO B 573 -24.10 11.11 -48.82
C PRO B 573 -23.99 12.33 -47.93
N ILE B 574 -24.24 13.49 -48.52
CA ILE B 574 -24.11 14.77 -47.87
C ILE B 574 -25.35 15.01 -47.02
N SER B 575 -25.15 15.41 -45.76
CA SER B 575 -26.26 15.62 -44.84
C SER B 575 -27.11 16.81 -45.28
N THR B 576 -28.42 16.58 -45.35
CA THR B 576 -29.39 17.62 -45.63
C THR B 576 -29.91 18.28 -44.36
N ARG B 577 -29.58 17.72 -43.19
CA ARG B 577 -30.05 18.24 -41.92
C ARG B 577 -28.87 18.56 -41.02
N THR B 578 -29.10 19.46 -40.06
CA THR B 578 -28.16 19.74 -38.99
C THR B 578 -28.83 19.32 -37.68
N VAL B 579 -28.33 18.25 -37.08
CA VAL B 579 -28.93 17.67 -35.88
C VAL B 579 -28.10 18.07 -34.69
N ARG B 580 -28.76 18.56 -33.64
CA ARG B 580 -28.09 19.03 -32.43
C ARG B 580 -28.86 18.52 -31.21
N ALA B 581 -28.11 18.09 -30.20
CA ALA B 581 -28.72 17.56 -28.99
C ALA B 581 -29.22 18.70 -28.10
N LEU B 582 -30.34 18.44 -27.43
CA LEU B 582 -30.94 19.37 -26.49
C LEU B 582 -30.78 18.96 -25.04
N MET B 583 -30.53 17.68 -24.80
CA MET B 583 -30.34 17.12 -23.47
C MET B 583 -29.29 16.02 -23.66
N GLU B 584 -28.84 15.39 -22.57
CA GLU B 584 -27.95 14.23 -22.64
C GLU B 584 -28.59 13.13 -23.48
N VAL B 585 -27.90 12.71 -24.53
CA VAL B 585 -28.42 11.76 -25.51
C VAL B 585 -27.63 10.46 -25.40
N GLU B 586 -28.35 9.37 -25.20
CA GLU B 586 -27.83 8.03 -25.42
C GLU B 586 -28.39 7.51 -26.74
N ALA B 587 -27.53 6.88 -27.54
CA ALA B 587 -27.96 6.35 -28.81
C ALA B 587 -27.10 5.15 -29.18
N PHE B 588 -27.52 4.45 -30.23
CA PHE B 588 -26.74 3.38 -30.82
C PHE B 588 -26.35 3.80 -32.23
N ALA B 589 -25.07 3.68 -32.55
CA ALA B 589 -24.54 4.14 -33.82
C ALA B 589 -24.35 2.97 -34.77
N LEU B 590 -24.73 3.19 -36.03
CA LEU B 590 -24.52 2.23 -37.10
C LEU B 590 -23.60 2.86 -38.13
N LYS B 591 -22.38 2.34 -38.22
CA LYS B 591 -21.37 2.90 -39.12
C LYS B 591 -21.72 2.59 -40.58
N ALA B 592 -21.05 3.32 -41.48
CA ALA B 592 -21.38 3.24 -42.89
C ALA B 592 -20.95 1.92 -43.52
N ASP B 593 -19.73 1.47 -43.22
CA ASP B 593 -19.26 0.20 -43.76
C ASP B 593 -19.92 -1.00 -43.09
N ASP B 594 -20.36 -0.85 -41.84
CA ASP B 594 -21.12 -1.91 -41.19
C ASP B 594 -22.52 -2.01 -41.76
N LEU B 595 -23.07 -0.89 -42.23
CA LEU B 595 -24.32 -0.95 -43.00
C LEU B 595 -24.06 -1.45 -44.42
N LYS B 596 -22.85 -1.22 -44.95
CA LYS B 596 -22.52 -1.67 -46.30
C LYS B 596 -22.34 -3.19 -46.35
N PHE B 597 -21.92 -3.79 -45.23
CA PHE B 597 -21.89 -5.26 -45.17
C PHE B 597 -23.30 -5.83 -45.19
N VAL B 598 -24.22 -5.21 -44.46
CA VAL B 598 -25.59 -5.72 -44.33
C VAL B 598 -26.33 -5.59 -45.67
N ALA B 599 -25.92 -4.64 -46.50
CA ALA B 599 -26.48 -4.46 -47.84
C ALA B 599 -26.18 -5.61 -48.79
N SER B 600 -25.05 -6.30 -48.62
CA SER B 600 -24.70 -7.36 -49.55
C SER B 600 -25.55 -8.60 -49.32
N GLN B 601 -26.03 -8.82 -48.11
CA GLN B 601 -26.97 -9.91 -47.86
C GLN B 601 -28.43 -9.43 -47.89
N PHE B 602 -28.77 -8.64 -48.91
CA PHE B 602 -30.15 -8.19 -49.10
C PHE B 602 -30.30 -7.75 -50.55
N ARG B 603 -31.25 -8.35 -51.25
CA ARG B 603 -31.29 -8.31 -52.70
C ARG B 603 -32.67 -7.95 -53.25
N ILE C 84 -43.61 15.47 -7.56
CA ILE C 84 -43.08 14.12 -7.47
C ILE C 84 -41.72 14.08 -8.16
N LEU C 85 -40.73 13.51 -7.47
CA LEU C 85 -39.35 13.51 -7.96
C LEU C 85 -38.80 12.10 -8.11
N ASP C 86 -37.63 12.00 -8.74
CA ASP C 86 -36.90 10.76 -8.93
C ASP C 86 -35.52 10.85 -8.26
N PRO C 87 -34.88 9.72 -7.87
CA PRO C 87 -33.65 9.80 -7.05
C PRO C 87 -32.43 10.42 -7.74
N GLN C 88 -32.41 10.49 -9.06
CA GLN C 88 -31.35 11.21 -9.77
C GLN C 88 -31.79 12.60 -10.17
N GLY C 89 -32.97 13.05 -9.73
CA GLY C 89 -33.41 14.39 -10.01
C GLY C 89 -32.58 15.40 -9.24
N PRO C 90 -32.52 16.65 -9.73
CA PRO C 90 -31.53 17.60 -9.19
C PRO C 90 -31.88 18.11 -7.81
N PHE C 91 -33.15 18.02 -7.40
CA PHE C 91 -33.53 18.48 -6.07
C PHE C 91 -33.08 17.48 -5.00
N LEU C 92 -33.44 16.20 -5.16
CA LEU C 92 -33.08 15.15 -4.21
C LEU C 92 -31.57 14.90 -4.13
N GLN C 93 -30.88 14.91 -5.28
CA GLN C 93 -29.47 14.53 -5.35
C GLN C 93 -28.55 15.56 -4.71
N ARG C 94 -29.05 16.78 -4.53
CA ARG C 94 -28.37 17.81 -3.75
C ARG C 94 -28.92 17.93 -2.34
N TRP C 95 -30.14 17.43 -2.11
CA TRP C 95 -30.72 17.51 -0.77
C TRP C 95 -30.45 16.24 0.06
N ASN C 96 -30.28 15.08 -0.59
CA ASN C 96 -29.95 13.84 0.12
C ASN C 96 -28.45 13.67 0.35
N LYS C 97 -27.66 14.71 0.14
CA LYS C 97 -26.30 14.77 0.66
C LYS C 97 -26.23 15.55 1.95
N ILE C 98 -27.23 16.40 2.21
CA ILE C 98 -27.38 17.03 3.50
C ILE C 98 -27.97 16.06 4.52
N PHE C 99 -28.72 15.05 4.05
CA PHE C 99 -29.29 14.04 4.93
C PHE C 99 -28.25 13.08 5.47
N VAL C 100 -27.24 12.74 4.65
CA VAL C 100 -26.18 11.90 5.16
C VAL C 100 -25.24 12.70 6.04
N LEU C 101 -25.20 14.03 5.89
CA LEU C 101 -24.44 14.89 6.79
C LEU C 101 -25.12 15.03 8.14
N ALA C 102 -26.44 15.20 8.16
CA ALA C 102 -27.19 15.32 9.39
C ALA C 102 -27.35 13.99 10.13
N CYS C 103 -26.94 12.87 9.52
CA CYS C 103 -26.89 11.59 10.21
C CYS C 103 -25.51 11.31 10.79
N ILE C 104 -24.53 12.17 10.54
CA ILE C 104 -23.25 12.09 11.24
C ILE C 104 -23.29 13.09 12.38
N ILE C 105 -23.98 14.21 12.15
CA ILE C 105 -24.25 15.16 13.24
C ILE C 105 -25.12 14.50 14.31
N ALA C 106 -26.04 13.62 13.90
CA ALA C 106 -26.93 12.96 14.85
C ALA C 106 -26.19 11.98 15.74
N VAL C 107 -25.26 11.21 15.19
CA VAL C 107 -24.49 10.28 16.01
C VAL C 107 -23.33 10.96 16.73
N SER C 108 -23.03 12.21 16.39
CA SER C 108 -22.05 13.01 17.12
C SER C 108 -22.67 13.76 18.28
N LEU C 109 -23.96 13.55 18.57
CA LEU C 109 -24.62 14.21 19.67
C LEU C 109 -25.36 13.24 20.59
N ASP C 110 -25.49 11.98 20.23
CA ASP C 110 -26.03 10.95 21.11
C ASP C 110 -25.18 10.68 22.35
N PRO C 111 -23.83 10.70 22.33
CA PRO C 111 -23.11 10.56 23.60
C PRO C 111 -23.16 11.77 24.52
N LEU C 112 -23.78 12.88 24.10
CA LEU C 112 -23.94 14.02 24.99
C LEU C 112 -24.89 13.75 26.14
N PHE C 113 -25.78 12.76 26.00
CA PHE C 113 -26.64 12.35 27.12
C PHE C 113 -25.87 11.57 28.16
N PHE C 114 -24.69 11.05 27.83
CA PHE C 114 -23.87 10.35 28.80
C PHE C 114 -23.17 11.32 29.74
N TYR C 115 -23.03 12.59 29.35
CA TYR C 115 -22.46 13.62 30.19
C TYR C 115 -23.48 14.23 31.15
N VAL C 116 -24.72 13.77 31.12
CA VAL C 116 -25.79 14.29 31.97
C VAL C 116 -25.69 13.82 33.42
N PRO C 117 -25.42 12.54 33.77
CA PRO C 117 -25.25 12.22 35.19
C PRO C 117 -23.98 12.82 35.77
N ILE C 118 -24.08 13.15 37.05
CA ILE C 118 -23.03 13.91 37.73
C ILE C 118 -22.85 13.29 39.11
N ILE C 119 -21.67 13.46 39.67
CA ILE C 119 -21.39 13.01 41.02
C ILE C 119 -20.98 14.21 41.84
N ASP C 120 -21.72 14.47 42.93
CA ASP C 120 -21.29 15.45 43.91
C ASP C 120 -20.53 14.74 45.02
N ASP C 121 -19.21 14.91 45.01
CA ASP C 121 -18.26 14.14 45.80
C ASP C 121 -18.25 14.56 47.27
N ALA C 122 -18.72 15.77 47.59
CA ALA C 122 -18.83 16.17 48.99
C ALA C 122 -19.92 15.37 49.70
N LYS C 123 -21.12 15.35 49.13
CA LYS C 123 -22.24 14.63 49.71
C LYS C 123 -22.28 13.17 49.31
N LYS C 124 -21.40 12.73 48.40
CA LYS C 124 -21.31 11.35 47.90
C LYS C 124 -22.62 10.88 47.28
N CYS C 125 -23.16 11.70 46.37
CA CYS C 125 -24.44 11.46 45.74
C CYS C 125 -24.31 11.53 44.23
N LEU C 126 -25.11 10.72 43.54
CA LEU C 126 -25.24 10.79 42.10
C LEU C 126 -26.29 11.84 41.75
N GLY C 127 -25.95 12.74 40.84
CA GLY C 127 -26.87 13.81 40.49
C GLY C 127 -27.10 13.96 39.01
N ILE C 128 -27.76 15.05 38.62
CA ILE C 128 -28.08 15.34 37.23
C ILE C 128 -27.52 16.71 36.88
N ASP C 129 -26.80 16.79 35.76
CA ASP C 129 -26.42 18.07 35.19
C ASP C 129 -27.61 18.58 34.39
N LYS C 130 -28.31 19.58 34.93
CA LYS C 130 -29.57 20.02 34.33
C LYS C 130 -29.36 20.82 33.05
N LYS C 131 -28.30 21.61 32.97
CA LYS C 131 -28.07 22.39 31.77
C LYS C 131 -27.42 21.56 30.66
N MET C 132 -26.72 20.49 31.01
CA MET C 132 -26.32 19.51 30.01
C MET C 132 -27.52 18.73 29.50
N GLU C 133 -28.53 18.56 30.35
CA GLU C 133 -29.71 17.82 30.00
C GLU C 133 -30.57 18.58 28.99
N ILE C 134 -30.52 19.92 29.04
CA ILE C 134 -31.21 20.75 28.07
C ILE C 134 -30.41 20.86 26.77
N THR C 135 -29.09 20.97 26.89
CA THR C 135 -28.22 21.13 25.72
C THR C 135 -28.25 19.89 24.84
N ALA C 136 -28.26 18.71 25.45
CA ALA C 136 -28.32 17.49 24.66
C ALA C 136 -29.71 17.26 24.08
N SER C 137 -30.75 17.78 24.73
CA SER C 137 -32.11 17.57 24.24
C SER C 137 -32.45 18.45 23.04
N VAL C 138 -31.94 19.68 23.00
CA VAL C 138 -32.24 20.55 21.88
C VAL C 138 -31.25 20.37 20.72
N LEU C 139 -30.07 19.83 20.98
CA LEU C 139 -29.18 19.47 19.89
C LEU C 139 -29.63 18.19 19.20
N ARG C 140 -30.29 17.30 19.95
CA ARG C 140 -30.86 16.11 19.33
C ARG C 140 -32.16 16.42 18.61
N SER C 141 -32.95 17.36 19.13
CA SER C 141 -34.20 17.72 18.48
C SER C 141 -33.95 18.41 17.16
N PHE C 142 -33.01 19.35 17.12
CA PHE C 142 -32.73 20.14 15.93
C PHE C 142 -32.03 19.34 14.83
N THR C 143 -31.54 18.14 15.13
CA THR C 143 -31.16 17.21 14.09
C THR C 143 -32.17 16.09 13.89
N ASP C 144 -33.20 16.00 14.74
CA ASP C 144 -34.29 15.06 14.48
C ASP C 144 -35.54 15.73 13.93
N VAL C 145 -35.68 17.06 14.00
CA VAL C 145 -36.48 17.66 12.94
C VAL C 145 -35.51 18.13 11.86
N PHE C 146 -34.85 17.17 11.25
CA PHE C 146 -34.21 17.32 9.97
C PHE C 146 -34.23 15.98 9.23
N TYR C 147 -34.82 14.95 9.82
CA TYR C 147 -34.92 13.63 9.23
C TYR C 147 -36.37 13.19 9.08
N VAL C 148 -37.33 13.88 9.69
CA VAL C 148 -38.72 13.77 9.28
C VAL C 148 -38.93 14.35 7.89
N LEU C 149 -38.08 15.31 7.51
CA LEU C 149 -37.96 15.82 6.16
C LEU C 149 -37.43 14.79 5.18
N HIS C 150 -36.68 13.79 5.65
CA HIS C 150 -36.32 12.65 4.81
C HIS C 150 -37.49 11.69 4.67
N ILE C 151 -38.33 11.60 5.71
CA ILE C 151 -39.47 10.69 5.68
C ILE C 151 -40.53 11.20 4.69
N ILE C 152 -40.76 12.51 4.68
CA ILE C 152 -41.72 13.06 3.73
C ILE C 152 -41.12 13.20 2.32
N PHE C 153 -39.80 13.11 2.18
CA PHE C 153 -39.18 13.12 0.85
C PHE C 153 -38.93 11.70 0.34
N GLN C 154 -39.46 10.70 1.03
CA GLN C 154 -39.51 9.36 0.50
C GLN C 154 -40.93 8.94 0.20
N PHE C 155 -41.93 9.75 0.56
CA PHE C 155 -43.30 9.56 0.11
C PHE C 155 -43.54 10.11 -1.29
N ARG C 156 -42.65 10.97 -1.77
CA ARG C 156 -42.71 11.51 -3.12
C ARG C 156 -41.39 11.32 -3.85
N THR C 157 -40.83 10.12 -3.75
CA THR C 157 -39.66 9.72 -4.51
C THR C 157 -40.09 8.83 -5.68
N GLY C 158 -39.11 8.40 -6.47
CA GLY C 158 -39.38 7.74 -7.73
C GLY C 158 -38.93 6.28 -7.78
N PHE C 159 -39.90 5.37 -7.82
CA PHE C 159 -39.67 4.00 -8.24
C PHE C 159 -39.64 3.95 -9.77
N ILE C 160 -38.96 2.94 -10.32
CA ILE C 160 -38.88 2.84 -11.77
C ILE C 160 -39.60 1.61 -12.32
N ALA C 161 -39.13 0.40 -11.99
CA ALA C 161 -39.62 -0.84 -12.58
C ALA C 161 -39.00 -2.00 -11.81
N PRO C 162 -39.30 -3.21 -12.26
CA PRO C 162 -38.70 -4.41 -11.70
C PRO C 162 -37.24 -4.55 -12.15
N GLY C 170 -36.70 2.22 -17.44
CA GLY C 170 -36.55 3.35 -18.35
C GLY C 170 -37.60 4.41 -18.07
N VAL C 171 -38.67 4.01 -17.39
CA VAL C 171 -39.77 4.90 -17.06
C VAL C 171 -39.98 4.90 -15.56
N LEU C 172 -39.96 6.08 -14.94
CA LEU C 172 -40.16 6.19 -13.50
C LEU C 172 -41.64 6.12 -13.15
N VAL C 173 -41.94 5.83 -11.88
CA VAL C 173 -43.31 5.87 -11.36
C VAL C 173 -43.55 7.17 -10.61
N GLU C 174 -44.49 8.01 -11.11
CA GLU C 174 -44.79 9.28 -10.45
C GLU C 174 -46.04 9.18 -9.58
N ASP C 175 -46.49 7.98 -9.26
CA ASP C 175 -47.80 7.78 -8.64
C ASP C 175 -47.64 7.35 -7.19
N LYS C 176 -48.42 7.99 -6.31
CA LYS C 176 -48.43 7.65 -4.90
C LYS C 176 -49.20 6.34 -4.66
N ARG C 177 -49.23 5.93 -3.39
CA ARG C 177 -49.79 4.67 -2.87
C ARG C 177 -49.03 3.41 -3.35
N GLU C 178 -47.99 3.58 -4.16
CA GLU C 178 -47.00 2.53 -4.38
C GLU C 178 -45.60 3.06 -4.09
N ILE C 179 -45.42 4.38 -4.17
CA ILE C 179 -44.27 4.97 -3.52
C ILE C 179 -44.41 4.85 -2.01
N ALA C 180 -45.59 5.17 -1.49
CA ALA C 180 -45.90 4.92 -0.09
C ALA C 180 -46.56 3.56 0.12
N LYS C 181 -45.96 2.51 -0.47
CA LYS C 181 -46.12 1.16 0.07
C LYS C 181 -44.82 0.36 0.06
N ARG C 182 -43.84 0.69 -0.79
CA ARG C 182 -42.58 -0.03 -0.74
C ARG C 182 -41.67 0.57 0.34
N TYR C 183 -41.76 1.90 0.51
CA TYR C 183 -41.10 2.57 1.64
C TYR C 183 -41.58 2.02 2.97
N LEU C 184 -42.89 1.79 3.10
CA LEU C 184 -43.45 1.16 4.29
C LEU C 184 -43.17 -0.33 4.38
N SER C 185 -42.49 -0.92 3.40
CA SER C 185 -42.06 -2.31 3.47
C SER C 185 -40.54 -2.43 3.46
N SER C 186 -39.81 -1.34 3.25
CA SER C 186 -38.34 -1.38 3.17
C SER C 186 -37.67 -0.59 4.27
N HIS C 187 -37.95 0.71 4.43
CA HIS C 187 -37.20 1.51 5.39
C HIS C 187 -38.01 2.48 6.23
N PHE C 188 -39.34 2.37 6.29
CA PHE C 188 -40.10 3.41 6.97
C PHE C 188 -40.02 3.29 8.48
N ILE C 189 -40.04 2.06 9.01
CA ILE C 189 -40.04 1.94 10.46
C ILE C 189 -38.66 2.20 11.04
N ILE C 190 -37.59 1.86 10.30
CA ILE C 190 -36.24 2.14 10.77
C ILE C 190 -35.97 3.63 10.72
N ASP C 191 -36.59 4.33 9.78
CA ASP C 191 -36.50 5.78 9.73
C ASP C 191 -37.35 6.43 10.82
N ILE C 192 -38.38 5.74 11.32
CA ILE C 192 -39.21 6.34 12.37
C ILE C 192 -38.78 5.87 13.76
N LEU C 193 -38.15 4.70 13.88
CA LEU C 193 -37.53 4.32 15.15
C LEU C 193 -36.26 5.09 15.43
N ALA C 194 -35.63 5.69 14.42
CA ALA C 194 -34.41 6.46 14.60
C ALA C 194 -34.67 7.92 14.90
N VAL C 195 -35.89 8.40 14.69
CA VAL C 195 -36.19 9.83 14.78
C VAL C 195 -37.09 10.15 15.96
N LEU C 196 -37.56 9.14 16.69
CA LEU C 196 -38.42 9.35 17.84
C LEU C 196 -37.66 10.10 18.93
N PRO C 197 -38.24 11.14 19.53
CA PRO C 197 -37.53 11.90 20.57
C PRO C 197 -37.56 11.21 21.93
N LEU C 198 -37.04 9.99 21.97
CA LEU C 198 -37.04 9.13 23.15
C LEU C 198 -36.20 9.66 24.32
N PRO C 199 -34.99 10.23 24.14
CA PRO C 199 -34.35 10.84 25.31
C PRO C 199 -35.00 12.14 25.75
N GLN C 200 -35.48 12.96 24.81
CA GLN C 200 -36.13 14.22 25.20
C GLN C 200 -37.47 13.98 25.89
N MET C 201 -38.18 12.90 25.54
CA MET C 201 -39.47 12.64 26.14
C MET C 201 -39.35 11.86 27.45
N VAL C 202 -38.28 11.08 27.63
CA VAL C 202 -38.11 10.45 28.93
C VAL C 202 -37.65 11.48 29.97
N ILE C 203 -36.98 12.55 29.52
CA ILE C 203 -36.55 13.59 30.44
C ILE C 203 -37.72 14.45 30.89
N LEU C 204 -38.59 14.82 29.95
CA LEU C 204 -39.68 15.74 30.25
C LEU C 204 -40.92 15.05 30.83
N ILE C 205 -41.22 13.81 30.43
CA ILE C 205 -42.48 13.16 30.78
C ILE C 205 -42.28 12.00 31.75
N ILE C 206 -41.42 11.03 31.39
CA ILE C 206 -41.45 9.72 32.03
C ILE C 206 -40.72 9.74 33.37
N ILE C 207 -39.56 10.42 33.42
CA ILE C 207 -38.78 10.45 34.68
C ILE C 207 -39.45 11.23 35.79
N PRO C 208 -40.10 12.39 35.60
CA PRO C 208 -40.84 13.00 36.73
C PRO C 208 -42.08 12.23 37.17
N HIS C 209 -42.50 11.17 36.47
CA HIS C 209 -43.62 10.34 36.92
C HIS C 209 -43.19 8.89 37.09
N MET C 210 -41.95 8.66 37.51
CA MET C 210 -41.44 7.32 37.74
C MET C 210 -41.21 7.11 39.24
N ARG C 211 -40.91 5.86 39.60
CA ARG C 211 -40.81 5.44 40.99
C ARG C 211 -39.35 5.18 41.34
N GLY C 212 -38.88 5.84 42.41
CA GLY C 212 -37.50 5.73 42.83
C GLY C 212 -36.86 7.09 42.93
N SER C 213 -35.56 7.16 42.67
CA SER C 213 -34.84 8.43 42.67
C SER C 213 -34.76 9.00 41.27
N SER C 214 -34.91 10.32 41.17
CA SER C 214 -34.88 10.97 39.87
C SER C 214 -33.49 10.95 39.25
N SER C 215 -32.45 10.89 40.08
CA SER C 215 -31.08 10.87 39.58
C SER C 215 -30.68 9.50 39.08
N LEU C 216 -31.08 8.43 39.78
CA LEU C 216 -30.80 7.08 39.32
C LEU C 216 -31.64 6.73 38.11
N ASN C 217 -32.88 7.22 38.05
CA ASN C 217 -33.73 6.95 36.89
C ASN C 217 -33.23 7.70 35.67
N THR C 218 -32.69 8.90 35.84
CA THR C 218 -32.14 9.64 34.70
C THR C 218 -30.89 8.97 34.15
N LYS C 219 -30.03 8.45 35.04
CA LYS C 219 -28.83 7.76 34.58
C LYS C 219 -29.17 6.44 33.90
N ASN C 220 -30.20 5.74 34.40
CA ASN C 220 -30.50 4.42 33.86
C ASN C 220 -31.33 4.49 32.59
N MET C 221 -32.25 5.46 32.49
CA MET C 221 -33.06 5.59 31.28
C MET C 221 -32.22 6.12 30.13
N LEU C 222 -31.45 7.18 30.36
CA LEU C 222 -30.62 7.76 29.31
C LEU C 222 -29.49 6.84 28.89
N LYS C 223 -29.07 5.90 29.74
CA LYS C 223 -28.07 4.93 29.30
C LYS C 223 -28.68 3.94 28.32
N PHE C 224 -29.89 3.46 28.61
CA PHE C 224 -30.48 2.37 27.83
C PHE C 224 -31.28 2.87 26.63
N ILE C 225 -31.86 4.06 26.71
CA ILE C 225 -32.58 4.60 25.55
C ILE C 225 -31.60 5.00 24.45
N VAL C 226 -30.46 5.57 24.83
CA VAL C 226 -29.38 5.81 23.88
C VAL C 226 -28.77 4.49 23.42
N PHE C 227 -28.88 3.42 24.20
CA PHE C 227 -28.52 2.09 23.69
C PHE C 227 -29.54 1.58 22.69
N PHE C 228 -30.83 1.67 23.04
CA PHE C 228 -31.85 1.00 22.25
C PHE C 228 -32.22 1.79 21.01
N GLN C 229 -31.91 3.09 20.98
CA GLN C 229 -32.05 3.87 19.76
C GLN C 229 -30.74 3.98 19.00
N TYR C 230 -29.68 3.36 19.50
CA TYR C 230 -28.41 3.37 18.78
C TYR C 230 -28.44 2.46 17.57
N ILE C 231 -29.21 1.38 17.62
CA ILE C 231 -29.32 0.48 16.47
C ILE C 231 -30.10 1.10 15.30
N PRO C 232 -31.32 1.66 15.41
CA PRO C 232 -31.95 2.18 14.18
C PRO C 232 -31.33 3.49 13.68
N ARG C 233 -30.55 4.18 14.49
CA ARG C 233 -29.83 5.35 14.00
C ARG C 233 -28.55 5.00 13.25
N PHE C 234 -28.19 3.72 13.19
CA PHE C 234 -27.10 3.27 12.34
C PHE C 234 -27.51 2.36 11.19
N ILE C 235 -28.65 1.66 11.29
CA ILE C 235 -29.13 0.98 10.09
C ILE C 235 -30.07 1.87 9.29
N ARG C 236 -30.19 3.15 9.66
CA ARG C 236 -30.79 4.11 8.76
C ARG C 236 -29.76 4.75 7.84
N ILE C 237 -28.46 4.58 8.14
CA ILE C 237 -27.40 5.13 7.29
C ILE C 237 -26.85 4.09 6.32
N TYR C 238 -27.10 2.81 6.56
CA TYR C 238 -26.79 1.74 5.62
C TYR C 238 -27.59 1.84 4.31
N PRO C 239 -28.92 2.04 4.28
CA PRO C 239 -29.57 2.16 2.97
C PRO C 239 -29.39 3.53 2.35
N LEU C 240 -29.20 4.57 3.15
CA LEU C 240 -29.00 5.90 2.58
C LEU C 240 -27.61 6.03 1.97
N TYR C 241 -26.65 5.23 2.42
CA TYR C 241 -25.36 5.16 1.73
C TYR C 241 -25.40 4.26 0.50
N LYS C 242 -26.23 3.21 0.53
CA LYS C 242 -26.49 2.43 -0.68
C LYS C 242 -27.23 3.24 -1.73
N GLU C 243 -27.93 4.29 -1.32
CA GLU C 243 -28.58 5.20 -2.26
C GLU C 243 -27.60 6.16 -2.92
N VAL C 244 -26.46 6.44 -2.30
CA VAL C 244 -25.48 7.34 -2.90
C VAL C 244 -24.25 6.61 -3.42
N THR C 245 -24.21 5.29 -3.32
CA THR C 245 -23.31 4.48 -4.14
C THR C 245 -23.94 4.13 -5.48
N ARG C 246 -25.16 4.61 -5.74
CA ARG C 246 -25.85 4.44 -7.01
C ARG C 246 -26.24 5.85 -7.47
N THR C 247 -25.31 6.53 -8.15
CA THR C 247 -25.55 7.89 -8.61
C THR C 247 -25.34 8.01 -10.11
N THR C 252 -19.30 13.01 -1.45
CA THR C 252 -18.49 13.41 -2.59
C THR C 252 -17.25 12.55 -2.70
N GLU C 253 -16.46 12.78 -3.75
CA GLU C 253 -15.17 12.12 -3.90
C GLU C 253 -14.11 13.15 -4.27
N THR C 254 -12.95 13.03 -3.62
CA THR C 254 -11.68 13.55 -4.10
C THR C 254 -10.65 12.48 -3.81
N ALA C 255 -9.39 12.77 -4.14
CA ALA C 255 -8.32 11.83 -3.85
C ALA C 255 -8.08 11.70 -2.35
N TRP C 256 -8.34 12.75 -1.58
CA TRP C 256 -8.07 12.77 -0.15
C TRP C 256 -9.31 12.64 0.71
N ALA C 257 -10.49 12.48 0.12
CA ALA C 257 -11.73 12.46 0.90
C ALA C 257 -11.88 11.21 1.73
N GLY C 258 -11.31 10.08 1.28
CA GLY C 258 -11.32 8.87 2.09
C GLY C 258 -10.46 8.97 3.33
N ALA C 259 -9.40 9.77 3.27
CA ALA C 259 -8.54 10.04 4.41
C ALA C 259 -9.09 11.12 5.32
N ALA C 260 -9.77 12.13 4.77
CA ALA C 260 -10.37 13.16 5.60
C ALA C 260 -11.60 12.66 6.33
N PHE C 261 -12.37 11.77 5.71
CA PHE C 261 -13.47 11.11 6.42
C PHE C 261 -12.93 10.12 7.44
N ASN C 262 -11.77 9.54 7.17
CA ASN C 262 -11.11 8.65 8.12
C ASN C 262 -10.65 9.41 9.35
N LEU C 263 -10.10 10.62 9.14
CA LEU C 263 -9.65 11.44 10.25
C LEU C 263 -10.83 11.96 11.06
N PHE C 264 -11.97 12.18 10.41
CA PHE C 264 -13.18 12.53 11.14
C PHE C 264 -13.75 11.34 11.89
N LEU C 265 -13.48 10.12 11.41
CA LEU C 265 -13.96 8.94 12.12
C LEU C 265 -13.16 8.67 13.38
N TYR C 266 -11.90 9.13 13.45
CA TYR C 266 -11.19 9.18 14.72
C TYR C 266 -11.90 10.09 15.71
N MET C 267 -12.26 11.30 15.28
CA MET C 267 -12.83 12.28 16.18
C MET C 267 -14.22 11.88 16.66
N LEU C 268 -15.00 11.23 15.79
CA LEU C 268 -16.31 10.77 16.20
C LEU C 268 -16.20 9.59 17.16
N ALA C 269 -15.30 8.65 16.89
CA ALA C 269 -15.15 7.49 17.75
C ALA C 269 -14.50 7.86 19.08
N SER C 270 -13.57 8.81 19.07
CA SER C 270 -12.95 9.29 20.31
C SER C 270 -13.97 9.98 21.19
N HIS C 271 -14.92 10.70 20.58
CA HIS C 271 -15.96 11.34 21.35
C HIS C 271 -16.96 10.33 21.89
N VAL C 272 -17.25 9.29 21.11
CA VAL C 272 -18.17 8.24 21.56
C VAL C 272 -17.54 7.43 22.69
N PHE C 273 -16.29 7.00 22.49
CA PHE C 273 -15.62 6.16 23.48
C PHE C 273 -15.32 6.92 24.77
N GLY C 274 -15.07 8.22 24.68
CA GLY C 274 -14.78 8.99 25.87
C GLY C 274 -15.98 9.34 26.71
N ALA C 275 -17.15 9.51 26.07
CA ALA C 275 -18.36 9.71 26.84
C ALA C 275 -18.89 8.39 27.40
N PHE C 276 -18.60 7.28 26.74
CA PHE C 276 -18.84 5.98 27.32
C PHE C 276 -17.98 5.76 28.55
N TRP C 277 -16.71 6.14 28.46
CA TRP C 277 -15.79 6.07 29.59
C TRP C 277 -16.20 6.98 30.73
N TYR C 278 -16.76 8.14 30.40
CA TYR C 278 -17.29 9.04 31.43
C TYR C 278 -18.45 8.39 32.18
N LEU C 279 -19.39 7.81 31.45
CA LEU C 279 -20.57 7.23 32.07
C LEU C 279 -20.25 5.95 32.83
N PHE C 280 -19.34 5.13 32.28
CA PHE C 280 -18.93 3.92 32.98
C PHE C 280 -18.08 4.22 34.22
N SER C 281 -17.41 5.37 34.26
CA SER C 281 -16.69 5.76 35.45
C SER C 281 -17.64 6.15 36.57
N ILE C 282 -18.74 6.81 36.23
CA ILE C 282 -19.74 7.19 37.22
C ILE C 282 -20.46 5.95 37.73
N GLU C 283 -20.73 5.00 36.85
CA GLU C 283 -21.43 3.78 37.25
C GLU C 283 -20.56 2.88 38.11
N ARG C 284 -19.24 2.89 37.91
CA ARG C 284 -18.38 2.08 38.78
C ARG C 284 -18.23 2.68 40.16
N GLU C 285 -18.33 4.00 40.29
CA GLU C 285 -18.29 4.60 41.62
C GLU C 285 -19.60 4.40 42.36
N THR C 286 -20.73 4.38 41.65
CA THR C 286 -21.99 4.11 42.33
C THR C 286 -22.17 2.62 42.63
N VAL C 287 -21.54 1.75 41.85
CA VAL C 287 -21.50 0.32 42.19
C VAL C 287 -20.68 0.12 43.45
N CYS C 288 -19.60 0.88 43.61
CA CYS C 288 -18.84 0.88 44.86
C CYS C 288 -19.68 1.39 46.03
N TRP C 289 -20.53 2.39 45.78
CA TRP C 289 -21.34 2.94 46.86
C TRP C 289 -22.47 1.99 47.27
N LYS C 290 -23.05 1.28 46.30
CA LYS C 290 -24.12 0.33 46.61
C LYS C 290 -23.59 -0.87 47.37
N GLN C 291 -22.43 -1.38 46.96
CA GLN C 291 -21.84 -2.55 47.61
C GLN C 291 -21.35 -2.23 49.01
N ALA C 292 -20.88 -0.99 49.21
CA ALA C 292 -20.46 -0.57 50.55
C ALA C 292 -21.66 -0.36 51.47
N CYS C 293 -22.83 -0.11 50.88
CA CYS C 293 -24.02 0.12 51.70
C CYS C 293 -24.74 -1.19 52.01
N GLU C 294 -24.54 -2.22 51.19
CA GLU C 294 -25.14 -3.51 51.51
C GLU C 294 -24.37 -4.28 52.58
N ARG C 295 -23.11 -3.90 52.87
CA ARG C 295 -22.43 -4.40 54.07
C ARG C 295 -22.12 -3.17 54.92
N ASN C 296 -23.10 -2.77 55.73
CA ASN C 296 -23.05 -1.52 56.47
C ASN C 296 -22.51 -1.78 57.89
N ASN C 297 -21.18 -1.84 57.98
CA ASN C 297 -20.58 -1.92 59.31
C ASN C 297 -20.89 -0.48 59.63
N PRO C 298 -20.27 0.47 58.90
CA PRO C 298 -20.86 1.80 59.15
C PRO C 298 -22.21 1.91 58.47
N PRO C 299 -23.26 2.31 59.20
CA PRO C 299 -24.61 2.25 58.65
C PRO C 299 -24.85 3.28 57.56
N CYS C 300 -25.52 2.84 56.50
CA CYS C 300 -25.72 3.65 55.30
C CYS C 300 -27.20 3.81 55.01
N ILE C 301 -27.60 5.01 54.63
CA ILE C 301 -28.97 5.30 54.24
C ILE C 301 -29.02 5.45 52.72
N SER C 302 -29.90 4.68 52.08
CA SER C 302 -29.86 4.49 50.62
C SER C 302 -30.48 5.62 49.81
N LYS C 303 -31.22 6.54 50.43
CA LYS C 303 -31.64 7.74 49.69
C LYS C 303 -30.45 8.58 49.33
N LEU C 304 -29.48 8.66 50.23
CA LEU C 304 -28.45 9.69 50.23
C LEU C 304 -27.33 9.39 49.24
N LEU C 305 -27.41 8.26 48.55
CA LEU C 305 -26.61 8.00 47.36
C LEU C 305 -27.14 8.76 46.16
N TYR C 306 -28.33 9.36 46.27
CA TYR C 306 -29.02 10.03 45.18
C TYR C 306 -29.39 11.43 45.64
N CYS C 307 -29.08 12.41 44.80
CA CYS C 307 -28.76 13.76 45.25
C CYS C 307 -29.91 14.71 44.92
N ASP C 308 -30.68 15.09 45.95
CA ASP C 308 -31.81 15.94 46.29
C ASP C 308 -31.33 17.23 46.93
N PRO C 309 -31.71 18.40 46.39
CA PRO C 309 -31.27 19.67 47.02
C PRO C 309 -31.98 19.97 48.33
N GLU C 310 -33.09 19.31 48.64
CA GLU C 310 -33.68 19.43 49.96
C GLU C 310 -32.79 18.81 51.03
N THR C 311 -32.15 17.69 50.73
CA THR C 311 -31.31 17.00 51.70
C THR C 311 -29.88 17.53 51.63
N ALA C 312 -29.36 18.00 52.76
CA ALA C 312 -27.98 18.44 52.87
C ALA C 312 -27.17 17.38 53.59
N GLY C 313 -26.02 17.04 53.03
CA GLY C 313 -25.16 16.02 53.61
C GLY C 313 -25.57 14.61 53.24
N GLY C 314 -24.59 13.73 53.06
CA GLY C 314 -24.85 12.34 52.74
C GLY C 314 -24.05 11.38 53.58
N ASN C 315 -23.85 10.16 53.09
CA ASN C 315 -23.06 9.16 53.80
C ASN C 315 -21.59 9.54 53.72
N ALA C 316 -21.04 10.00 54.84
CA ALA C 316 -19.68 10.54 54.87
C ALA C 316 -18.61 9.47 54.96
N PHE C 317 -18.98 8.23 55.28
CA PHE C 317 -18.00 7.15 55.41
C PHE C 317 -17.57 6.58 54.06
N LEU C 318 -18.13 7.04 52.95
CA LEU C 318 -17.88 6.43 51.66
C LEU C 318 -16.51 6.77 51.09
N ASN C 319 -15.85 7.81 51.60
CA ASN C 319 -14.47 8.07 51.21
C ASN C 319 -13.50 7.07 51.83
N GLU C 320 -13.93 6.34 52.86
CA GLU C 320 -13.11 5.28 53.43
C GLU C 320 -13.25 3.99 52.63
N SER C 321 -14.49 3.60 52.33
CA SER C 321 -14.73 2.31 51.68
C SER C 321 -14.56 2.37 50.17
N CYS C 322 -14.60 3.56 49.58
CA CYS C 322 -14.39 3.74 48.14
C CYS C 322 -13.30 4.79 47.93
N PRO C 323 -12.03 4.42 48.15
CA PRO C 323 -10.96 5.41 48.10
C PRO C 323 -10.55 5.73 46.66
N ILE C 324 -10.39 7.02 46.38
CA ILE C 324 -10.16 7.51 45.02
C ILE C 324 -8.87 8.32 44.93
N GLN C 325 -8.72 9.34 45.79
CA GLN C 325 -7.57 10.22 45.70
C GLN C 325 -6.29 9.54 46.16
N THR C 326 -6.38 8.67 47.15
CA THR C 326 -5.36 7.65 47.37
C THR C 326 -6.06 6.30 47.16
N PRO C 327 -5.66 5.53 46.16
CA PRO C 327 -6.39 4.30 45.85
C PRO C 327 -5.92 3.10 46.66
N ASN C 328 -6.88 2.24 46.97
CA ASN C 328 -6.63 0.96 47.62
C ASN C 328 -7.42 -0.09 46.85
N THR C 329 -6.73 -0.88 46.04
CA THR C 329 -7.40 -1.85 45.18
C THR C 329 -7.92 -3.07 45.93
N THR C 330 -7.53 -3.25 47.19
CA THR C 330 -8.14 -4.27 48.02
C THR C 330 -9.59 -3.93 48.33
N LEU C 331 -9.85 -2.65 48.63
CA LEU C 331 -11.21 -2.19 48.84
C LEU C 331 -11.98 -2.15 47.52
N PHE C 332 -11.48 -1.42 46.54
CA PHE C 332 -12.09 -1.35 45.23
C PHE C 332 -11.04 -0.93 44.21
N ASP C 333 -10.92 -1.71 43.13
CA ASP C 333 -10.05 -1.36 42.02
C ASP C 333 -10.90 -0.68 40.96
N PHE C 334 -10.65 0.61 40.72
CA PHE C 334 -11.38 1.34 39.71
C PHE C 334 -10.78 1.19 38.32
N GLY C 335 -9.53 0.78 38.22
CA GLY C 335 -8.94 0.40 36.95
C GLY C 335 -8.75 1.57 36.00
N ILE C 336 -9.35 1.46 34.82
CA ILE C 336 -9.25 2.52 33.82
C ILE C 336 -10.17 3.70 34.09
N PHE C 337 -11.05 3.58 35.08
CA PHE C 337 -11.96 4.65 35.44
C PHE C 337 -11.43 5.54 36.56
N LEU C 338 -10.27 5.20 37.12
CA LEU C 338 -9.72 5.96 38.24
C LEU C 338 -9.28 7.36 37.81
N ASP C 339 -8.83 7.51 36.56
CA ASP C 339 -8.40 8.82 36.07
C ASP C 339 -9.58 9.79 35.96
N ALA C 340 -10.78 9.28 35.66
CA ALA C 340 -11.95 10.15 35.59
C ALA C 340 -12.41 10.57 36.97
N LEU C 341 -12.26 9.69 37.97
CA LEU C 341 -12.73 10.03 39.31
C LEU C 341 -11.71 10.86 40.06
N GLN C 342 -10.44 10.79 39.69
CA GLN C 342 -9.41 11.58 40.36
C GLN C 342 -9.30 12.98 39.78
N SER C 343 -9.57 13.15 38.48
CA SER C 343 -9.50 14.45 37.85
C SER C 343 -10.70 15.33 38.19
N GLY C 344 -11.75 14.77 38.76
CA GLY C 344 -12.93 15.54 39.06
C GLY C 344 -13.76 15.91 37.86
N VAL C 345 -13.58 15.22 36.73
CA VAL C 345 -14.38 15.49 35.54
C VAL C 345 -15.81 14.99 35.71
N VAL C 346 -16.03 14.02 36.60
CA VAL C 346 -17.37 13.52 36.86
C VAL C 346 -18.15 14.40 37.83
N GLU C 347 -17.51 15.42 38.40
CA GLU C 347 -18.17 16.38 39.27
C GLU C 347 -18.37 17.73 38.62
N SER C 348 -17.63 18.02 37.55
CA SER C 348 -17.69 19.33 36.92
C SER C 348 -18.99 19.49 36.14
N GLN C 349 -19.58 20.68 36.20
CA GLN C 349 -20.70 21.01 35.35
C GLN C 349 -20.28 21.93 34.21
N ASP C 350 -18.98 22.08 34.00
CA ASP C 350 -18.44 22.86 32.89
C ASP C 350 -18.27 21.92 31.71
N PHE C 351 -19.11 22.09 30.69
CA PHE C 351 -19.13 21.16 29.56
C PHE C 351 -17.88 21.15 28.70
N PRO C 352 -17.27 22.28 28.26
CA PRO C 352 -16.02 22.15 27.49
C PRO C 352 -14.86 21.60 28.30
N GLN C 353 -14.87 21.80 29.61
CA GLN C 353 -13.96 21.09 30.50
C GLN C 353 -14.22 19.60 30.46
N LYS C 354 -15.49 19.21 30.54
CA LYS C 354 -15.86 17.80 30.61
C LYS C 354 -15.72 17.12 29.25
N PHE C 355 -16.08 17.82 28.18
CA PHE C 355 -16.01 17.24 26.84
C PHE C 355 -14.57 16.97 26.42
N PHE C 356 -13.68 17.96 26.62
CA PHE C 356 -12.33 17.86 26.08
C PHE C 356 -11.48 16.85 26.83
N TYR C 357 -11.70 16.70 28.14
CA TYR C 357 -10.97 15.70 28.91
C TYR C 357 -11.36 14.29 28.50
N CYS C 358 -12.64 14.08 28.19
CA CYS C 358 -13.09 12.75 27.84
C CYS C 358 -12.87 12.43 26.38
N PHE C 359 -13.00 13.42 25.49
CA PHE C 359 -12.65 13.23 24.08
C PHE C 359 -11.17 12.89 23.92
N TRP C 360 -10.32 13.53 24.73
CA TRP C 360 -8.90 13.26 24.64
C TRP C 360 -8.55 11.88 25.19
N TRP C 361 -9.27 11.41 26.20
CA TRP C 361 -9.12 10.03 26.66
C TRP C 361 -9.44 9.05 25.53
N GLY C 362 -10.52 9.32 24.79
CA GLY C 362 -10.87 8.47 23.67
C GLY C 362 -9.86 8.53 22.54
N LEU C 363 -9.32 9.72 22.27
CA LEU C 363 -8.34 9.85 21.20
C LEU C 363 -7.00 9.25 21.59
N GLN C 364 -6.60 9.41 22.85
CA GLN C 364 -5.34 8.87 23.32
C GLN C 364 -5.33 7.35 23.31
N ASN C 365 -6.47 6.74 23.65
CA ASN C 365 -6.52 5.29 23.77
C ASN C 365 -6.92 4.58 22.50
N LEU C 366 -7.59 5.28 21.57
CA LEU C 366 -7.86 4.68 20.26
C LEU C 366 -6.59 4.62 19.43
N SER C 367 -5.82 5.71 19.41
CA SER C 367 -4.58 5.73 18.65
C SER C 367 -3.48 4.95 19.33
N SER C 368 -3.61 4.66 20.62
CA SER C 368 -2.69 3.75 21.29
C SER C 368 -3.12 2.30 21.16
N LEU C 369 -4.29 2.03 20.56
CA LEU C 369 -4.91 0.70 20.48
C LEU C 369 -5.10 0.09 21.87
N GLY C 370 -5.37 0.91 22.87
CA GLY C 370 -5.56 0.43 24.22
C GLY C 370 -4.32 0.01 24.98
N GLN C 371 -3.14 0.54 24.61
CA GLN C 371 -1.87 0.11 25.20
C GLN C 371 -1.80 0.39 26.69
N ASN C 372 -2.17 1.60 27.09
CA ASN C 372 -1.87 2.10 28.41
C ASN C 372 -3.06 1.94 29.35
N LEU C 373 -4.07 1.18 28.95
CA LEU C 373 -5.22 0.91 29.78
C LEU C 373 -4.83 -0.13 30.84
N LYS C 374 -4.68 0.31 32.08
CA LYS C 374 -4.41 -0.59 33.19
C LYS C 374 -5.75 -0.99 33.79
N THR C 375 -6.34 -2.05 33.25
CA THR C 375 -7.66 -2.49 33.70
C THR C 375 -7.56 -3.18 35.05
N SER C 376 -8.71 -3.28 35.70
CA SER C 376 -8.86 -4.13 36.87
C SER C 376 -9.24 -5.53 36.41
N THR C 377 -9.68 -6.37 37.33
CA THR C 377 -10.13 -7.71 37.00
C THR C 377 -11.60 -7.76 36.64
N TYR C 378 -12.28 -6.61 36.56
CA TYR C 378 -13.69 -6.56 36.20
C TYR C 378 -13.86 -6.87 34.72
N ILE C 379 -14.84 -7.74 34.42
CA ILE C 379 -14.94 -8.34 33.09
C ILE C 379 -15.40 -7.31 32.06
N TRP C 380 -16.41 -6.52 32.39
CA TRP C 380 -16.94 -5.58 31.41
C TRP C 380 -16.06 -4.36 31.23
N GLU C 381 -15.20 -4.07 32.20
CA GLU C 381 -14.15 -3.08 31.99
C GLU C 381 -13.11 -3.61 31.00
N ILE C 382 -12.78 -4.90 31.10
CA ILE C 382 -11.86 -5.54 30.16
C ILE C 382 -12.47 -5.59 28.76
N CYS C 383 -13.77 -5.92 28.67
CA CYS C 383 -14.46 -5.96 27.38
C CYS C 383 -14.55 -4.58 26.75
N PHE C 384 -14.67 -3.53 27.55
CA PHE C 384 -14.60 -2.17 27.04
C PHE C 384 -13.20 -1.87 26.50
N ALA C 385 -12.17 -2.34 27.19
CA ALA C 385 -10.79 -2.09 26.76
C ALA C 385 -10.43 -2.93 25.54
N VAL C 386 -10.96 -4.15 25.46
CA VAL C 386 -10.80 -4.98 24.26
C VAL C 386 -11.44 -4.31 23.06
N PHE C 387 -12.62 -3.72 23.26
CA PHE C 387 -13.34 -3.04 22.18
C PHE C 387 -12.64 -1.77 21.74
N ILE C 388 -11.99 -1.05 22.66
CA ILE C 388 -11.19 0.12 22.29
C ILE C 388 -9.96 -0.31 21.48
N SER C 389 -9.35 -1.44 21.87
CA SER C 389 -8.17 -1.94 21.20
C SER C 389 -8.48 -2.37 19.77
N ILE C 390 -9.59 -3.08 19.57
CA ILE C 390 -9.95 -3.55 18.23
C ILE C 390 -10.37 -2.38 17.34
N ALA C 391 -11.16 -1.45 17.88
CA ALA C 391 -11.66 -0.33 17.10
C ALA C 391 -10.52 0.60 16.66
N GLY C 392 -9.54 0.81 17.53
CA GLY C 392 -8.37 1.57 17.13
C GLY C 392 -7.50 0.82 16.15
N LEU C 393 -7.37 -0.44 16.09
CA LEU C 393 -6.69 -1.23 15.06
C LEU C 393 -7.31 -1.13 13.76
N VAL C 394 -8.59 -1.26 13.66
CA VAL C 394 -9.38 -1.03 12.51
C VAL C 394 -9.29 0.36 11.93
N LEU C 395 -9.28 1.42 12.65
CA LEU C 395 -9.11 2.73 12.18
C LEU C 395 -7.82 3.16 11.78
N PHE C 396 -6.83 2.68 12.36
CA PHE C 396 -5.57 2.94 11.97
C PHE C 396 -5.14 2.27 10.77
N SER C 397 -5.58 1.10 10.53
CA SER C 397 -5.30 0.43 9.35
C SER C 397 -6.04 1.05 8.22
N PHE C 398 -7.24 1.49 8.36
CA PHE C 398 -7.89 2.26 7.36
C PHE C 398 -7.23 3.55 7.00
N LEU C 399 -6.69 4.33 7.90
CA LEU C 399 -5.94 5.47 7.61
C LEU C 399 -4.71 5.34 6.93
N ILE C 400 -4.00 4.34 7.21
CA ILE C 400 -2.84 4.11 6.50
C ILE C 400 -3.17 3.70 5.11
N GLY C 401 -4.23 3.02 4.87
CA GLY C 401 -4.67 2.75 3.58
C GLY C 401 -5.27 3.82 2.84
N ASN C 402 -6.04 4.65 3.42
CA ASN C 402 -6.64 5.79 2.81
C ASN C 402 -5.68 6.82 2.46
N MET C 403 -4.50 6.70 2.82
CA MET C 403 -3.49 7.63 2.58
C MET C 403 -2.56 7.19 1.57
N GLN C 404 -2.33 5.98 1.53
CA GLN C 404 -1.59 5.52 0.54
C GLN C 404 -2.36 5.43 -0.68
N THR C 405 -3.61 5.49 -0.59
CA THR C 405 -4.36 5.60 -1.74
C THR C 405 -4.24 7.00 -2.20
N TYR C 406 -4.53 8.06 -1.45
CA TYR C 406 -4.29 9.36 -1.90
C TYR C 406 -2.93 9.50 -2.55
N LEU C 407 -1.93 8.96 -1.94
CA LEU C 407 -0.64 9.17 -2.47
C LEU C 407 -0.35 8.55 -3.72
N GLN C 408 -0.91 7.44 -4.01
CA GLN C 408 -0.71 6.74 -5.19
C GLN C 408 -1.63 7.19 -6.28
N SER C 409 -2.57 8.00 -5.99
CA SER C 409 -3.48 8.49 -6.91
C SER C 409 -2.85 9.58 -7.59
N THR C 410 -1.80 10.03 -7.01
CA THR C 410 -1.15 11.14 -7.57
C THR C 410 0.12 10.80 -8.29
N THR C 411 0.48 9.53 -8.42
CA THR C 411 1.71 9.17 -9.01
C THR C 411 1.75 8.12 -10.10
N THR C 412 0.72 7.90 -10.88
CA THR C 412 0.61 6.82 -11.88
C THR C 412 1.47 7.07 -13.12
N ARG C 413 1.39 8.22 -13.72
CA ARG C 413 2.09 8.53 -14.97
C ARG C 413 3.55 8.68 -14.62
N LEU C 414 3.86 9.00 -13.39
CA LEU C 414 5.20 9.29 -12.92
C LEU C 414 5.91 8.02 -12.50
N GLU C 415 5.16 7.10 -11.88
CA GLU C 415 5.56 5.71 -11.82
C GLU C 415 5.80 5.11 -13.19
N GLU C 416 4.92 5.38 -14.15
CA GLU C 416 5.04 4.77 -15.46
C GLU C 416 6.26 5.29 -16.20
N MET C 417 6.67 6.53 -15.91
CA MET C 417 7.91 7.06 -16.49
C MET C 417 9.14 6.43 -15.85
N ARG C 418 9.09 6.18 -14.54
CA ARG C 418 10.25 5.60 -13.85
C ARG C 418 10.46 4.14 -14.24
N VAL C 419 9.39 3.41 -14.53
CA VAL C 419 9.53 2.03 -15.00
C VAL C 419 10.10 2.00 -16.42
N LYS C 420 9.66 2.94 -17.26
CA LYS C 420 10.20 3.04 -18.61
C LYS C 420 11.66 3.49 -18.61
N ARG C 421 12.03 4.33 -17.63
CA ARG C 421 13.42 4.74 -17.51
C ARG C 421 14.29 3.59 -17.03
N ARG C 422 13.81 2.81 -16.07
CA ARG C 422 14.49 1.59 -15.64
C ARG C 422 14.43 0.49 -16.67
N ASP C 423 13.53 0.57 -17.65
CA ASP C 423 13.52 -0.35 -18.78
C ASP C 423 14.49 0.07 -19.87
N ALA C 424 14.70 1.38 -20.05
CA ALA C 424 15.69 1.84 -21.03
C ALA C 424 17.10 1.53 -20.56
N GLU C 425 17.40 1.84 -19.30
CA GLU C 425 18.55 1.23 -18.63
C GLU C 425 18.32 -0.26 -18.49
N GLN C 426 19.42 -1.02 -18.47
CA GLN C 426 19.55 -2.49 -18.53
C GLN C 426 18.94 -3.11 -19.79
N TRP C 427 18.40 -2.33 -20.71
CA TRP C 427 18.33 -2.74 -22.10
C TRP C 427 19.54 -2.23 -22.87
N MET C 428 19.81 -0.93 -22.76
CA MET C 428 21.18 -0.45 -22.90
C MET C 428 21.96 -0.95 -21.70
N SER C 429 23.16 -1.49 -21.95
CA SER C 429 24.08 -2.30 -21.11
C SER C 429 23.66 -3.76 -21.04
N HIS C 430 22.56 -4.16 -21.68
CA HIS C 430 22.42 -5.54 -22.12
C HIS C 430 22.72 -5.70 -23.59
N ARG C 431 22.35 -4.71 -24.41
CA ARG C 431 22.77 -4.65 -25.80
C ARG C 431 24.15 -4.03 -25.96
N LEU C 432 24.71 -3.49 -24.85
CA LEU C 432 26.01 -2.84 -24.80
C LEU C 432 26.11 -1.71 -25.82
N LEU C 433 25.16 -0.78 -25.72
CA LEU C 433 25.10 0.34 -26.64
C LEU C 433 26.22 1.33 -26.33
N PRO C 434 26.76 2.00 -27.34
CA PRO C 434 27.76 3.04 -27.09
C PRO C 434 27.15 4.24 -26.40
N GLU C 435 28.00 5.03 -25.76
CA GLU C 435 27.52 6.13 -24.92
C GLU C 435 26.95 7.29 -25.74
N ASN C 436 27.29 7.39 -27.02
CA ASN C 436 26.63 8.39 -27.84
C ASN C 436 25.22 7.98 -28.20
N LEU C 437 24.95 6.68 -28.24
CA LEU C 437 23.60 6.21 -28.51
C LEU C 437 22.73 6.23 -27.25
N ARG C 438 23.32 5.92 -26.09
CA ARG C 438 22.56 5.83 -24.85
C ARG C 438 22.08 7.19 -24.38
N LYS C 439 22.89 8.23 -24.52
CA LYS C 439 22.52 9.52 -23.96
C LYS C 439 21.60 10.27 -24.90
N ARG C 440 21.57 9.87 -26.18
CA ARG C 440 20.52 10.32 -27.09
C ARG C 440 19.17 9.67 -26.78
N ILE C 441 19.19 8.43 -26.27
CA ILE C 441 17.96 7.77 -25.86
C ILE C 441 17.41 8.43 -24.60
N ARG C 442 18.29 8.71 -23.63
CA ARG C 442 17.88 9.38 -22.40
C ARG C 442 17.43 10.80 -22.65
N ARG C 443 17.95 11.44 -23.70
CA ARG C 443 17.54 12.81 -24.02
C ARG C 443 16.14 12.83 -24.61
N TYR C 444 15.82 11.89 -25.50
CA TYR C 444 14.48 11.86 -26.10
C TYR C 444 13.41 11.45 -25.09
N GLU C 445 13.71 10.47 -24.24
CA GLU C 445 12.72 9.99 -23.29
C GLU C 445 12.47 11.01 -22.18
N GLN C 446 13.44 11.88 -21.90
CA GLN C 446 13.22 12.96 -20.95
C GLN C 446 12.53 14.14 -21.62
N TYR C 447 12.80 14.36 -22.91
CA TYR C 447 12.10 15.41 -23.65
C TYR C 447 10.65 15.05 -23.90
N LYS C 448 10.38 13.78 -24.21
CA LYS C 448 9.00 13.33 -24.36
C LYS C 448 8.26 13.38 -23.03
N TRP C 449 8.96 13.17 -21.92
CA TRP C 449 8.33 13.23 -20.62
C TRP C 449 7.95 14.64 -20.21
N GLN C 450 8.81 15.63 -20.47
CA GLN C 450 8.53 16.97 -19.98
C GLN C 450 7.54 17.69 -20.89
N GLU C 451 7.33 17.18 -22.09
CA GLU C 451 6.30 17.72 -22.97
C GLU C 451 4.95 17.07 -22.74
N THR C 452 4.89 15.74 -22.79
CA THR C 452 3.61 15.04 -22.79
C THR C 452 3.16 14.58 -21.42
N ARG C 453 4.11 14.36 -20.50
CA ARG C 453 3.86 13.76 -19.16
C ARG C 453 3.13 12.44 -19.25
N GLY C 454 3.53 11.60 -20.22
CA GLY C 454 2.96 10.29 -20.37
C GLY C 454 1.62 10.24 -21.09
N VAL C 455 1.06 11.38 -21.45
CA VAL C 455 -0.25 11.42 -22.09
C VAL C 455 -0.09 11.09 -23.56
N ASP C 456 -0.83 10.08 -24.03
CA ASP C 456 -0.91 9.80 -25.46
C ASP C 456 -2.00 10.69 -26.03
N GLU C 457 -1.59 11.62 -26.90
CA GLU C 457 -2.51 12.65 -27.39
C GLU C 457 -3.51 12.05 -28.37
N GLU C 458 -3.08 11.12 -29.22
CA GLU C 458 -3.97 10.53 -30.20
C GLU C 458 -5.00 9.62 -29.54
N ASN C 459 -4.63 8.92 -28.47
CA ASN C 459 -5.60 8.13 -27.73
C ASN C 459 -6.56 9.00 -26.93
N LEU C 460 -6.09 10.16 -26.48
CA LEU C 460 -6.95 11.10 -25.77
C LEU C 460 -7.96 11.74 -26.72
N LEU C 461 -7.53 12.06 -27.94
CA LEU C 461 -8.42 12.72 -28.89
C LEU C 461 -9.39 11.75 -29.54
N SER C 462 -9.01 10.48 -29.70
CA SER C 462 -9.88 9.52 -30.35
C SER C 462 -11.03 9.08 -29.46
N ASN C 463 -10.92 9.25 -28.15
CA ASN C 463 -11.99 8.94 -27.22
C ASN C 463 -12.93 10.12 -26.99
N LEU C 464 -12.82 11.16 -27.80
CA LEU C 464 -13.68 12.33 -27.79
C LEU C 464 -14.65 12.24 -28.96
N PRO C 465 -15.80 12.93 -28.92
CA PRO C 465 -16.73 12.89 -30.05
C PRO C 465 -16.16 13.58 -31.28
N LYS C 466 -16.74 13.25 -32.44
CA LYS C 466 -16.12 13.60 -33.71
C LYS C 466 -16.19 15.09 -34.03
N ASP C 467 -17.12 15.84 -33.42
CA ASP C 467 -17.14 17.27 -33.64
C ASP C 467 -16.30 18.02 -32.62
N LEU C 468 -16.14 17.44 -31.43
CA LEU C 468 -15.28 18.04 -30.42
C LEU C 468 -13.82 17.80 -30.76
N ARG C 469 -13.50 16.60 -31.28
CA ARG C 469 -12.16 16.32 -31.78
C ARG C 469 -11.85 17.16 -33.02
N ARG C 470 -12.87 17.51 -33.80
CA ARG C 470 -12.65 18.36 -34.96
C ARG C 470 -12.34 19.80 -34.56
N ASP C 471 -13.02 20.29 -33.52
CA ASP C 471 -12.79 21.67 -33.08
C ASP C 471 -11.44 21.85 -32.41
N ILE C 472 -10.91 20.79 -31.80
CA ILE C 472 -9.58 20.87 -31.20
C ILE C 472 -8.51 20.91 -32.29
N LYS C 473 -8.61 19.99 -33.26
CA LYS C 473 -7.60 19.88 -34.30
C LYS C 473 -7.67 21.02 -35.30
N ARG C 474 -8.81 21.71 -35.41
CA ARG C 474 -8.86 22.93 -36.19
C ARG C 474 -8.26 24.11 -35.45
N HIS C 475 -8.16 24.03 -34.12
CA HIS C 475 -7.46 25.07 -33.38
C HIS C 475 -5.95 24.85 -33.45
N LEU C 476 -5.50 23.60 -33.36
CA LEU C 476 -4.08 23.30 -33.30
C LEU C 476 -3.44 23.31 -34.68
N CYS C 477 -4.09 22.70 -35.67
CA CYS C 477 -3.42 22.30 -36.90
C CYS C 477 -3.82 23.12 -38.12
N LEU C 478 -4.94 23.85 -38.08
CA LEU C 478 -5.45 24.46 -39.31
C LEU C 478 -4.66 25.69 -39.70
N ALA C 479 -4.23 26.50 -38.73
CA ALA C 479 -3.41 27.67 -39.03
C ALA C 479 -2.04 27.29 -39.53
N LEU C 480 -1.54 26.12 -39.13
CA LEU C 480 -0.28 25.61 -39.67
C LEU C 480 -0.42 25.14 -41.10
N LEU C 481 -1.61 24.63 -41.47
CA LEU C 481 -1.83 24.18 -42.84
C LEU C 481 -2.09 25.32 -43.81
N MET C 482 -2.44 26.51 -43.32
CA MET C 482 -2.69 27.66 -44.17
C MET C 482 -1.41 28.37 -44.60
N ARG C 483 -0.25 27.90 -44.17
CA ARG C 483 1.01 28.45 -44.62
C ARG C 483 1.61 27.67 -45.76
N VAL C 484 1.10 26.49 -46.05
CA VAL C 484 1.41 25.80 -47.31
C VAL C 484 0.65 26.50 -48.43
N PRO C 485 1.32 26.95 -49.50
CA PRO C 485 0.64 27.78 -50.50
C PRO C 485 -0.33 27.02 -51.40
N MET C 486 -0.47 25.71 -51.26
CA MET C 486 -1.51 25.02 -52.00
C MET C 486 -2.78 24.82 -51.17
N PHE C 487 -2.66 24.60 -49.87
CA PHE C 487 -3.76 24.11 -49.04
C PHE C 487 -4.89 25.11 -48.82
N GLU C 488 -4.78 26.35 -49.30
CA GLU C 488 -5.94 27.23 -49.20
C GLU C 488 -6.96 26.91 -50.30
N LYS C 489 -6.55 26.18 -51.33
CA LYS C 489 -7.42 25.80 -52.45
C LYS C 489 -8.47 24.78 -52.06
N MET C 490 -8.37 24.18 -50.88
CA MET C 490 -9.31 23.16 -50.46
C MET C 490 -10.40 23.80 -49.61
N ASP C 491 -11.48 23.05 -49.41
CA ASP C 491 -12.63 23.53 -48.66
C ASP C 491 -12.49 23.11 -47.20
N GLU C 492 -13.53 23.33 -46.40
CA GLU C 492 -13.59 22.81 -45.04
C GLU C 492 -14.15 21.40 -44.98
N GLN C 493 -13.94 20.59 -46.03
CA GLN C 493 -14.20 19.15 -46.00
C GLN C 493 -12.97 18.31 -46.25
N LEU C 494 -11.92 18.88 -46.82
CA LEU C 494 -10.71 18.15 -47.15
C LEU C 494 -9.56 18.52 -46.23
N LEU C 495 -9.52 19.79 -45.80
CA LEU C 495 -8.60 20.22 -44.76
C LEU C 495 -8.98 19.64 -43.42
N ASP C 496 -10.28 19.34 -43.23
CA ASP C 496 -10.72 18.64 -42.03
C ASP C 496 -10.31 17.18 -42.08
N ALA C 497 -10.08 16.63 -43.27
CA ALA C 497 -9.45 15.32 -43.37
C ALA C 497 -7.95 15.40 -43.08
N LEU C 498 -7.35 16.57 -43.31
CA LEU C 498 -5.91 16.73 -43.08
C LEU C 498 -5.61 17.03 -41.61
N CYS C 499 -6.47 17.82 -40.95
CA CYS C 499 -6.29 18.04 -39.51
C CYS C 499 -6.53 16.78 -38.72
N ASP C 500 -7.38 15.88 -39.21
CA ASP C 500 -7.61 14.60 -38.56
C ASP C 500 -6.40 13.67 -38.66
N ARG C 501 -5.55 13.86 -39.66
CA ARG C 501 -4.43 12.96 -39.89
C ARG C 501 -3.08 13.53 -39.47
N LEU C 502 -3.05 14.73 -38.90
CA LEU C 502 -1.80 15.31 -38.41
C LEU C 502 -1.49 14.74 -37.04
N GLN C 503 -0.30 14.15 -36.91
CA GLN C 503 0.14 13.55 -35.66
C GLN C 503 1.29 14.34 -35.06
N PRO C 504 1.28 14.58 -33.75
CA PRO C 504 2.35 15.36 -33.13
C PRO C 504 3.62 14.54 -32.98
N VAL C 505 4.75 15.15 -33.35
CA VAL C 505 6.05 14.52 -33.23
C VAL C 505 6.97 15.43 -32.42
N LEU C 506 7.99 14.82 -31.84
CA LEU C 506 8.97 15.53 -31.04
C LEU C 506 10.36 15.24 -31.58
N TYR C 507 11.23 16.26 -31.55
CA TYR C 507 12.60 16.10 -31.99
C TYR C 507 13.52 16.84 -31.03
N THR C 508 14.54 16.16 -30.54
CA THR C 508 15.54 16.79 -29.70
C THR C 508 16.54 17.57 -30.56
N GLU C 509 17.52 18.17 -29.91
CA GLU C 509 18.61 18.81 -30.63
C GLU C 509 19.59 17.76 -31.13
N GLU C 510 20.35 18.13 -32.18
CA GLU C 510 21.15 17.32 -33.10
C GLU C 510 20.34 16.34 -33.94
N SER C 511 19.02 16.30 -33.81
CA SER C 511 18.24 15.22 -34.40
C SER C 511 18.00 15.46 -35.88
N TYR C 512 18.27 14.44 -36.68
CA TYR C 512 18.08 14.51 -38.12
C TYR C 512 16.63 14.17 -38.47
N ILE C 513 15.97 15.08 -39.16
CA ILE C 513 14.63 14.81 -39.66
C ILE C 513 14.70 13.88 -40.86
N VAL C 514 15.49 14.27 -41.86
CA VAL C 514 15.71 13.49 -43.06
C VAL C 514 17.12 13.82 -43.53
N ARG C 515 17.72 12.91 -44.27
CA ARG C 515 19.01 13.12 -44.90
C ARG C 515 18.83 13.05 -46.41
N GLU C 516 19.78 13.61 -47.13
CA GLU C 516 19.72 13.59 -48.59
C GLU C 516 19.98 12.18 -49.10
N GLY C 517 19.02 11.66 -49.85
CA GLY C 517 19.06 10.29 -50.32
C GLY C 517 18.00 9.38 -49.74
N ASP C 518 17.44 9.72 -48.56
CA ASP C 518 16.41 8.92 -47.93
C ASP C 518 15.06 9.17 -48.59
N PRO C 519 14.16 8.18 -48.61
CA PRO C 519 12.79 8.45 -49.04
C PRO C 519 12.05 9.25 -47.97
N VAL C 520 11.18 10.16 -48.44
CA VAL C 520 10.47 11.08 -47.57
C VAL C 520 9.15 10.45 -47.16
N ASP C 521 9.03 10.07 -45.89
CA ASP C 521 7.81 9.51 -45.35
C ASP C 521 6.80 10.56 -44.88
N GLU C 522 7.29 11.65 -44.29
CA GLU C 522 6.44 12.58 -43.56
C GLU C 522 6.48 13.94 -44.22
N MET C 523 5.49 14.76 -43.86
CA MET C 523 5.49 16.18 -44.14
C MET C 523 5.29 16.90 -42.81
N LEU C 524 6.29 17.63 -42.36
CA LEU C 524 6.21 18.27 -41.05
C LEU C 524 5.58 19.64 -41.14
N PHE C 525 5.03 20.09 -40.02
CA PHE C 525 4.48 21.43 -39.87
C PHE C 525 4.97 21.91 -38.51
N ILE C 526 5.99 22.77 -38.53
CA ILE C 526 6.78 23.06 -37.33
C ILE C 526 5.98 23.96 -36.39
N MET C 527 5.85 23.53 -35.14
CA MET C 527 5.27 24.36 -34.09
C MET C 527 6.32 25.13 -33.30
N ARG C 528 7.47 24.52 -33.06
CA ARG C 528 8.48 25.07 -32.17
C ARG C 528 9.85 24.67 -32.68
N GLY C 529 10.85 25.47 -32.34
CA GLY C 529 12.23 25.12 -32.62
C GLY C 529 12.68 25.58 -33.98
N LYS C 530 14.01 25.60 -34.14
CA LYS C 530 14.65 26.02 -35.37
C LYS C 530 15.30 24.81 -36.03
N LEU C 531 15.28 24.78 -37.37
CA LEU C 531 15.77 23.64 -38.12
C LEU C 531 16.66 24.11 -39.26
N LEU C 532 17.90 23.65 -39.26
CA LEU C 532 18.85 23.94 -40.33
C LEU C 532 18.75 22.86 -41.39
N THR C 533 18.40 23.25 -42.61
CA THR C 533 18.35 22.34 -43.73
C THR C 533 19.43 22.71 -44.74
N ILE C 534 20.14 21.69 -45.24
CA ILE C 534 21.22 21.87 -46.20
C ILE C 534 20.95 20.99 -47.40
N THR C 535 21.71 21.22 -48.47
CA THR C 535 21.65 20.39 -49.66
C THR C 535 22.98 20.44 -50.39
N THR C 536 23.32 19.32 -51.03
CA THR C 536 24.46 19.24 -51.93
C THR C 536 24.05 18.90 -53.35
N ASN C 537 22.75 18.67 -53.61
CA ASN C 537 22.16 18.61 -54.95
C ASN C 537 22.69 17.45 -55.78
N LEU C 544 25.78 24.81 -52.97
CA LEU C 544 25.10 24.52 -51.72
C LEU C 544 24.58 25.82 -51.12
N ASN C 545 23.51 25.69 -50.33
CA ASN C 545 22.91 26.80 -49.62
C ASN C 545 22.15 26.25 -48.42
N SER C 546 22.23 26.94 -47.29
CA SER C 546 21.63 26.49 -46.04
C SER C 546 20.45 27.38 -45.69
N GLU C 547 19.25 26.81 -45.76
CA GLU C 547 18.05 27.50 -45.34
C GLU C 547 17.74 27.20 -43.88
N TYR C 548 16.70 27.85 -43.36
CA TYR C 548 16.30 27.69 -41.97
C TYR C 548 14.79 27.56 -41.89
N LEU C 549 14.32 26.63 -41.06
CA LEU C 549 12.90 26.41 -40.84
C LEU C 549 12.56 26.78 -39.41
N GLY C 550 11.66 27.75 -39.23
CA GLY C 550 11.19 28.15 -37.94
C GLY C 550 9.77 27.71 -37.67
N ALA C 551 9.17 28.33 -36.65
CA ALA C 551 7.78 28.03 -36.32
C ALA C 551 6.85 28.58 -37.41
N GLY C 552 5.98 27.71 -37.93
CA GLY C 552 5.12 28.03 -39.03
C GLY C 552 5.60 27.48 -40.36
N ASP C 553 6.91 27.29 -40.50
CA ASP C 553 7.43 26.71 -41.73
C ASP C 553 7.13 25.21 -41.77
N PHE C 554 7.33 24.61 -42.94
CA PHE C 554 6.96 23.22 -43.14
C PHE C 554 8.03 22.52 -43.95
N CYS C 555 8.29 21.28 -43.58
CA CYS C 555 9.27 20.43 -44.25
C CYS C 555 8.55 19.30 -44.95
N GLY C 556 9.19 18.75 -45.98
CA GLY C 556 8.65 17.64 -46.72
C GLY C 556 7.74 17.99 -47.88
N GLU C 557 7.89 19.17 -48.48
CA GLU C 557 7.04 19.59 -49.59
C GLU C 557 7.41 18.92 -50.92
N GLU C 558 8.35 17.99 -50.91
CA GLU C 558 8.58 17.12 -52.06
C GLU C 558 7.46 16.12 -52.21
N LEU C 559 6.76 15.83 -51.12
CA LEU C 559 5.83 14.71 -51.01
C LEU C 559 4.43 15.06 -51.47
N LEU C 560 4.07 16.35 -51.51
CA LEU C 560 2.74 16.71 -51.95
C LEU C 560 2.58 16.48 -53.45
N THR C 561 3.60 16.85 -54.24
CA THR C 561 3.53 16.66 -55.68
C THR C 561 3.59 15.19 -56.06
N TRP C 562 4.19 14.35 -55.20
CA TRP C 562 4.13 12.91 -55.40
C TRP C 562 2.72 12.39 -55.13
N ALA C 563 2.12 12.82 -54.02
CA ALA C 563 0.75 12.43 -53.68
C ALA C 563 -0.23 13.50 -54.17
N LEU C 564 -0.11 13.86 -55.44
CA LEU C 564 -1.20 14.47 -56.20
C LEU C 564 -1.30 13.86 -57.58
N ASP C 565 -0.15 13.38 -58.11
CA ASP C 565 -0.14 12.75 -59.41
C ASP C 565 -0.83 11.39 -59.31
N PRO C 566 -1.93 11.18 -60.07
CA PRO C 566 -2.84 10.07 -59.77
C PRO C 566 -2.27 8.68 -59.98
N SER C 568 1.26 7.96 -60.25
CA SER C 568 2.71 8.00 -60.05
C SER C 568 3.21 6.70 -59.45
N SER C 569 4.52 6.68 -59.18
CA SER C 569 5.11 5.53 -58.52
C SER C 569 4.68 5.46 -57.05
N SER C 570 4.64 4.24 -56.52
CA SER C 570 4.37 4.06 -55.10
C SER C 570 5.61 4.23 -54.25
N ASN C 571 6.79 4.23 -54.86
CA ASN C 571 8.01 4.52 -54.13
C ASN C 571 8.08 6.01 -53.80
N LEU C 572 8.51 6.34 -52.59
CA LEU C 572 8.49 7.71 -52.11
C LEU C 572 9.57 8.54 -52.80
N PRO C 573 9.34 9.85 -52.95
CA PRO C 573 10.38 10.71 -53.55
C PRO C 573 11.61 10.82 -52.67
N ILE C 574 12.75 10.92 -53.33
CA ILE C 574 14.05 10.93 -52.66
C ILE C 574 14.30 12.35 -52.16
N SER C 575 14.72 12.47 -50.91
CA SER C 575 14.94 13.78 -50.30
C SER C 575 16.12 14.50 -50.95
N THR C 576 15.89 15.75 -51.34
CA THR C 576 16.93 16.61 -51.87
C THR C 576 17.61 17.43 -50.79
N ARG C 577 17.07 17.41 -49.57
CA ARG C 577 17.60 18.18 -48.47
C ARG C 577 17.93 17.27 -47.29
N THR C 578 18.83 17.74 -46.44
CA THR C 578 19.13 17.09 -45.16
C THR C 578 18.73 18.07 -44.07
N VAL C 579 17.66 17.76 -43.35
CA VAL C 579 17.10 18.64 -42.34
C VAL C 579 17.51 18.14 -40.97
N ARG C 580 18.01 19.03 -40.14
CA ARG C 580 18.49 18.70 -38.80
C ARG C 580 18.00 19.74 -37.81
N ALA C 581 17.58 19.28 -36.64
CA ALA C 581 17.07 20.18 -35.62
C ALA C 581 18.21 20.89 -34.89
N LEU C 582 17.96 22.14 -34.52
CA LEU C 582 18.91 22.96 -33.78
C LEU C 582 18.51 23.18 -32.33
N MET C 583 17.24 22.99 -32.01
CA MET C 583 16.69 23.15 -30.68
C MET C 583 15.59 22.10 -30.59
N GLU C 584 14.98 21.94 -29.42
CA GLU C 584 13.81 21.07 -29.23
C GLU C 584 12.70 21.48 -30.21
N VAL C 585 12.27 20.54 -31.04
CA VAL C 585 11.31 20.80 -32.10
C VAL C 585 10.01 20.08 -31.79
N GLU C 586 8.91 20.83 -31.76
CA GLU C 586 7.57 20.27 -31.83
C GLU C 586 7.04 20.48 -33.24
N ALA C 587 6.40 19.46 -33.78
CA ALA C 587 5.86 19.55 -35.13
C ALA C 587 4.66 18.63 -35.25
N PHE C 588 3.94 18.76 -36.37
CA PHE C 588 2.86 17.87 -36.73
C PHE C 588 3.27 17.12 -37.99
N ALA C 589 3.14 15.80 -37.97
CA ALA C 589 3.59 14.97 -39.07
C ALA C 589 2.41 14.55 -39.94
N LEU C 590 2.61 14.59 -41.25
CA LEU C 590 1.63 14.13 -42.23
C LEU C 590 2.25 12.97 -42.99
N LYS C 591 1.73 11.76 -42.76
CA LYS C 591 2.28 10.57 -43.38
C LYS C 591 1.95 10.54 -44.87
N ALA C 592 2.66 9.65 -45.58
CA ALA C 592 2.58 9.61 -47.03
C ALA C 592 1.25 9.05 -47.51
N ASP C 593 0.79 7.94 -46.91
CA ASP C 593 -0.48 7.36 -47.30
C ASP C 593 -1.67 8.17 -46.80
N ASP C 594 -1.50 8.92 -45.71
CA ASP C 594 -2.56 9.82 -45.27
C ASP C 594 -2.66 11.03 -46.18
N LEU C 595 -1.55 11.44 -46.79
CA LEU C 595 -1.62 12.44 -47.84
C LEU C 595 -2.13 11.83 -49.15
N LYS C 596 -1.91 10.53 -49.35
CA LYS C 596 -2.37 9.87 -50.56
C LYS C 596 -3.89 9.70 -50.56
N PHE C 597 -4.49 9.56 -49.37
CA PHE C 597 -5.96 9.56 -49.27
C PHE C 597 -6.51 10.93 -49.65
N VAL C 598 -5.89 12.00 -49.17
CA VAL C 598 -6.40 13.35 -49.40
C VAL C 598 -6.29 13.73 -50.89
N ALA C 599 -5.34 13.12 -51.60
CA ALA C 599 -5.18 13.33 -53.03
C ALA C 599 -6.34 12.80 -53.86
N SER C 600 -7.03 11.75 -53.40
CA SER C 600 -8.10 11.18 -54.20
C SER C 600 -9.33 12.06 -54.19
N GLN C 601 -9.54 12.84 -53.13
CA GLN C 601 -10.63 13.82 -53.11
C GLN C 601 -10.15 15.21 -53.53
N PHE C 602 -9.37 15.28 -54.60
CA PHE C 602 -8.91 16.57 -55.15
C PHE C 602 -8.50 16.34 -56.58
N ARG C 603 -9.11 17.10 -57.50
CA ARG C 603 -9.08 16.76 -58.91
C ARG C 603 -8.73 17.95 -59.80
N ILE D 84 15.02 40.37 -18.87
CA ILE D 84 13.67 39.87 -18.63
C ILE D 84 13.64 38.38 -18.94
N LEU D 85 13.07 37.60 -18.02
CA LEU D 85 13.08 36.14 -18.13
C LEU D 85 11.67 35.56 -18.12
N ASP D 86 11.57 34.26 -18.43
CA ASP D 86 10.34 33.51 -18.42
C ASP D 86 10.44 32.35 -17.41
N PRO D 87 9.31 31.84 -16.86
CA PRO D 87 9.40 30.86 -15.75
C PRO D 87 10.01 29.51 -16.09
N GLN D 88 10.08 29.13 -17.36
CA GLN D 88 10.81 27.94 -17.77
C GLN D 88 12.20 28.26 -18.29
N GLY D 89 12.65 29.51 -18.17
CA GLY D 89 13.99 29.87 -18.56
C GLY D 89 15.00 29.27 -17.60
N PRO D 90 16.24 29.09 -18.06
CA PRO D 90 17.19 28.28 -17.28
C PRO D 90 17.72 28.99 -16.05
N PHE D 91 17.62 30.31 -15.99
CA PHE D 91 18.08 31.03 -14.81
C PHE D 91 17.10 30.87 -13.65
N LEU D 92 15.81 31.17 -13.89
CA LEU D 92 14.76 31.07 -12.88
C LEU D 92 14.53 29.64 -12.42
N GLN D 93 14.53 28.66 -13.34
CA GLN D 93 14.15 27.28 -13.03
C GLN D 93 15.19 26.57 -12.18
N ARG D 94 16.41 27.10 -12.15
CA ARG D 94 17.45 26.65 -11.22
C ARG D 94 17.57 27.56 -9.99
N TRP D 95 17.07 28.79 -10.10
CA TRP D 95 17.14 29.70 -8.96
C TRP D 95 15.89 29.66 -8.09
N ASN D 96 14.73 29.32 -8.65
CA ASN D 96 13.49 29.17 -7.88
C ASN D 96 13.32 27.79 -7.26
N LYS D 97 14.37 26.97 -7.26
CA LYS D 97 14.43 25.80 -6.41
C LYS D 97 15.22 26.07 -5.14
N ILE D 98 16.06 27.10 -5.16
CA ILE D 98 16.71 27.60 -3.96
C ILE D 98 15.72 28.43 -3.13
N PHE D 99 14.72 29.03 -3.77
CA PHE D 99 13.70 29.80 -3.05
C PHE D 99 12.75 28.92 -2.27
N VAL D 100 12.42 27.75 -2.79
CA VAL D 100 11.58 26.84 -2.02
C VAL D 100 12.39 26.17 -0.92
N LEU D 101 13.71 26.10 -1.06
CA LEU D 101 14.58 25.60 0.00
C LEU D 101 14.72 26.62 1.13
N ALA D 102 14.89 27.90 0.79
CA ALA D 102 15.00 28.94 1.79
C ALA D 102 13.68 29.28 2.46
N CYS D 103 12.57 28.72 1.99
CA CYS D 103 11.29 28.84 2.68
C CYS D 103 11.01 27.67 3.60
N ILE D 104 11.87 26.66 3.61
CA ILE D 104 11.80 25.60 4.61
C ILE D 104 12.82 25.95 5.70
N ILE D 105 13.92 26.57 5.29
CA ILE D 105 14.87 27.10 6.26
C ILE D 105 14.23 28.22 7.07
N ALA D 106 13.33 29.00 6.45
CA ALA D 106 12.67 30.11 7.13
C ALA D 106 11.70 29.62 8.19
N VAL D 107 10.93 28.56 7.90
CA VAL D 107 10.00 28.04 8.91
C VAL D 107 10.69 27.12 9.90
N SER D 108 11.94 26.74 9.64
CA SER D 108 12.75 25.99 10.60
C SER D 108 13.51 26.89 11.56
N LEU D 109 13.28 28.20 11.50
CA LEU D 109 13.94 29.14 12.39
C LEU D 109 12.98 30.09 13.09
N ASP D 110 11.71 30.12 12.71
CA ASP D 110 10.69 30.86 13.42
C ASP D 110 10.42 30.37 14.85
N PRO D 111 10.45 29.06 15.17
CA PRO D 111 10.32 28.68 16.59
C PRO D 111 11.54 29.00 17.45
N LEU D 112 12.63 29.49 16.88
CA LEU D 112 13.78 29.87 17.70
C LEU D 112 13.50 31.10 18.57
N PHE D 113 12.51 31.91 18.20
CA PHE D 113 12.11 33.02 19.05
C PHE D 113 11.33 32.56 20.27
N PHE D 114 10.81 31.33 20.25
CA PHE D 114 10.13 30.79 21.42
C PHE D 114 11.11 30.36 22.50
N TYR D 115 12.37 30.13 22.15
CA TYR D 115 13.40 29.81 23.12
C TYR D 115 14.02 31.03 23.77
N VAL D 116 13.55 32.22 23.42
CA VAL D 116 14.06 33.48 23.95
C VAL D 116 13.60 33.76 25.39
N PRO D 117 12.32 33.59 25.79
CA PRO D 117 12.01 33.79 27.21
C PRO D 117 12.62 32.74 28.10
N ILE D 118 12.96 33.14 29.31
CA ILE D 118 13.72 32.32 30.23
C ILE D 118 13.10 32.52 31.60
N ILE D 119 13.29 31.52 32.46
CA ILE D 119 12.83 31.60 33.84
C ILE D 119 14.04 31.43 34.73
N ASP D 120 14.30 32.42 35.59
CA ASP D 120 15.30 32.26 36.64
C ASP D 120 14.59 31.82 37.92
N ASP D 121 14.77 30.54 38.25
CA ASP D 121 14.00 29.82 39.27
C ASP D 121 14.43 30.19 40.69
N ALA D 122 15.63 30.74 40.87
CA ALA D 122 16.05 31.21 42.18
C ALA D 122 15.24 32.44 42.59
N LYS D 123 15.21 33.46 41.74
CA LYS D 123 14.49 34.69 42.00
C LYS D 123 13.02 34.62 41.61
N LYS D 124 12.59 33.53 40.97
CA LYS D 124 11.20 33.31 40.51
C LYS D 124 10.73 34.42 39.58
N CYS D 125 11.54 34.69 38.55
CA CYS D 125 11.29 35.77 37.61
C CYS D 125 11.36 35.25 36.18
N LEU D 126 10.54 35.84 35.32
CA LEU D 126 10.61 35.58 33.89
C LEU D 126 11.65 36.51 33.28
N GLY D 127 12.55 35.95 32.48
CA GLY D 127 13.61 36.74 31.90
C GLY D 127 13.76 36.59 30.41
N ILE D 128 14.84 37.11 29.85
CA ILE D 128 15.12 37.07 28.43
C ILE D 128 16.50 36.44 28.23
N ASP D 129 16.57 35.46 27.34
CA ASP D 129 17.86 34.94 26.88
C ASP D 129 18.36 35.88 25.79
N LYS D 130 19.36 36.70 26.13
CA LYS D 130 19.78 37.77 25.21
C LYS D 130 20.58 37.24 24.02
N LYS D 131 21.39 36.19 24.23
CA LYS D 131 22.16 35.65 23.11
C LYS D 131 21.32 34.75 22.22
N MET D 132 20.26 34.15 22.76
CA MET D 132 19.28 33.50 21.90
C MET D 132 18.49 34.52 21.10
N GLU D 133 18.31 35.71 21.66
CA GLU D 133 17.57 36.77 21.01
C GLU D 133 18.32 37.33 19.81
N ILE D 134 19.65 37.31 19.86
CA ILE D 134 20.49 37.72 18.73
C ILE D 134 20.59 36.61 17.70
N THR D 135 20.72 35.36 18.16
CA THR D 135 20.87 34.22 17.26
C THR D 135 19.63 34.00 16.41
N ALA D 136 18.44 34.18 17.00
CA ALA D 136 17.22 34.03 16.21
C ALA D 136 16.98 35.21 15.30
N SER D 137 17.50 36.39 15.65
CA SER D 137 17.29 37.57 14.82
C SER D 137 18.15 37.59 13.58
N VAL D 138 19.39 37.10 13.67
CA VAL D 138 20.27 37.10 12.50
C VAL D 138 20.08 35.85 11.64
N LEU D 139 19.55 34.75 12.21
CA LEU D 139 19.18 33.61 11.38
C LEU D 139 17.91 33.87 10.60
N ARG D 140 17.02 34.70 11.16
CA ARG D 140 15.82 35.07 10.42
C ARG D 140 16.12 36.14 9.38
N SER D 141 17.06 37.05 9.68
CA SER D 141 17.41 38.10 8.72
C SER D 141 18.10 37.50 7.50
N PHE D 142 19.04 36.59 7.71
CA PHE D 142 19.82 36.01 6.62
C PHE D 142 19.02 35.04 5.76
N THR D 143 17.83 34.65 6.18
CA THR D 143 16.90 34.00 5.28
C THR D 143 15.78 34.93 4.82
N ASP D 144 15.68 36.15 5.37
CA ASP D 144 14.73 37.12 4.85
C ASP D 144 15.40 38.19 3.97
N VAL D 145 16.72 38.34 4.01
CA VAL D 145 17.32 38.85 2.77
C VAL D 145 17.80 37.63 1.98
N PHE D 146 16.83 36.83 1.58
CA PHE D 146 16.97 35.87 0.49
C PHE D 146 15.64 35.70 -0.22
N TYR D 147 14.61 36.42 0.21
CA TYR D 147 13.28 36.36 -0.38
C TYR D 147 12.83 37.71 -0.90
N VAL D 148 13.52 38.80 -0.57
CA VAL D 148 13.39 40.03 -1.33
C VAL D 148 13.97 39.88 -2.72
N LEU D 149 14.94 38.96 -2.87
CA LEU D 149 15.45 38.48 -4.14
C LEU D 149 14.41 37.72 -4.95
N HIS D 150 13.43 37.11 -4.30
CA HIS D 150 12.28 36.55 -5.00
C HIS D 150 11.31 37.64 -5.44
N ILE D 151 11.23 38.72 -4.66
CA ILE D 151 10.30 39.80 -4.99
C ILE D 151 10.81 40.57 -6.21
N ILE D 152 12.12 40.80 -6.29
CA ILE D 152 12.66 41.47 -7.47
C ILE D 152 12.80 40.54 -8.66
N PHE D 153 12.71 39.22 -8.46
CA PHE D 153 12.71 38.28 -9.58
C PHE D 153 11.31 37.89 -10.00
N GLN D 154 10.31 38.59 -9.47
CA GLN D 154 8.95 38.49 -9.99
C GLN D 154 8.53 39.79 -10.64
N PHE D 155 9.35 40.84 -10.56
CA PHE D 155 9.15 42.04 -11.35
C PHE D 155 9.68 41.91 -12.77
N ARG D 156 10.55 40.93 -13.01
CA ARG D 156 11.08 40.64 -14.33
C ARG D 156 10.90 39.17 -14.68
N THR D 157 9.69 38.66 -14.43
CA THR D 157 9.30 37.33 -14.87
C THR D 157 8.40 37.43 -16.10
N GLY D 158 7.97 36.28 -16.60
CA GLY D 158 7.30 36.21 -17.89
C GLY D 158 5.84 35.75 -17.81
N PHE D 159 4.95 36.68 -18.11
CA PHE D 159 3.57 36.34 -18.44
C PHE D 159 3.51 35.91 -19.90
N ILE D 160 2.51 35.11 -20.25
CA ILE D 160 2.40 34.66 -21.63
C ILE D 160 1.16 35.20 -22.35
N ALA D 161 -0.04 34.82 -21.91
CA ALA D 161 -1.29 35.15 -22.59
C ALA D 161 -2.44 34.74 -21.68
N PRO D 162 -3.66 34.90 -22.18
CA PRO D 162 -4.86 34.46 -21.48
C PRO D 162 -4.98 32.95 -21.54
N GLY D 170 1.77 31.06 -26.53
CA GLY D 170 2.89 30.68 -27.38
C GLY D 170 3.95 31.77 -27.39
N VAL D 171 3.55 32.98 -27.00
CA VAL D 171 4.44 34.14 -26.98
C VAL D 171 4.43 34.72 -25.58
N LEU D 172 5.61 34.87 -24.99
CA LEU D 172 5.74 35.44 -23.65
C LEU D 172 5.66 36.97 -23.70
N VAL D 173 5.37 37.58 -22.55
CA VAL D 173 5.41 39.05 -22.41
C VAL D 173 6.71 39.48 -21.76
N GLU D 174 7.54 40.26 -22.49
CA GLU D 174 8.81 40.72 -21.94
C GLU D 174 8.71 42.16 -21.42
N ASP D 175 7.51 42.67 -21.22
CA ASP D 175 7.31 44.09 -20.96
C ASP D 175 6.88 44.32 -19.52
N LYS D 176 7.53 45.30 -18.89
CA LYS D 176 7.18 45.68 -17.51
C LYS D 176 5.88 46.49 -17.48
N ARG D 177 5.47 46.83 -16.25
CA ARG D 177 4.21 47.51 -15.90
C ARG D 177 2.96 46.65 -16.16
N GLU D 178 3.12 45.43 -16.67
CA GLU D 178 2.08 44.42 -16.62
C GLU D 178 2.61 43.14 -15.98
N ILE D 179 3.92 42.96 -16.02
CA ILE D 179 4.53 42.02 -15.09
C ILE D 179 4.42 42.55 -13.67
N ALA D 180 4.72 43.82 -13.48
CA ALA D 180 4.49 44.49 -12.20
C ALA D 180 3.12 45.17 -12.17
N LYS D 181 2.08 44.44 -12.57
CA LYS D 181 0.73 44.71 -12.10
C LYS D 181 -0.07 43.47 -11.76
N ARG D 182 0.26 42.30 -12.32
CA ARG D 182 -0.45 41.08 -11.93
C ARG D 182 0.15 40.51 -10.67
N TYR D 183 1.49 40.63 -10.52
CA TYR D 183 2.16 40.30 -9.28
C TYR D 183 1.62 41.11 -8.11
N LEU D 184 1.38 42.41 -8.33
CA LEU D 184 0.75 43.25 -7.32
C LEU D 184 -0.74 43.00 -7.15
N SER D 185 -1.33 42.08 -7.92
CA SER D 185 -2.71 41.67 -7.72
C SER D 185 -2.83 40.21 -7.34
N SER D 186 -1.73 39.45 -7.36
CA SER D 186 -1.76 38.03 -7.06
C SER D 186 -0.97 37.66 -5.81
N HIS D 187 0.33 37.97 -5.75
CA HIS D 187 1.14 37.50 -4.62
C HIS D 187 2.10 38.51 -4.03
N PHE D 188 1.99 39.81 -4.32
CA PHE D 188 3.03 40.73 -3.86
C PHE D 188 2.92 41.04 -2.38
N ILE D 189 1.70 41.20 -1.87
CA ILE D 189 1.57 41.57 -0.47
C ILE D 189 1.85 40.39 0.45
N ILE D 190 1.50 39.18 0.01
CA ILE D 190 1.79 37.99 0.82
C ILE D 190 3.29 37.72 0.84
N ASP D 191 3.97 38.07 -0.25
CA ASP D 191 5.43 37.98 -0.28
C ASP D 191 6.08 39.09 0.55
N ILE D 192 5.39 40.20 0.77
CA ILE D 192 5.98 41.28 1.56
C ILE D 192 5.53 41.23 3.03
N LEU D 193 4.35 40.66 3.31
CA LEU D 193 3.98 40.38 4.69
C LEU D 193 4.76 39.23 5.30
N ALA D 194 5.36 38.36 4.49
CA ALA D 194 6.13 37.24 4.98
C ALA D 194 7.60 37.58 5.19
N VAL D 195 8.07 38.70 4.66
CA VAL D 195 9.49 39.01 4.66
C VAL D 195 9.82 40.18 5.56
N LEU D 196 8.80 40.84 6.14
CA LEU D 196 9.02 41.97 7.03
C LEU D 196 9.76 41.52 8.28
N PRO D 197 10.81 42.24 8.71
CA PRO D 197 11.59 41.82 9.89
C PRO D 197 10.90 42.21 11.20
N LEU D 198 9.68 41.72 11.38
CA LEU D 198 8.82 42.01 12.53
C LEU D 198 9.37 41.52 13.87
N PRO D 199 9.93 40.31 14.01
CA PRO D 199 10.56 39.99 15.31
C PRO D 199 11.85 40.75 15.55
N GLN D 200 12.67 40.97 14.52
CA GLN D 200 13.92 41.70 14.72
C GLN D 200 13.68 43.17 15.03
N MET D 201 12.59 43.75 14.51
CA MET D 201 12.32 45.16 14.76
C MET D 201 11.55 45.38 16.06
N VAL D 202 10.78 44.40 16.52
CA VAL D 202 10.16 44.56 17.82
C VAL D 202 11.19 44.40 18.93
N ILE D 203 12.27 43.65 18.67
CA ILE D 203 13.31 43.47 19.68
C ILE D 203 14.16 44.71 19.79
N LEU D 204 14.52 45.32 18.65
CA LEU D 204 15.44 46.44 18.65
C LEU D 204 14.75 47.79 18.89
N ILE D 205 13.51 47.98 18.44
CA ILE D 205 12.86 49.28 18.45
C ILE D 205 11.69 49.32 19.45
N ILE D 206 10.73 48.41 19.31
CA ILE D 206 9.42 48.60 19.95
C ILE D 206 9.46 48.24 21.42
N ILE D 207 10.13 47.14 21.77
CA ILE D 207 10.18 46.71 23.19
C ILE D 207 10.95 47.66 24.10
N PRO D 208 12.11 48.24 23.73
CA PRO D 208 12.71 49.25 24.61
C PRO D 208 11.95 50.56 24.72
N HIS D 209 10.89 50.78 23.95
CA HIS D 209 10.05 51.96 24.09
C HIS D 209 8.60 51.59 24.38
N MET D 210 8.38 50.51 25.11
CA MET D 210 7.04 50.08 25.47
C MET D 210 6.84 50.25 26.97
N ARG D 211 5.60 50.03 27.40
CA ARG D 211 5.18 50.31 28.78
C ARG D 211 4.93 48.99 29.51
N GLY D 212 5.59 48.82 30.65
CA GLY D 212 5.49 47.59 31.42
C GLY D 212 6.85 47.01 31.67
N SER D 213 6.93 45.68 31.76
CA SER D 213 8.20 45.00 31.95
C SER D 213 8.77 44.55 30.61
N SER D 214 10.08 44.68 30.46
CA SER D 214 10.73 44.31 29.21
C SER D 214 10.71 42.81 28.98
N SER D 215 10.66 42.01 30.06
CA SER D 215 10.65 40.57 29.93
C SER D 215 9.27 40.04 29.56
N LEU D 216 8.21 40.62 30.14
CA LEU D 216 6.86 40.21 29.77
C LEU D 216 6.50 40.71 28.38
N ASN D 217 6.99 41.90 28.00
CA ASN D 217 6.71 42.41 26.66
C ASN D 217 7.44 41.61 25.60
N THR D 218 8.65 41.13 25.91
CA THR D 218 9.39 40.31 24.95
C THR D 218 8.73 38.96 24.75
N LYS D 219 8.22 38.36 25.83
CA LYS D 219 7.53 37.07 25.71
C LYS D 219 6.22 37.23 24.97
N ASN D 220 5.51 38.33 25.19
CA ASN D 220 4.18 38.50 24.59
C ASN D 220 4.25 38.96 23.15
N MET D 221 5.21 39.83 22.81
CA MET D 221 5.33 40.29 21.43
C MET D 221 5.86 39.18 20.53
N LEU D 222 6.93 38.50 20.96
CA LEU D 222 7.51 37.43 20.16
C LEU D 222 6.59 36.22 20.04
N LYS D 223 5.66 36.03 20.98
CA LYS D 223 4.69 34.95 20.82
C LYS D 223 3.69 35.28 19.72
N PHE D 224 3.20 36.51 19.68
CA PHE D 224 2.11 36.89 18.79
C PHE D 224 2.60 37.34 17.42
N ILE D 225 3.79 37.93 17.33
CA ILE D 225 4.32 38.32 16.03
C ILE D 225 4.72 37.09 15.22
N VAL D 226 5.30 36.10 15.89
CA VAL D 226 5.55 34.81 15.24
C VAL D 226 4.23 34.09 14.96
N PHE D 227 3.14 34.40 15.69
CA PHE D 227 1.83 33.91 15.30
C PHE D 227 1.31 34.64 14.07
N PHE D 228 1.40 35.97 14.08
CA PHE D 228 0.71 36.75 13.05
C PHE D 228 1.50 36.78 11.75
N GLN D 229 2.80 36.48 11.80
CA GLN D 229 3.57 36.30 10.58
C GLN D 229 3.70 34.83 10.19
N TYR D 230 3.08 33.93 10.95
CA TYR D 230 3.08 32.53 10.59
C TYR D 230 2.17 32.24 9.41
N ILE D 231 1.09 32.99 9.26
CA ILE D 231 0.18 32.79 8.13
C ILE D 231 0.79 33.23 6.80
N PRO D 232 1.35 34.45 6.58
CA PRO D 232 1.86 34.74 5.23
C PRO D 232 3.17 34.02 4.90
N ARG D 233 3.87 33.46 5.89
CA ARG D 233 5.05 32.66 5.60
C ARG D 233 4.69 31.23 5.21
N PHE D 234 3.41 30.85 5.25
CA PHE D 234 2.97 29.57 4.71
C PHE D 234 2.05 29.68 3.50
N ILE D 235 1.35 30.79 3.30
CA ILE D 235 0.66 30.94 2.02
C ILE D 235 1.54 31.64 1.00
N ARG D 236 2.82 31.86 1.32
CA ARG D 236 3.78 32.20 0.28
C ARG D 236 4.43 30.97 -0.33
N ILE D 237 4.26 29.80 0.29
CA ILE D 237 4.82 28.56 -0.25
C ILE D 237 3.77 27.77 -1.03
N TYR D 238 2.49 28.08 -0.87
CA TYR D 238 1.42 27.52 -1.69
C TYR D 238 1.51 27.95 -3.17
N PRO D 239 1.70 29.23 -3.54
CA PRO D 239 1.82 29.51 -4.97
C PRO D 239 3.18 29.18 -5.53
N LEU D 240 4.23 29.20 -4.71
CA LEU D 240 5.55 28.87 -5.22
C LEU D 240 5.70 27.38 -5.45
N TYR D 241 4.89 26.55 -4.76
CA TYR D 241 4.82 25.13 -5.08
C TYR D 241 3.93 24.86 -6.28
N LYS D 242 2.87 25.65 -6.46
CA LYS D 242 2.08 25.59 -7.69
C LYS D 242 2.89 26.02 -8.90
N GLU D 243 3.94 26.82 -8.70
CA GLU D 243 4.84 27.20 -9.77
C GLU D 243 5.80 26.09 -10.17
N VAL D 244 6.10 25.15 -9.26
CA VAL D 244 6.99 24.04 -9.59
C VAL D 244 6.26 22.73 -9.78
N THR D 245 4.94 22.71 -9.65
CA THR D 245 4.13 21.63 -10.20
C THR D 245 3.78 21.88 -11.66
N ARG D 246 4.25 22.99 -12.24
CA ARG D 246 4.09 23.32 -13.65
C ARG D 246 5.48 23.58 -14.20
N THR D 247 6.16 22.52 -14.61
CA THR D 247 7.52 22.63 -15.13
C THR D 247 7.65 22.04 -16.52
N THR D 252 12.69 18.48 -6.60
CA THR D 252 13.10 17.40 -7.49
C THR D 252 12.24 16.17 -7.27
N GLU D 253 12.47 15.14 -8.08
CA GLU D 253 11.82 13.85 -7.88
C GLU D 253 12.85 12.73 -7.97
N THR D 254 12.74 11.79 -7.05
CA THR D 254 13.27 10.45 -7.17
C THR D 254 12.21 9.51 -6.62
N ALA D 255 12.50 8.22 -6.62
CA ALA D 255 11.56 7.26 -6.05
C ALA D 255 11.44 7.41 -4.54
N TRP D 256 12.49 7.87 -3.87
CA TRP D 256 12.52 7.98 -2.42
C TRP D 256 12.38 9.40 -1.91
N ALA D 257 12.22 10.39 -2.79
CA ALA D 257 12.20 11.78 -2.35
C ALA D 257 10.93 12.14 -1.58
N GLY D 258 9.82 11.48 -1.87
CA GLY D 258 8.62 11.70 -1.09
C GLY D 258 8.71 11.18 0.33
N ALA D 259 9.52 10.14 0.54
CA ALA D 259 9.80 9.62 1.87
C ALA D 259 10.88 10.40 2.60
N ALA D 260 11.89 10.91 1.88
CA ALA D 260 12.92 11.70 2.53
C ALA D 260 12.41 13.08 2.92
N PHE D 261 11.51 13.66 2.13
CA PHE D 261 10.85 14.90 2.52
C PHE D 261 9.87 14.65 3.65
N ASN D 262 9.29 13.45 3.69
CA ASN D 262 8.41 13.07 4.79
C ASN D 262 9.19 12.94 6.09
N LEU D 263 10.38 12.37 6.03
CA LEU D 263 11.21 12.22 7.21
C LEU D 263 11.73 13.58 7.69
N PHE D 264 11.95 14.50 6.76
CA PHE D 264 12.29 15.86 7.15
C PHE D 264 11.11 16.60 7.73
N LEU D 265 9.89 16.21 7.35
CA LEU D 265 8.70 16.85 7.91
C LEU D 265 8.45 16.41 9.34
N TYR D 266 8.91 15.22 9.72
CA TYR D 266 8.98 14.85 11.14
C TYR D 266 9.87 15.81 11.90
N MET D 267 11.08 16.05 11.39
CA MET D 267 12.07 16.84 12.10
C MET D 267 11.65 18.30 12.20
N LEU D 268 11.00 18.83 11.17
CA LEU D 268 10.53 20.20 11.23
C LEU D 268 9.36 20.34 12.19
N ALA D 269 8.42 19.39 12.16
CA ALA D 269 7.26 19.47 13.04
C ALA D 269 7.64 19.19 14.49
N SER D 270 8.61 18.29 14.72
CA SER D 270 9.08 18.03 16.07
C SER D 270 9.78 19.24 16.66
N HIS D 271 10.49 20.00 15.81
CA HIS D 271 11.13 21.22 16.28
C HIS D 271 10.11 22.31 16.55
N VAL D 272 9.06 22.39 15.72
CA VAL D 272 8.01 23.39 15.93
C VAL D 272 7.21 23.07 17.17
N PHE D 273 6.79 21.81 17.32
CA PHE D 273 5.96 21.41 18.45
C PHE D 273 6.72 21.47 19.77
N GLY D 274 8.02 21.21 19.75
CA GLY D 274 8.80 21.24 20.97
C GLY D 274 9.14 22.62 21.45
N ALA D 275 9.31 23.58 20.54
CA ALA D 275 9.50 24.95 20.96
C ALA D 275 8.19 25.61 21.37
N PHE D 276 7.08 25.14 20.81
CA PHE D 276 5.76 25.53 21.32
C PHE D 276 5.56 25.03 22.73
N TRP D 277 5.95 23.77 22.98
CA TRP D 277 5.88 23.18 24.31
C TRP D 277 6.79 23.88 25.29
N TYR D 278 7.95 24.34 24.83
CA TYR D 278 8.86 25.12 25.67
C TYR D 278 8.21 26.43 26.11
N LEU D 279 7.60 27.14 25.16
CA LEU D 279 7.03 28.45 25.45
C LEU D 279 5.76 28.32 26.27
N PHE D 280 4.94 27.30 25.99
CA PHE D 280 3.74 27.09 26.77
C PHE D 280 4.04 26.60 28.18
N SER D 281 5.20 25.96 28.39
CA SER D 281 5.59 25.57 29.73
C SER D 281 5.98 26.79 30.57
N ILE D 282 6.63 27.76 29.94
CA ILE D 282 7.01 28.99 30.63
C ILE D 282 5.77 29.82 30.95
N GLU D 283 4.81 29.83 30.03
CA GLU D 283 3.60 30.61 30.24
C GLU D 283 2.70 30.00 31.30
N ARG D 284 2.72 28.66 31.46
CA ARG D 284 1.92 28.06 32.51
C ARG D 284 2.52 28.28 33.89
N GLU D 285 3.85 28.41 33.98
CA GLU D 285 4.45 28.73 35.26
C GLU D 285 4.24 30.18 35.65
N THR D 286 4.22 31.09 34.68
CA THR D 286 3.94 32.48 34.99
C THR D 286 2.46 32.73 35.25
N VAL D 287 1.58 31.91 34.65
CA VAL D 287 0.16 31.96 35.00
C VAL D 287 -0.04 31.50 36.44
N CYS D 288 0.73 30.50 36.87
CA CYS D 288 0.74 30.09 38.28
C CYS D 288 1.24 31.21 39.18
N TRP D 289 2.24 31.97 38.72
CA TRP D 289 2.79 33.04 39.54
C TRP D 289 1.83 34.23 39.64
N LYS D 290 1.11 34.53 38.55
CA LYS D 290 0.17 35.65 38.59
C LYS D 290 -1.03 35.32 39.46
N GLN D 291 -1.53 34.10 39.37
CA GLN D 291 -2.71 33.69 40.15
C GLN D 291 -2.36 33.59 41.64
N ALA D 292 -1.13 33.19 41.95
CA ALA D 292 -0.70 33.14 43.34
C ALA D 292 -0.50 34.53 43.91
N CYS D 293 -0.25 35.52 43.05
CA CYS D 293 -0.03 36.88 43.52
C CYS D 293 -1.34 37.65 43.64
N GLU D 294 -2.38 37.23 42.92
CA GLU D 294 -3.66 37.89 43.07
C GLU D 294 -4.42 37.42 44.30
N ARG D 295 -4.04 36.29 44.91
CA ARG D 295 -4.53 35.94 46.24
C ARG D 295 -3.30 35.87 47.15
N ASN D 296 -2.89 37.03 47.67
CA ASN D 296 -1.64 37.18 48.39
C ASN D 296 -1.90 37.04 49.90
N ASN D 297 -1.96 35.79 50.32
CA ASN D 297 -2.02 35.56 51.75
C ASN D 297 -0.58 35.96 51.96
N PRO D 298 0.38 35.14 51.46
CA PRO D 298 1.70 35.78 51.53
C PRO D 298 1.79 36.90 50.53
N PRO D 299 2.20 38.10 50.95
CA PRO D 299 2.12 39.28 50.07
C PRO D 299 3.15 39.22 48.94
N CYS D 300 2.71 39.59 47.75
CA CYS D 300 3.52 39.47 46.54
C CYS D 300 3.66 40.83 45.87
N ILE D 301 4.86 41.12 45.40
CA ILE D 301 5.14 42.34 44.66
C ILE D 301 5.28 41.99 43.18
N SER D 302 4.51 42.67 42.33
CA SER D 302 4.31 42.25 40.95
C SER D 302 5.43 42.65 39.99
N LYS D 303 6.37 43.52 40.38
CA LYS D 303 7.55 43.74 39.56
C LYS D 303 8.40 42.49 39.51
N LEU D 304 8.49 41.79 40.64
CA LEU D 304 9.52 40.80 40.90
C LEU D 304 9.22 39.47 40.24
N LEU D 305 7.88 39.32 39.51
CA LEU D 305 7.62 38.24 38.57
C LEU D 305 8.38 38.45 37.27
N TYR D 306 8.94 39.60 37.04
CA TYR D 306 9.57 39.93 35.81
C TYR D 306 10.92 40.28 36.16
N CYS D 307 11.89 39.73 35.49
CA CYS D 307 13.23 39.87 35.90
C CYS D 307 13.81 41.23 35.60
N ASP D 308 14.86 41.60 36.30
CA ASP D 308 15.52 42.91 36.16
C ASP D 308 16.82 42.79 36.94
N PRO D 309 18.00 42.95 36.30
CA PRO D 309 19.26 42.71 37.00
C PRO D 309 19.58 43.72 38.10
N GLU D 310 18.90 44.87 38.11
CA GLU D 310 19.03 45.79 39.23
C GLU D 310 18.42 45.20 40.50
N THR D 311 17.29 44.50 40.37
CA THR D 311 16.61 43.93 41.54
C THR D 311 17.15 42.54 41.83
N ALA D 312 17.83 42.38 43.07
CA ALA D 312 18.29 41.07 43.54
C ALA D 312 17.22 40.47 44.45
N GLY D 313 16.88 39.21 44.21
CA GLY D 313 15.88 38.53 45.00
C GLY D 313 14.46 38.83 44.54
N GLY D 314 13.59 37.83 44.63
CA GLY D 314 12.20 38.00 44.26
C GLY D 314 11.24 37.43 45.29
N ASN D 315 10.02 37.12 44.86
CA ASN D 315 9.03 36.54 45.76
C ASN D 315 9.41 35.10 46.07
N ALA D 316 9.89 34.86 47.29
CA ALA D 316 10.43 33.56 47.67
C ALA D 316 9.36 32.55 48.04
N PHE D 317 8.12 32.98 48.27
CA PHE D 317 7.04 32.07 48.64
C PHE D 317 6.47 31.28 47.46
N LEU D 318 6.93 31.55 46.23
CA LEU D 318 6.32 30.96 45.05
C LEU D 318 6.66 29.49 44.86
N ASN D 319 7.71 29.00 45.52
CA ASN D 319 7.96 27.56 45.51
C ASN D 319 6.97 26.79 46.37
N GLU D 320 6.24 27.46 47.26
CA GLU D 320 5.19 26.81 48.03
C GLU D 320 3.90 26.74 47.22
N SER D 321 3.49 27.84 46.60
CA SER D 321 2.21 27.92 45.92
C SER D 321 2.27 27.35 44.51
N CYS D 322 3.45 27.24 43.92
CA CYS D 322 3.64 26.67 42.59
C CYS D 322 4.68 25.56 42.67
N PRO D 323 4.32 24.40 43.20
CA PRO D 323 5.32 23.35 43.44
C PRO D 323 5.63 22.59 42.15
N ILE D 324 6.92 22.36 41.91
CA ILE D 324 7.40 21.78 40.66
C ILE D 324 8.23 20.51 40.91
N GLN D 325 9.24 20.60 41.77
CA GLN D 325 10.13 19.46 41.98
C GLN D 325 9.47 18.35 42.76
N THR D 326 8.59 18.70 43.70
CA THR D 326 7.58 17.76 44.18
C THR D 326 6.23 18.38 43.82
N PRO D 327 5.44 17.73 42.95
CA PRO D 327 4.22 18.35 42.47
C PRO D 327 3.02 18.10 43.37
N ASN D 328 2.15 19.10 43.43
CA ASN D 328 0.87 19.02 44.13
C ASN D 328 -0.18 19.59 43.18
N THR D 329 -0.97 18.71 42.58
CA THR D 329 -1.94 19.14 41.57
C THR D 329 -3.16 19.82 42.17
N THR D 330 -3.33 19.77 43.49
CA THR D 330 -4.36 20.56 44.14
C THR D 330 -4.01 22.05 44.07
N LEU D 331 -2.74 22.39 44.28
CA LEU D 331 -2.29 23.76 44.12
C LEU D 331 -2.26 24.16 42.65
N PHE D 332 -1.52 23.42 41.83
CA PHE D 332 -1.46 23.67 40.40
C PHE D 332 -1.04 22.39 39.69
N ASP D 333 -1.82 21.98 38.69
CA ASP D 333 -1.47 20.87 37.83
C ASP D 333 -0.79 21.41 36.59
N PHE D 334 0.48 21.10 36.42
CA PHE D 334 1.21 21.55 35.25
C PHE D 334 1.06 20.61 34.06
N GLY D 335 0.66 19.36 34.30
CA GLY D 335 0.27 18.47 33.22
C GLY D 335 1.44 18.04 32.36
N ILE D 336 1.32 18.31 31.05
CA ILE D 336 2.38 17.96 30.11
C ILE D 336 3.56 18.92 30.13
N PHE D 337 3.44 20.03 30.86
CA PHE D 337 4.51 21.01 30.96
C PHE D 337 5.39 20.79 32.17
N LEU D 338 5.07 19.81 33.03
CA LEU D 338 5.84 19.58 34.23
C LEU D 338 7.24 19.05 33.93
N ASP D 339 7.38 18.29 32.84
CA ASP D 339 8.70 17.75 32.48
C ASP D 339 9.66 18.86 32.06
N ALA D 340 9.14 19.93 31.45
CA ALA D 340 10.01 21.05 31.09
C ALA D 340 10.43 21.86 32.30
N LEU D 341 9.56 21.97 33.30
CA LEU D 341 9.89 22.77 34.46
C LEU D 341 10.73 21.99 35.47
N GLN D 342 10.66 20.67 35.43
CA GLN D 342 11.46 19.85 36.33
C GLN D 342 12.86 19.60 35.80
N SER D 343 13.02 19.51 34.48
CA SER D 343 14.33 19.29 33.89
C SER D 343 15.21 20.54 33.90
N GLY D 344 14.64 21.71 34.17
CA GLY D 344 15.41 22.93 34.14
C GLY D 344 15.77 23.42 32.77
N VAL D 345 15.07 22.95 31.73
CA VAL D 345 15.34 23.40 30.38
C VAL D 345 14.83 24.83 30.17
N VAL D 346 13.86 25.27 30.97
CA VAL D 346 13.35 26.63 30.87
C VAL D 346 14.23 27.64 31.60
N GLU D 347 15.26 27.17 32.31
CA GLU D 347 16.22 28.04 32.97
C GLU D 347 17.57 28.07 32.29
N SER D 348 17.86 27.08 31.46
CA SER D 348 19.17 26.98 30.82
C SER D 348 19.32 28.03 29.73
N GLN D 349 20.50 28.62 29.63
CA GLN D 349 20.83 29.48 28.51
C GLN D 349 21.74 28.78 27.52
N ASP D 350 21.89 27.47 27.65
CA ASP D 350 22.67 26.65 26.73
C ASP D 350 21.73 26.19 25.62
N PHE D 351 21.89 26.74 24.42
CA PHE D 351 20.95 26.46 23.33
C PHE D 351 20.95 25.01 22.82
N PRO D 352 22.09 24.32 22.56
CA PRO D 352 21.96 22.91 22.14
C PRO D 352 21.41 22.01 23.23
N GLN D 353 21.63 22.36 24.49
CA GLN D 353 20.92 21.70 25.58
C GLN D 353 19.42 21.93 25.48
N LYS D 354 19.03 23.18 25.24
CA LYS D 354 17.62 23.56 25.22
C LYS D 354 16.94 23.06 23.94
N PHE D 355 17.63 23.14 22.81
CA PHE D 355 17.05 22.71 21.54
C PHE D 355 16.78 21.21 21.51
N PHE D 356 17.77 20.41 21.94
CA PHE D 356 17.68 18.97 21.77
C PHE D 356 16.67 18.34 22.72
N TYR D 357 16.54 18.88 23.93
CA TYR D 357 15.53 18.37 24.87
C TYR D 357 14.12 18.64 24.37
N CYS D 358 13.91 19.80 23.74
CA CYS D 358 12.56 20.15 23.29
C CYS D 358 12.25 19.54 21.93
N PHE D 359 13.24 19.44 21.04
CA PHE D 359 13.05 18.73 19.77
C PHE D 359 12.71 17.27 20.01
N TRP D 360 13.35 16.66 21.01
CA TRP D 360 13.08 15.26 21.30
C TRP D 360 11.71 15.06 21.92
N TRP D 361 11.24 16.02 22.72
CA TRP D 361 9.87 15.99 23.20
C TRP D 361 8.88 16.01 22.04
N GLY D 362 9.14 16.85 21.03
CA GLY D 362 8.29 16.89 19.86
C GLY D 362 8.35 15.62 19.04
N LEU D 363 9.53 15.03 18.91
CA LEU D 363 9.66 13.80 18.13
C LEU D 363 9.08 12.61 18.87
N GLN D 364 9.25 12.56 20.19
CA GLN D 364 8.71 11.46 20.98
C GLN D 364 7.20 11.45 20.97
N ASN D 365 6.57 12.63 21.01
CA ASN D 365 5.13 12.70 21.12
C ASN D 365 4.42 12.76 19.78
N LEU D 366 5.10 13.16 18.70
CA LEU D 366 4.49 13.08 17.38
C LEU D 366 4.43 11.64 16.91
N SER D 367 5.53 10.90 17.09
CA SER D 367 5.56 9.51 16.67
C SER D 367 4.79 8.61 17.63
N SER D 368 4.50 9.07 18.84
CA SER D 368 3.59 8.36 19.72
C SER D 368 2.15 8.73 19.49
N LEU D 369 1.87 9.70 18.62
CA LEU D 369 0.52 10.27 18.38
C LEU D 369 -0.08 10.82 19.67
N GLY D 370 0.75 11.35 20.57
CA GLY D 370 0.27 11.89 21.82
C GLY D 370 -0.13 10.88 22.88
N GLN D 371 0.39 9.65 22.82
CA GLN D 371 -0.02 8.58 23.74
C GLN D 371 0.27 8.90 25.19
N ASN D 372 1.47 9.36 25.46
CA ASN D 372 1.98 9.43 26.82
C ASN D 372 1.82 10.81 27.42
N LEU D 373 1.05 11.67 26.77
CA LEU D 373 0.77 13.01 27.28
C LEU D 373 -0.25 12.90 28.40
N LYS D 374 0.19 13.09 29.63
CA LYS D 374 -0.72 13.12 30.78
C LYS D 374 -1.11 14.56 31.01
N THR D 375 -2.18 14.99 30.34
CA THR D 375 -2.61 16.37 30.44
C THR D 375 -3.31 16.63 31.77
N SER D 376 -3.41 17.90 32.10
CA SER D 376 -4.25 18.36 33.19
C SER D 376 -5.66 18.60 32.65
N THR D 377 -6.50 19.26 33.44
CA THR D 377 -7.84 19.60 33.00
C THR D 377 -7.90 20.94 32.26
N TYR D 378 -6.75 21.56 32.01
CA TYR D 378 -6.71 22.82 31.30
C TYR D 378 -7.03 22.61 29.83
N ILE D 379 -7.91 23.46 29.28
CA ILE D 379 -8.50 23.21 27.97
C ILE D 379 -7.49 23.39 26.85
N TRP D 380 -6.70 24.47 26.89
CA TRP D 380 -5.76 24.73 25.81
C TRP D 380 -4.54 23.83 25.87
N GLU D 381 -4.24 23.26 27.03
CA GLU D 381 -3.25 22.19 27.09
C GLU D 381 -3.78 20.92 26.41
N ILE D 382 -5.07 20.63 26.60
CA ILE D 382 -5.70 19.50 25.94
C ILE D 382 -5.75 19.72 24.43
N CYS D 383 -6.09 20.95 24.01
CA CYS D 383 -6.14 21.27 22.58
C CYS D 383 -4.78 21.20 21.93
N PHE D 384 -3.72 21.53 22.68
CA PHE D 384 -2.36 21.33 22.20
C PHE D 384 -2.05 19.85 22.03
N ALA D 385 -2.51 19.01 22.98
CA ALA D 385 -2.26 17.58 22.91
C ALA D 385 -3.10 16.91 21.84
N VAL D 386 -4.32 17.40 21.62
CA VAL D 386 -5.16 16.92 20.52
C VAL D 386 -4.50 17.24 19.18
N PHE D 387 -3.91 18.43 19.07
CA PHE D 387 -3.24 18.84 17.84
C PHE D 387 -1.97 18.05 17.59
N ILE D 388 -1.24 17.67 18.64
CA ILE D 388 -0.07 16.81 18.49
C ILE D 388 -0.50 15.41 18.03
N SER D 389 -1.62 14.92 18.59
CA SER D 389 -2.13 13.60 18.23
C SER D 389 -2.55 13.52 16.78
N ILE D 390 -3.27 14.55 16.30
CA ILE D 390 -3.74 14.54 14.90
C ILE D 390 -2.59 14.72 13.94
N ALA D 391 -1.66 15.63 14.25
CA ALA D 391 -0.53 15.90 13.36
C ALA D 391 0.39 14.71 13.23
N GLY D 392 0.61 13.97 14.32
CA GLY D 392 1.38 12.75 14.23
C GLY D 392 0.63 11.65 13.53
N LEU D 393 -0.69 11.63 13.66
CA LEU D 393 -1.54 10.66 12.98
C LEU D 393 -1.50 10.88 11.47
N VAL D 394 -1.49 12.14 11.05
CA VAL D 394 -1.36 12.48 9.63
C VAL D 394 0.05 12.22 9.14
N LEU D 395 1.12 12.31 9.84
CA LEU D 395 2.45 12.02 9.40
C LEU D 395 2.93 10.68 9.33
N PHE D 396 2.49 9.86 10.14
CA PHE D 396 2.80 8.55 10.08
C PHE D 396 2.13 7.80 9.05
N SER D 397 0.95 8.13 8.70
CA SER D 397 0.28 7.54 7.64
C SER D 397 0.88 7.97 6.36
N PHE D 398 1.30 9.17 6.18
CA PHE D 398 2.04 9.57 5.04
C PHE D 398 3.35 8.85 4.86
N LEU D 399 4.15 8.57 5.86
CA LEU D 399 5.30 7.79 5.77
C LEU D 399 5.19 6.42 5.43
N ILE D 400 4.20 5.80 5.91
CA ILE D 400 3.98 4.48 5.52
C ILE D 400 3.57 4.44 4.10
N GLY D 401 2.87 5.39 3.60
CA GLY D 401 2.59 5.46 2.23
C GLY D 401 3.64 5.87 1.35
N ASN D 402 4.48 6.90 1.74
CA ASN D 402 5.59 7.31 0.96
C ASN D 402 6.64 6.31 0.88
N MET D 403 6.50 5.23 1.48
CA MET D 403 7.48 4.22 1.52
C MET D 403 7.08 3.03 0.83
N GLN D 404 5.86 2.70 0.90
CA GLN D 404 5.35 1.67 0.18
C GLN D 404 5.24 2.13 -1.20
N THR D 405 5.35 3.38 -1.47
CA THR D 405 5.40 3.79 -2.80
C THR D 405 6.79 3.59 -3.25
N TYR D 406 7.93 4.16 -2.57
CA TYR D 406 9.23 3.83 -2.95
C TYR D 406 9.42 2.37 -3.23
N LEU D 407 8.86 1.46 -2.48
CA LEU D 407 9.09 0.08 -2.64
C LEU D 407 8.45 -0.54 -3.75
N GLN D 408 7.31 -0.10 -4.12
CA GLN D 408 6.58 -0.62 -5.19
C GLN D 408 6.98 -0.03 -6.50
N SER D 409 7.78 0.96 -6.51
CA SER D 409 8.24 1.58 -7.67
C SER D 409 9.30 0.80 -8.17
N THR D 410 9.97 0.18 -7.29
CA THR D 410 11.09 -0.52 -7.69
C THR D 410 10.80 -1.97 -7.99
N THR D 411 9.41 -2.51 -8.11
CA THR D 411 9.13 -3.87 -8.30
C THR D 411 8.07 -4.20 -9.32
N THR D 412 7.82 -3.45 -10.34
CA THR D 412 6.74 -3.62 -11.34
C THR D 412 7.01 -4.74 -12.32
N ARG D 413 8.15 -4.76 -12.97
CA ARG D 413 8.44 -5.73 -14.04
C ARG D 413 8.59 -7.06 -13.35
N LEU D 414 8.75 -7.00 -12.07
CA LEU D 414 9.05 -8.17 -11.26
C LEU D 414 7.79 -8.75 -10.67
N GLU D 415 6.88 -7.87 -10.25
CA GLU D 415 5.48 -8.25 -10.08
C GLU D 415 4.87 -8.84 -11.35
N GLU D 416 5.14 -8.24 -12.50
CA GLU D 416 4.52 -8.70 -13.73
C GLU D 416 5.05 -10.07 -14.13
N MET D 417 6.29 -10.39 -13.76
CA MET D 417 6.82 -11.73 -13.99
C MET D 417 6.19 -12.75 -13.05
N ARG D 418 5.95 -12.37 -11.79
CA ARG D 418 5.38 -13.30 -10.83
C ARG D 418 3.93 -13.63 -11.15
N VAL D 419 3.19 -12.67 -11.70
CA VAL D 419 1.81 -12.92 -12.10
C VAL D 419 1.78 -13.84 -13.32
N LYS D 420 2.92 -13.82 -14.20
CA LYS D 420 3.03 -14.67 -15.38
C LYS D 420 3.52 -16.07 -15.04
N ARG D 421 4.36 -16.20 -14.03
CA ARG D 421 4.82 -17.51 -13.59
C ARG D 421 3.70 -18.27 -12.90
N ARG D 422 2.91 -17.58 -12.06
CA ARG D 422 1.73 -18.17 -11.46
C ARG D 422 0.60 -18.38 -12.45
N ASP D 423 0.65 -17.73 -13.62
CA ASP D 423 -0.29 -18.00 -14.70
C ASP D 423 0.14 -19.19 -15.54
N ALA D 424 1.44 -19.42 -15.70
CA ALA D 424 1.92 -20.58 -16.43
C ALA D 424 1.65 -21.86 -15.64
N GLU D 425 1.64 -21.65 -14.19
CA GLU D 425 1.04 -22.58 -13.25
C GLU D 425 -0.46 -22.32 -13.17
N GLN D 426 -1.21 -23.38 -12.86
CA GLN D 426 -2.67 -23.53 -12.87
C GLN D 426 -3.31 -23.28 -14.25
N TRP D 427 -2.53 -22.99 -15.28
CA TRP D 427 -2.96 -23.29 -16.63
C TRP D 427 -2.44 -24.66 -17.05
N MET D 428 -1.14 -24.89 -16.90
CA MET D 428 -0.66 -26.24 -16.67
C MET D 428 -1.14 -26.68 -15.30
N SER D 429 -1.68 -27.91 -15.23
CA SER D 429 -2.48 -28.58 -14.18
C SER D 429 -3.94 -28.15 -14.21
N HIS D 430 -4.35 -27.27 -15.11
CA HIS D 430 -5.72 -27.25 -15.58
C HIS D 430 -5.89 -27.93 -16.92
N ARG D 431 -4.92 -27.78 -17.81
CA ARG D 431 -4.85 -28.55 -19.04
C ARG D 431 -4.22 -29.91 -18.83
N LEU D 432 -3.67 -30.16 -17.63
CA LEU D 432 -3.02 -31.41 -17.23
C LEU D 432 -1.89 -31.76 -18.19
N LEU D 433 -0.97 -30.82 -18.35
CA LEU D 433 0.15 -31.00 -19.27
C LEU D 433 1.14 -32.00 -18.67
N PRO D 434 1.82 -32.78 -19.52
CA PRO D 434 2.85 -33.68 -19.02
C PRO D 434 4.06 -32.90 -18.52
N GLU D 435 4.86 -33.56 -17.68
CA GLU D 435 5.96 -32.87 -17.00
C GLU D 435 7.11 -32.53 -17.94
N ASN D 436 7.21 -33.19 -19.10
CA ASN D 436 8.21 -32.77 -20.06
C ASN D 436 7.78 -31.49 -20.77
N LEU D 437 6.48 -31.25 -20.88
CA LEU D 437 6.00 -30.02 -21.49
C LEU D 437 6.03 -28.86 -20.49
N ARG D 438 5.73 -29.13 -19.23
CA ARG D 438 5.64 -28.07 -18.22
C ARG D 438 6.99 -27.46 -17.90
N LYS D 439 8.04 -28.29 -17.83
CA LYS D 439 9.32 -27.78 -17.39
C LYS D 439 10.07 -27.13 -18.55
N ARG D 440 9.67 -27.43 -19.79
CA ARG D 440 10.10 -26.66 -20.94
C ARG D 440 9.44 -25.29 -20.99
N ILE D 441 8.21 -25.18 -20.50
CA ILE D 441 7.55 -23.87 -20.41
C ILE D 441 8.21 -23.02 -19.35
N ARG D 442 8.50 -23.61 -18.18
CA ARG D 442 9.16 -22.90 -17.10
C ARG D 442 10.59 -22.51 -17.47
N ARG D 443 11.22 -23.29 -18.35
CA ARG D 443 12.59 -22.97 -18.77
C ARG D 443 12.60 -21.77 -19.70
N TYR D 444 11.65 -21.70 -20.64
CA TYR D 444 11.62 -20.57 -21.57
C TYR D 444 11.22 -19.28 -20.87
N GLU D 445 10.23 -19.35 -19.97
CA GLU D 445 9.75 -18.14 -19.31
C GLU D 445 10.78 -17.61 -18.30
N GLN D 446 11.65 -18.47 -17.79
CA GLN D 446 12.73 -18.00 -16.93
C GLN D 446 13.91 -17.51 -17.77
N TYR D 447 14.13 -18.10 -18.94
CA TYR D 447 15.17 -17.63 -19.85
C TYR D 447 14.80 -16.28 -20.46
N LYS D 448 13.52 -16.10 -20.83
CA LYS D 448 13.07 -14.81 -21.33
C LYS D 448 13.12 -13.75 -20.24
N TRP D 449 12.93 -14.14 -18.98
CA TRP D 449 12.98 -13.18 -17.89
C TRP D 449 14.39 -12.72 -17.60
N GLN D 450 15.38 -13.61 -17.63
CA GLN D 450 16.72 -13.21 -17.24
C GLN D 450 17.44 -12.49 -18.37
N GLU D 451 16.91 -12.60 -19.60
CA GLU D 451 17.46 -11.83 -20.71
C GLU D 451 16.80 -10.47 -20.84
N THR D 452 15.46 -10.44 -20.90
CA THR D 452 14.76 -9.20 -21.23
C THR D 452 14.31 -8.41 -20.01
N ARG D 453 14.08 -9.08 -18.87
CA ARG D 453 13.50 -8.50 -17.66
C ARG D 453 12.16 -7.81 -17.93
N GLY D 454 11.33 -8.46 -18.74
CA GLY D 454 10.02 -7.95 -19.05
C GLY D 454 9.96 -6.85 -20.08
N VAL D 455 11.10 -6.40 -20.59
CA VAL D 455 11.13 -5.30 -21.55
C VAL D 455 10.80 -5.85 -22.92
N ASP D 456 9.77 -5.26 -23.55
CA ASP D 456 9.49 -5.55 -24.96
C ASP D 456 10.38 -4.65 -25.81
N GLU D 457 11.30 -5.27 -26.54
CA GLU D 457 12.32 -4.50 -27.26
C GLU D 457 11.72 -3.79 -28.46
N GLU D 458 10.79 -4.44 -29.16
CA GLU D 458 10.19 -3.83 -30.35
C GLU D 458 9.27 -2.66 -29.97
N ASN D 459 8.59 -2.75 -28.83
CA ASN D 459 7.78 -1.62 -28.38
C ASN D 459 8.67 -0.49 -27.86
N LEU D 460 9.83 -0.82 -27.29
CA LEU D 460 10.76 0.20 -26.84
C LEU D 460 11.40 0.94 -28.03
N LEU D 461 11.71 0.20 -29.09
CA LEU D 461 12.36 0.81 -30.25
C LEU D 461 11.38 1.57 -31.13
N SER D 462 10.11 1.16 -31.17
CA SER D 462 9.14 1.83 -32.02
C SER D 462 8.71 3.17 -31.47
N ASN D 463 8.89 3.41 -30.17
CA ASN D 463 8.57 4.69 -29.56
C ASN D 463 9.74 5.65 -29.58
N LEU D 464 10.79 5.34 -30.34
CA LEU D 464 11.94 6.17 -30.56
C LEU D 464 11.85 6.80 -31.95
N PRO D 465 12.53 7.92 -32.20
CA PRO D 465 12.49 8.53 -33.53
C PRO D 465 13.18 7.66 -34.58
N LYS D 466 12.84 7.92 -35.84
CA LYS D 466 13.19 6.99 -36.91
C LYS D 466 14.67 6.99 -37.25
N ASP D 467 15.42 8.03 -36.90
CA ASP D 467 16.86 8.01 -37.14
C ASP D 467 17.61 7.46 -35.94
N LEU D 468 17.03 7.62 -34.74
CA LEU D 468 17.65 7.06 -33.55
C LEU D 468 17.41 5.55 -33.49
N ARG D 469 16.22 5.10 -33.90
CA ARG D 469 15.94 3.69 -34.04
C ARG D 469 16.76 3.05 -35.16
N ARG D 470 17.11 3.83 -36.17
CA ARG D 470 17.96 3.33 -37.25
C ARG D 470 19.40 3.15 -36.78
N ASP D 471 19.90 4.07 -35.95
CA ASP D 471 21.28 3.97 -35.49
C ASP D 471 21.46 2.85 -34.48
N ILE D 472 20.41 2.49 -33.75
CA ILE D 472 20.50 1.36 -32.83
C ILE D 472 20.53 0.05 -33.59
N LYS D 473 19.61 -0.12 -34.55
CA LYS D 473 19.50 -1.37 -35.28
C LYS D 473 20.65 -1.55 -36.28
N ARG D 474 21.32 -0.48 -36.69
CA ARG D 474 22.55 -0.63 -37.46
C ARG D 474 23.73 -1.01 -36.59
N HIS D 475 23.66 -0.76 -35.29
CA HIS D 475 24.69 -1.24 -34.39
C HIS D 475 24.49 -2.72 -34.05
N LEU D 476 23.24 -3.12 -33.85
CA LEU D 476 22.96 -4.49 -33.43
C LEU D 476 22.96 -5.47 -34.59
N CYS D 477 22.34 -5.09 -35.71
CA CYS D 477 21.94 -6.06 -36.72
C CYS D 477 22.75 -5.99 -38.01
N LEU D 478 23.48 -4.91 -38.27
CA LEU D 478 24.07 -4.73 -39.58
C LEU D 478 25.31 -5.60 -39.76
N ALA D 479 26.13 -5.76 -38.71
CA ALA D 479 27.30 -6.61 -38.81
C ALA D 479 26.93 -8.08 -38.92
N LEU D 480 25.75 -8.46 -38.40
CA LEU D 480 25.25 -9.81 -38.59
C LEU D 480 24.78 -10.05 -40.01
N LEU D 481 24.26 -9.01 -40.67
CA LEU D 481 23.80 -9.15 -42.05
C LEU D 481 24.94 -9.15 -43.06
N MET D 482 26.12 -8.68 -42.67
CA MET D 482 27.27 -8.66 -43.57
C MET D 482 27.99 -10.00 -43.66
N ARG D 483 27.52 -11.01 -42.93
CA ARG D 483 28.08 -12.34 -43.04
C ARG D 483 27.30 -13.22 -43.98
N VAL D 484 26.11 -12.82 -44.39
CA VAL D 484 25.42 -13.44 -45.53
C VAL D 484 26.11 -12.99 -46.81
N PRO D 485 26.56 -13.92 -47.67
CA PRO D 485 27.38 -13.53 -48.82
C PRO D 485 26.62 -12.83 -49.94
N MET D 486 25.31 -12.66 -49.83
CA MET D 486 24.62 -11.84 -50.81
C MET D 486 24.40 -10.40 -50.34
N PHE D 487 24.19 -10.18 -49.05
CA PHE D 487 23.69 -8.90 -48.53
C PHE D 487 24.69 -7.75 -48.62
N GLU D 488 25.94 -7.98 -49.06
CA GLU D 488 26.82 -6.83 -49.28
C GLU D 488 26.49 -6.14 -50.60
N LYS D 489 25.75 -6.81 -51.49
CA LYS D 489 25.36 -6.26 -52.79
C LYS D 489 24.33 -5.15 -52.68
N MET D 490 23.74 -4.95 -51.51
CA MET D 490 22.72 -3.92 -51.34
C MET D 490 23.36 -2.64 -50.82
N ASP D 491 22.60 -1.55 -50.91
CA ASP D 491 23.07 -0.25 -50.48
C ASP D 491 22.65 -0.01 -49.03
N GLU D 492 22.88 1.21 -48.54
CA GLU D 492 22.37 1.63 -47.25
C GLU D 492 20.95 2.18 -47.33
N GLN D 493 20.14 1.70 -48.27
CA GLN D 493 18.71 1.94 -48.30
C GLN D 493 17.87 0.68 -48.23
N LEU D 494 18.45 -0.47 -48.50
CA LEU D 494 17.71 -1.73 -48.50
C LEU D 494 18.10 -2.60 -47.30
N LEU D 495 19.37 -2.51 -46.89
CA LEU D 495 19.80 -3.14 -45.65
C LEU D 495 19.22 -2.41 -44.45
N ASP D 496 18.94 -1.11 -44.61
CA ASP D 496 18.22 -0.39 -43.56
C ASP D 496 16.77 -0.79 -43.49
N ALA D 497 16.21 -1.33 -44.58
CA ALA D 497 14.91 -1.97 -44.50
C ALA D 497 15.00 -3.34 -43.84
N LEU D 498 16.16 -3.97 -43.91
CA LEU D 498 16.34 -5.29 -43.31
C LEU D 498 16.64 -5.21 -41.81
N CYS D 499 17.42 -4.20 -41.40
CA CYS D 499 17.66 -4.00 -39.98
C CYS D 499 16.40 -3.57 -39.25
N ASP D 500 15.49 -2.88 -39.96
CA ASP D 500 14.20 -2.49 -39.39
C ASP D 500 13.29 -3.68 -39.16
N ARG D 501 13.47 -4.77 -39.90
CA ARG D 501 12.58 -5.91 -39.82
C ARG D 501 13.16 -7.10 -39.07
N LEU D 502 14.36 -6.98 -38.52
CA LEU D 502 14.95 -8.05 -37.73
C LEU D 502 14.38 -8.01 -36.31
N GLN D 503 13.81 -9.11 -35.87
CA GLN D 503 13.21 -9.21 -34.56
C GLN D 503 14.01 -10.17 -33.67
N PRO D 504 14.25 -9.81 -32.42
CA PRO D 504 15.04 -10.68 -31.55
C PRO D 504 14.23 -11.87 -31.06
N VAL D 505 14.83 -13.05 -31.14
CA VAL D 505 14.21 -14.29 -30.66
C VAL D 505 15.13 -14.95 -29.65
N LEU D 506 14.54 -15.79 -28.82
CA LEU D 506 15.25 -16.53 -27.79
C LEU D 506 14.96 -18.01 -27.94
N TYR D 507 15.97 -18.83 -27.70
CA TYR D 507 15.83 -20.28 -27.76
C TYR D 507 16.59 -20.91 -26.61
N THR D 508 15.91 -21.76 -25.86
CA THR D 508 16.54 -22.51 -24.79
C THR D 508 17.33 -23.70 -25.37
N GLU D 509 17.93 -24.48 -24.48
CA GLU D 509 18.58 -25.72 -24.89
C GLU D 509 17.52 -26.80 -25.13
N GLU D 510 17.90 -27.80 -25.93
CA GLU D 510 17.08 -28.82 -26.61
C GLU D 510 16.10 -28.25 -27.63
N SER D 511 16.05 -26.94 -27.85
CA SER D 511 14.97 -26.35 -28.61
C SER D 511 15.20 -26.50 -30.11
N TYR D 512 14.18 -26.98 -30.80
CA TYR D 512 14.25 -27.17 -32.24
C TYR D 512 13.89 -25.87 -32.96
N ILE D 513 14.81 -25.40 -33.81
CA ILE D 513 14.52 -24.25 -34.64
C ILE D 513 13.59 -24.62 -35.78
N VAL D 514 13.99 -25.64 -36.53
CA VAL D 514 13.19 -26.18 -37.62
C VAL D 514 13.54 -27.66 -37.71
N ARG D 515 12.61 -28.44 -38.26
CA ARG D 515 12.83 -29.85 -38.54
C ARG D 515 12.75 -30.06 -40.04
N GLU D 516 13.32 -31.18 -40.49
CA GLU D 516 13.29 -31.49 -41.91
C GLU D 516 11.89 -31.88 -42.33
N GLY D 517 11.35 -31.16 -43.31
CA GLY D 517 9.98 -31.33 -43.74
C GLY D 517 9.08 -30.14 -43.46
N ASP D 518 9.42 -29.29 -42.47
CA ASP D 518 8.61 -28.15 -42.12
C ASP D 518 8.85 -27.00 -43.11
N PRO D 519 7.86 -26.15 -43.36
CA PRO D 519 8.12 -24.94 -44.14
C PRO D 519 8.92 -23.94 -43.31
N VAL D 520 9.82 -23.23 -43.99
CA VAL D 520 10.74 -22.31 -43.34
C VAL D 520 10.11 -20.93 -43.29
N ASP D 521 9.74 -20.48 -42.09
CA ASP D 521 9.16 -19.16 -41.88
C ASP D 521 10.21 -18.08 -41.70
N GLU D 522 11.31 -18.38 -41.00
CA GLU D 522 12.24 -17.37 -40.52
C GLU D 522 13.60 -17.56 -41.16
N MET D 523 14.41 -16.52 -41.07
CA MET D 523 15.84 -16.59 -41.35
C MET D 523 16.55 -16.03 -40.13
N LEU D 524 17.30 -16.89 -39.42
CA LEU D 524 17.94 -16.47 -38.19
C LEU D 524 19.30 -15.87 -38.46
N PHE D 525 19.76 -15.05 -37.51
CA PHE D 525 21.10 -14.48 -37.52
C PHE D 525 21.57 -14.59 -36.08
N ILE D 526 22.45 -15.57 -35.83
CA ILE D 526 22.75 -16.02 -34.48
C ILE D 526 23.65 -15.01 -33.78
N MET D 527 23.22 -14.56 -32.60
CA MET D 527 24.05 -13.73 -31.74
C MET D 527 24.82 -14.51 -30.71
N ARG D 528 24.22 -15.57 -30.18
CA ARG D 528 24.78 -16.31 -29.06
C ARG D 528 24.38 -17.77 -29.20
N GLY D 529 25.19 -18.64 -28.61
CA GLY D 529 24.85 -20.03 -28.51
C GLY D 529 25.30 -20.84 -29.70
N LYS D 530 25.32 -22.16 -29.52
CA LYS D 530 25.75 -23.10 -30.54
C LYS D 530 24.54 -23.91 -31.01
N LEU D 531 24.51 -24.24 -32.29
CA LEU D 531 23.35 -24.91 -32.89
C LEU D 531 23.82 -26.06 -33.76
N LEU D 532 23.37 -27.27 -33.44
CA LEU D 532 23.67 -28.45 -34.22
C LEU D 532 22.58 -28.64 -35.26
N THR D 533 22.98 -28.62 -36.53
CA THR D 533 22.06 -28.87 -37.64
C THR D 533 22.43 -30.18 -38.33
N ILE D 534 21.42 -31.00 -38.62
CA ILE D 534 21.59 -32.29 -39.26
C ILE D 534 20.70 -32.35 -40.49
N THR D 535 20.94 -33.36 -41.32
CA THR D 535 20.10 -33.61 -42.47
C THR D 535 20.16 -35.09 -42.83
N THR D 536 19.03 -35.58 -43.36
CA THR D 536 18.95 -36.92 -43.94
C THR D 536 18.60 -36.90 -45.42
N ASN D 537 18.37 -35.72 -46.00
CA ASN D 537 18.31 -35.48 -47.45
C ASN D 537 17.14 -36.23 -48.10
N LEU D 544 24.53 -38.44 -44.63
CA LEU D 544 24.23 -37.47 -43.59
C LEU D 544 25.53 -36.80 -43.15
N ASN D 545 25.40 -35.57 -42.66
CA ASN D 545 26.51 -34.79 -42.14
C ASN D 545 25.97 -33.75 -41.19
N SER D 546 26.66 -33.53 -40.08
CA SER D 546 26.21 -32.63 -39.02
C SER D 546 27.09 -31.39 -39.00
N GLU D 547 26.52 -30.26 -39.37
CA GLU D 547 27.21 -28.98 -39.29
C GLU D 547 26.92 -28.31 -37.96
N TYR D 548 27.56 -27.16 -37.73
CA TYR D 548 27.40 -26.42 -36.49
C TYR D 548 27.27 -24.94 -36.80
N LEU D 549 26.33 -24.27 -36.13
CA LEU D 549 26.11 -22.83 -36.28
C LEU D 549 26.48 -22.13 -34.99
N GLY D 550 27.45 -21.22 -35.06
CA GLY D 550 27.86 -20.42 -33.93
C GLY D 550 27.41 -18.98 -34.04
N ALA D 551 28.02 -18.14 -33.23
CA ALA D 551 27.72 -16.71 -33.27
C ALA D 551 28.26 -16.10 -34.55
N GLY D 552 27.39 -15.40 -35.28
CA GLY D 552 27.70 -14.86 -36.57
C GLY D 552 27.15 -15.67 -37.72
N ASP D 553 26.96 -16.97 -37.53
CA ASP D 553 26.37 -17.80 -38.57
C ASP D 553 24.87 -17.52 -38.67
N PHE D 554 24.28 -18.01 -39.75
CA PHE D 554 22.88 -17.71 -40.04
C PHE D 554 22.18 -18.97 -40.54
N CYS D 555 20.94 -19.12 -40.11
CA CYS D 555 20.09 -20.24 -40.49
C CYS D 555 18.96 -19.74 -41.36
N GLY D 556 18.42 -20.63 -42.18
CA GLY D 556 17.31 -20.31 -43.03
C GLY D 556 17.65 -19.73 -44.38
N GLU D 557 18.83 -20.03 -44.94
CA GLU D 557 19.23 -19.49 -46.23
C GLU D 557 18.56 -20.19 -47.40
N GLU D 558 17.63 -21.11 -47.15
CA GLU D 558 16.76 -21.63 -48.19
C GLU D 558 15.75 -20.60 -48.64
N LEU D 559 15.46 -19.64 -47.76
CA LEU D 559 14.34 -18.72 -47.89
C LEU D 559 14.69 -17.48 -48.70
N LEU D 560 15.97 -17.14 -48.83
CA LEU D 560 16.32 -15.96 -49.62
C LEU D 560 16.08 -16.21 -51.10
N THR D 561 16.46 -17.39 -51.60
CA THR D 561 16.26 -17.71 -53.01
C THR D 561 14.79 -17.87 -53.34
N TRP D 562 13.96 -18.23 -52.36
CA TRP D 562 12.52 -18.22 -52.56
C TRP D 562 11.99 -16.80 -52.67
N ALA D 563 12.41 -15.93 -51.76
CA ALA D 563 12.03 -14.52 -51.78
C ALA D 563 13.08 -13.69 -52.51
N LEU D 564 13.44 -14.14 -53.71
CA LEU D 564 14.05 -13.29 -54.72
C LEU D 564 13.42 -13.56 -56.09
N ASP D 565 12.96 -14.81 -56.30
CA ASP D 565 12.32 -15.15 -57.55
C ASP D 565 10.96 -14.46 -57.63
N PRO D 566 10.74 -13.61 -58.64
CA PRO D 566 9.63 -12.65 -58.59
C PRO D 566 8.23 -13.26 -58.63
N SER D 568 7.52 -16.75 -57.98
CA SER D 568 7.59 -18.08 -57.40
C SER D 568 6.29 -18.42 -56.68
N SER D 569 6.27 -19.60 -56.07
CA SER D 569 5.13 -20.01 -55.28
C SER D 569 5.06 -19.22 -53.99
N SER D 570 3.85 -19.04 -53.47
CA SER D 570 3.68 -18.41 -52.17
C SER D 570 3.85 -19.38 -51.02
N ASN D 571 3.86 -20.69 -51.30
CA ASN D 571 4.15 -21.67 -50.27
C ASN D 571 5.65 -21.66 -49.96
N LEU D 572 5.97 -21.74 -48.68
CA LEU D 572 7.35 -21.59 -48.22
C LEU D 572 8.19 -22.81 -48.61
N PRO D 573 9.49 -22.63 -48.82
CA PRO D 573 10.34 -23.78 -49.14
C PRO D 573 10.47 -24.74 -47.96
N ILE D 574 10.56 -26.02 -48.30
CA ILE D 574 10.60 -27.09 -47.32
C ILE D 574 12.02 -27.20 -46.78
N SER D 575 12.15 -27.28 -45.46
CA SER D 575 13.46 -27.33 -44.82
C SER D 575 14.18 -28.63 -45.14
N THR D 576 15.42 -28.51 -45.59
CA THR D 576 16.28 -29.65 -45.83
C THR D 576 17.11 -30.02 -44.62
N ARG D 577 17.10 -29.18 -43.58
CA ARG D 577 17.88 -29.40 -42.37
C ARG D 577 16.97 -29.40 -41.16
N THR D 578 17.44 -30.05 -40.10
CA THR D 578 16.81 -30.02 -38.78
C THR D 578 17.79 -29.34 -37.84
N VAL D 579 17.47 -28.12 -37.42
CA VAL D 579 18.35 -27.31 -36.59
C VAL D 579 17.86 -27.35 -35.17
N ARG D 580 18.76 -27.61 -34.23
CA ARG D 580 18.43 -27.73 -32.81
C ARG D 580 19.48 -27.00 -31.99
N ALA D 581 19.02 -26.28 -30.97
CA ALA D 581 19.92 -25.52 -30.12
C ALA D 581 20.64 -26.43 -29.12
N LEU D 582 21.89 -26.08 -28.84
CA LEU D 582 22.71 -26.81 -27.88
C LEU D 582 22.94 -26.05 -26.59
N MET D 583 22.75 -24.73 -26.61
CA MET D 583 22.91 -23.86 -25.47
C MET D 583 21.85 -22.77 -25.66
N GLU D 584 21.69 -21.87 -24.69
CA GLU D 584 20.82 -20.70 -24.81
C GLU D 584 21.22 -19.88 -26.05
N VAL D 585 20.27 -19.69 -26.96
CA VAL D 585 20.52 -19.04 -28.24
C VAL D 585 19.80 -17.71 -28.27
N GLU D 586 20.54 -16.64 -28.53
CA GLU D 586 19.98 -15.36 -28.95
C GLU D 586 20.18 -15.22 -30.44
N ALA D 587 19.15 -14.74 -31.13
CA ALA D 587 19.23 -14.58 -32.57
C ALA D 587 18.31 -13.44 -32.99
N PHE D 588 18.43 -13.06 -34.26
CA PHE D 588 17.53 -12.10 -34.90
C PHE D 588 16.79 -12.83 -36.00
N ALA D 589 15.46 -12.70 -36.01
CA ALA D 589 14.63 -13.44 -36.95
C ALA D 589 14.19 -12.51 -38.09
N LEU D 590 14.24 -13.06 -39.31
CA LEU D 590 13.77 -12.37 -40.51
C LEU D 590 12.61 -13.17 -41.08
N LYS D 591 11.41 -12.61 -40.99
CA LYS D 591 10.21 -13.31 -41.43
C LYS D 591 10.16 -13.39 -42.95
N ALA D 592 9.28 -14.25 -43.45
CA ALA D 592 9.24 -14.56 -44.88
C ALA D 592 8.67 -13.40 -45.68
N ASP D 593 7.57 -12.81 -45.22
CA ASP D 593 6.97 -11.68 -45.93
C ASP D 593 7.78 -10.40 -45.76
N ASP D 594 8.53 -10.27 -44.66
CA ASP D 594 9.43 -9.13 -44.51
C ASP D 594 10.64 -9.27 -45.43
N LEU D 595 11.05 -10.49 -45.73
CA LEU D 595 12.04 -10.71 -46.76
C LEU D 595 11.44 -10.55 -48.15
N LYS D 596 10.14 -10.83 -48.29
CA LYS D 596 9.47 -10.70 -49.58
C LYS D 596 9.27 -9.24 -49.97
N PHE D 597 9.16 -8.34 -48.97
CA PHE D 597 9.14 -6.91 -49.26
C PHE D 597 10.50 -6.45 -49.79
N VAL D 598 11.59 -6.93 -49.17
CA VAL D 598 12.93 -6.49 -49.53
C VAL D 598 13.31 -6.98 -50.93
N ALA D 599 12.70 -8.09 -51.37
CA ALA D 599 12.89 -8.62 -52.71
C ALA D 599 12.37 -7.71 -53.81
N SER D 600 11.31 -6.94 -53.54
CA SER D 600 10.73 -6.11 -54.59
C SER D 600 11.61 -4.92 -54.91
N GLN D 601 12.39 -4.44 -53.95
CA GLN D 601 13.36 -3.38 -54.21
C GLN D 601 14.76 -3.95 -54.50
N PHE D 602 14.83 -4.99 -55.33
CA PHE D 602 16.11 -5.56 -55.73
C PHE D 602 15.89 -6.33 -57.01
N ARG D 603 16.63 -5.98 -58.06
CA ARG D 603 16.29 -6.37 -59.42
C ARG D 603 17.48 -6.95 -60.18
CA CA E . 3.40 3.37 25.29
CA CA F . 2.58 2.68 19.96
CA CA G . 2.08 2.09 15.64
#